data_3KAI
# 
_entry.id   3KAI 
# 
_audit_conform.dict_name       mmcif_pdbx.dic 
_audit_conform.dict_version    5.380 
_audit_conform.dict_location   http://mmcif.pdb.org/dictionaries/ascii/mmcif_pdbx.dic 
# 
loop_
_database_2.database_id 
_database_2.database_code 
_database_2.pdbx_database_accession 
_database_2.pdbx_DOI 
PDB   3KAI         pdb_00003kai 10.2210/pdb3kai/pdb 
RCSB  RCSB055751   ?            ?                   
WWPDB D_1000055751 ?            ?                   
# 
loop_
_pdbx_database_related.db_name 
_pdbx_database_related.db_id 
_pdbx_database_related.details 
_pdbx_database_related.content_type 
PDB 3KAB . unspecified 
PDB 3KAC . unspecified 
PDB 3KAD . unspecified 
PDB 3KAF . unspecified 
PDB 3KAG . unspecified 
PDB 3KAH . unspecified 
PDB 3KCE . unspecified 
# 
_pdbx_database_status.status_code                     REL 
_pdbx_database_status.entry_id                        3KAI 
_pdbx_database_status.recvd_initial_deposition_date   2009-10-19 
_pdbx_database_status.deposit_site                    RCSB 
_pdbx_database_status.process_site                    PDBJ 
_pdbx_database_status.status_code_sf                  REL 
_pdbx_database_status.status_code_mr                  ? 
_pdbx_database_status.SG_entry                        ? 
_pdbx_database_status.pdb_format_compatible           Y 
_pdbx_database_status.status_code_cs                  ? 
_pdbx_database_status.status_code_nmr_data            ? 
_pdbx_database_status.methods_development_category    ? 
# 
loop_
_audit_author.name 
_audit_author.pdbx_ordinal 
'Baker, L.M.'    1 
'Dokurno, P.'    2 
'Robinson, D.A.' 3 
'Surgenor, A.E.' 4 
'Murray, J.B.'   5 
'Potter, A.J.'   6 
'Moore, J.D.'    7 
# 
_citation.id                        primary 
_citation.title                     'Structure-guided design of alpha-amino acid-derived Pin1 inhibitors' 
_citation.journal_abbrev            Bioorg.Med.Chem.Lett. 
_citation.journal_volume            20 
_citation.page_first                586 
_citation.page_last                 590 
_citation.year                      2010 
_citation.journal_id_ASTM           BMCLE8 
_citation.country                   UK 
_citation.journal_id_ISSN           0960-894X 
_citation.journal_id_CSD            1127 
_citation.book_publisher            ? 
_citation.pdbx_database_id_PubMed   19969456 
_citation.pdbx_database_id_DOI      10.1016/j.bmcl.2009.11.090 
# 
loop_
_citation_author.citation_id 
_citation_author.name 
_citation_author.ordinal 
_citation_author.identifier_ORCID 
primary 'Potter, A.J.'     1  ? 
primary 'Ray, S.'          2  ? 
primary 'Gueritz, L.'      3  ? 
primary 'Nunns, C.L.'      4  ? 
primary 'Bryant, C.J.'     5  ? 
primary 'Scrace, S.F.'     6  ? 
primary 'Matassova, N.'    7  ? 
primary 'Baker, L.M.'      8  ? 
primary 'Dokurno, P.'      9  ? 
primary 'Robinson, D.A.'   10 ? 
primary 'Surgenor, A.E.'   11 ? 
primary 'Davis, B.'        12 ? 
primary 'Murray, J.B.'     13 ? 
primary 'Richardson, C.M.' 14 ? 
primary 'Moore, J.D.'      15 ? 
# 
_cell.entry_id           3KAI 
_cell.length_a           68.640 
_cell.length_b           68.640 
_cell.length_c           79.233 
_cell.angle_alpha        90.00 
_cell.angle_beta         90.00 
_cell.angle_gamma        120.00 
_cell.Z_PDB              6 
_cell.pdbx_unique_axis   ? 
_cell.length_a_esd       ? 
_cell.length_b_esd       ? 
_cell.length_c_esd       ? 
_cell.angle_alpha_esd    ? 
_cell.angle_beta_esd     ? 
_cell.angle_gamma_esd    ? 
# 
_symmetry.entry_id                         3KAI 
_symmetry.space_group_name_H-M             'P 31 2 1' 
_symmetry.pdbx_full_space_group_name_H-M   ? 
_symmetry.cell_setting                     ? 
_symmetry.Int_Tables_number                152 
_symmetry.space_group_name_Hall            ? 
# 
loop_
_entity.id 
_entity.type 
_entity.src_method 
_entity.pdbx_description 
_entity.formula_weight 
_entity.pdbx_number_of_molecules 
_entity.pdbx_ec 
_entity.pdbx_mutation 
_entity.pdbx_fragment 
_entity.details 
1 polymer     man 'Peptidyl-prolyl cis-trans isomerase NIMA-interacting 1'                                  18524.525 1   5.2.1.8 
R14A ? ? 
2 non-polymer syn 'DODECAETHYLENE GLYCOL'                                                                   546.646   1   ?       
?    ? ? 
3 non-polymer syn '(2R)-2-[(2-methyl-5-phenyl-pyrazol-3-yl)carbonylamino]-3-naphthalen-2-yl-propanoic acid' 399.442   1   ?       
?    ? ? 
4 water       nat water                                                                                     18.015    116 ?       
?    ? ? 
# 
_entity_name_com.entity_id   1 
_entity_name_com.name        'Rotamase Pin1, PPIase Pin1' 
# 
_entity_poly.entity_id                      1 
_entity_poly.type                           'polypeptide(L)' 
_entity_poly.nstd_linkage                   no 
_entity_poly.nstd_monomer                   no 
_entity_poly.pdbx_seq_one_letter_code       
;GSHGMADEEKLPPGWEKAMSRSSGRVYYFNHITNASQWERPSGNSSSGGKNGQGEPARVRCSHLLVKHSQSRRPSSWRQE
KITRTKEEALELINGYIQKIKSGEEDFESLASQFSDCSSAKARGDLGAFSRGQMQKPFEDASFALRTGEMSGPVFTDSGI
HIILRTE
;
_entity_poly.pdbx_seq_one_letter_code_can   
;GSHGMADEEKLPPGWEKAMSRSSGRVYYFNHITNASQWERPSGNSSSGGKNGQGEPARVRCSHLLVKHSQSRRPSSWRQE
KITRTKEEALELINGYIQKIKSGEEDFESLASQFSDCSSAKARGDLGAFSRGQMQKPFEDASFALRTGEMSGPVFTDSGI
HIILRTE
;
_entity_poly.pdbx_strand_id                 A 
_entity_poly.pdbx_target_identifier         ? 
# 
loop_
_entity_poly_seq.entity_id 
_entity_poly_seq.num 
_entity_poly_seq.mon_id 
_entity_poly_seq.hetero 
1 1   GLY n 
1 2   SER n 
1 3   HIS n 
1 4   GLY n 
1 5   MET n 
1 6   ALA n 
1 7   ASP n 
1 8   GLU n 
1 9   GLU n 
1 10  LYS n 
1 11  LEU n 
1 12  PRO n 
1 13  PRO n 
1 14  GLY n 
1 15  TRP n 
1 16  GLU n 
1 17  LYS n 
1 18  ALA n 
1 19  MET n 
1 20  SER n 
1 21  ARG n 
1 22  SER n 
1 23  SER n 
1 24  GLY n 
1 25  ARG n 
1 26  VAL n 
1 27  TYR n 
1 28  TYR n 
1 29  PHE n 
1 30  ASN n 
1 31  HIS n 
1 32  ILE n 
1 33  THR n 
1 34  ASN n 
1 35  ALA n 
1 36  SER n 
1 37  GLN n 
1 38  TRP n 
1 39  GLU n 
1 40  ARG n 
1 41  PRO n 
1 42  SER n 
1 43  GLY n 
1 44  ASN n 
1 45  SER n 
1 46  SER n 
1 47  SER n 
1 48  GLY n 
1 49  GLY n 
1 50  LYS n 
1 51  ASN n 
1 52  GLY n 
1 53  GLN n 
1 54  GLY n 
1 55  GLU n 
1 56  PRO n 
1 57  ALA n 
1 58  ARG n 
1 59  VAL n 
1 60  ARG n 
1 61  CYS n 
1 62  SER n 
1 63  HIS n 
1 64  LEU n 
1 65  LEU n 
1 66  VAL n 
1 67  LYS n 
1 68  HIS n 
1 69  SER n 
1 70  GLN n 
1 71  SER n 
1 72  ARG n 
1 73  ARG n 
1 74  PRO n 
1 75  SER n 
1 76  SER n 
1 77  TRP n 
1 78  ARG n 
1 79  GLN n 
1 80  GLU n 
1 81  LYS n 
1 82  ILE n 
1 83  THR n 
1 84  ARG n 
1 85  THR n 
1 86  LYS n 
1 87  GLU n 
1 88  GLU n 
1 89  ALA n 
1 90  LEU n 
1 91  GLU n 
1 92  LEU n 
1 93  ILE n 
1 94  ASN n 
1 95  GLY n 
1 96  TYR n 
1 97  ILE n 
1 98  GLN n 
1 99  LYS n 
1 100 ILE n 
1 101 LYS n 
1 102 SER n 
1 103 GLY n 
1 104 GLU n 
1 105 GLU n 
1 106 ASP n 
1 107 PHE n 
1 108 GLU n 
1 109 SER n 
1 110 LEU n 
1 111 ALA n 
1 112 SER n 
1 113 GLN n 
1 114 PHE n 
1 115 SER n 
1 116 ASP n 
1 117 CYS n 
1 118 SER n 
1 119 SER n 
1 120 ALA n 
1 121 LYS n 
1 122 ALA n 
1 123 ARG n 
1 124 GLY n 
1 125 ASP n 
1 126 LEU n 
1 127 GLY n 
1 128 ALA n 
1 129 PHE n 
1 130 SER n 
1 131 ARG n 
1 132 GLY n 
1 133 GLN n 
1 134 MET n 
1 135 GLN n 
1 136 LYS n 
1 137 PRO n 
1 138 PHE n 
1 139 GLU n 
1 140 ASP n 
1 141 ALA n 
1 142 SER n 
1 143 PHE n 
1 144 ALA n 
1 145 LEU n 
1 146 ARG n 
1 147 THR n 
1 148 GLY n 
1 149 GLU n 
1 150 MET n 
1 151 SER n 
1 152 GLY n 
1 153 PRO n 
1 154 VAL n 
1 155 PHE n 
1 156 THR n 
1 157 ASP n 
1 158 SER n 
1 159 GLY n 
1 160 ILE n 
1 161 HIS n 
1 162 ILE n 
1 163 ILE n 
1 164 LEU n 
1 165 ARG n 
1 166 THR n 
1 167 GLU n 
# 
_entity_src_gen.entity_id                          1 
_entity_src_gen.pdbx_src_id                        1 
_entity_src_gen.pdbx_alt_source_flag               sample 
_entity_src_gen.pdbx_seq_type                      ? 
_entity_src_gen.pdbx_beg_seq_num                   ? 
_entity_src_gen.pdbx_end_seq_num                   ? 
_entity_src_gen.gene_src_common_name               human 
_entity_src_gen.gene_src_genus                     ? 
_entity_src_gen.pdbx_gene_src_gene                 PIN1 
_entity_src_gen.gene_src_species                   ? 
_entity_src_gen.gene_src_strain                    ? 
_entity_src_gen.gene_src_tissue                    ? 
_entity_src_gen.gene_src_tissue_fraction           ? 
_entity_src_gen.gene_src_details                   ? 
_entity_src_gen.pdbx_gene_src_fragment             ? 
_entity_src_gen.pdbx_gene_src_scientific_name      'Homo sapiens' 
_entity_src_gen.pdbx_gene_src_ncbi_taxonomy_id     9606 
_entity_src_gen.pdbx_gene_src_variant              ? 
_entity_src_gen.pdbx_gene_src_cell_line            ? 
_entity_src_gen.pdbx_gene_src_atcc                 ? 
_entity_src_gen.pdbx_gene_src_organ                ? 
_entity_src_gen.pdbx_gene_src_organelle            ? 
_entity_src_gen.pdbx_gene_src_cell                 ? 
_entity_src_gen.pdbx_gene_src_cellular_location    ? 
_entity_src_gen.host_org_common_name               ? 
_entity_src_gen.pdbx_host_org_scientific_name      'Escherichia coli' 
_entity_src_gen.pdbx_host_org_ncbi_taxonomy_id     469008 
_entity_src_gen.host_org_genus                     ? 
_entity_src_gen.pdbx_host_org_gene                 ? 
_entity_src_gen.pdbx_host_org_organ                ? 
_entity_src_gen.host_org_species                   ? 
_entity_src_gen.pdbx_host_org_tissue               ? 
_entity_src_gen.pdbx_host_org_tissue_fraction      ? 
_entity_src_gen.pdbx_host_org_strain               'BL21 (DE3)' 
_entity_src_gen.pdbx_host_org_variant              ? 
_entity_src_gen.pdbx_host_org_cell_line            ? 
_entity_src_gen.pdbx_host_org_atcc                 ? 
_entity_src_gen.pdbx_host_org_culture_collection   ? 
_entity_src_gen.pdbx_host_org_cell                 ? 
_entity_src_gen.pdbx_host_org_organelle            ? 
_entity_src_gen.pdbx_host_org_cellular_location    ? 
_entity_src_gen.pdbx_host_org_vector_type          plasmid 
_entity_src_gen.pdbx_host_org_vector               ? 
_entity_src_gen.host_org_details                   ? 
_entity_src_gen.expression_system_id               ? 
_entity_src_gen.plasmid_name                       PET28A 
_entity_src_gen.plasmid_details                    ? 
_entity_src_gen.pdbx_description                   ? 
# 
_struct_ref.id                         1 
_struct_ref.db_name                    UNP 
_struct_ref.db_code                    PIN1_HUMAN 
_struct_ref.pdbx_db_accession          Q13526 
_struct_ref.entity_id                  1 
_struct_ref.pdbx_seq_one_letter_code   
;MADEEKLPPGWEKRMSRSSGRVYYFNHITNASQWERPSGNSSSGGKNGQGEPARVRCSHLLVKHSQSRRPSSWRQEKITR
TKEEALELINGYIQKIKSGEEDFESLASQFSDCSSAKARGDLGAFSRGQMQKPFEDASFALRTGEMSGPVFTDSGIHIIL
RTE
;
_struct_ref.pdbx_align_begin           1 
_struct_ref.pdbx_db_isoform            ? 
# 
_struct_ref_seq.align_id                      1 
_struct_ref_seq.ref_id                        1 
_struct_ref_seq.pdbx_PDB_id_code              3KAI 
_struct_ref_seq.pdbx_strand_id                A 
_struct_ref_seq.seq_align_beg                 5 
_struct_ref_seq.pdbx_seq_align_beg_ins_code   ? 
_struct_ref_seq.seq_align_end                 167 
_struct_ref_seq.pdbx_seq_align_end_ins_code   ? 
_struct_ref_seq.pdbx_db_accession             Q13526 
_struct_ref_seq.db_align_beg                  1 
_struct_ref_seq.pdbx_db_align_beg_ins_code    ? 
_struct_ref_seq.db_align_end                  163 
_struct_ref_seq.pdbx_db_align_end_ins_code    ? 
_struct_ref_seq.pdbx_auth_seq_align_beg       1 
_struct_ref_seq.pdbx_auth_seq_align_end       163 
# 
loop_
_struct_ref_seq_dif.align_id 
_struct_ref_seq_dif.pdbx_pdb_id_code 
_struct_ref_seq_dif.mon_id 
_struct_ref_seq_dif.pdbx_pdb_strand_id 
_struct_ref_seq_dif.seq_num 
_struct_ref_seq_dif.pdbx_pdb_ins_code 
_struct_ref_seq_dif.pdbx_seq_db_name 
_struct_ref_seq_dif.pdbx_seq_db_accession_code 
_struct_ref_seq_dif.db_mon_id 
_struct_ref_seq_dif.pdbx_seq_db_seq_num 
_struct_ref_seq_dif.details 
_struct_ref_seq_dif.pdbx_auth_seq_num 
_struct_ref_seq_dif.pdbx_ordinal 
1 3KAI GLY A 1  ? UNP Q13526 ?   ?  'expression tag'      -3 1 
1 3KAI SER A 2  ? UNP Q13526 ?   ?  'expression tag'      -2 2 
1 3KAI HIS A 3  ? UNP Q13526 ?   ?  'expression tag'      -1 3 
1 3KAI GLY A 4  ? UNP Q13526 ?   ?  'expression tag'      0  4 
1 3KAI ALA A 18 ? UNP Q13526 ARG 14 'engineered mutation' 14 5 
# 
loop_
_chem_comp.id 
_chem_comp.type 
_chem_comp.mon_nstd_flag 
_chem_comp.name 
_chem_comp.pdbx_synonyms 
_chem_comp.formula 
_chem_comp.formula_weight 
12P non-polymer         . 'DODECAETHYLENE GLYCOL'                                                                   
'POLYETHYLENE GLYCOL PEG400' 'C24 H50 O13'    546.646 
4FI non-polymer         . '(2R)-2-[(2-methyl-5-phenyl-pyrazol-3-yl)carbonylamino]-3-naphthalen-2-yl-propanoic acid' ? 
'C24 H21 N3 O3'  399.442 
ALA 'L-peptide linking' y ALANINE                                                                                   ? 'C3 H7 N O2' 
89.093  
ARG 'L-peptide linking' y ARGININE                                                                                  ? 
'C6 H15 N4 O2 1' 175.209 
ASN 'L-peptide linking' y ASPARAGINE                                                                                ? 
'C4 H8 N2 O3'    132.118 
ASP 'L-peptide linking' y 'ASPARTIC ACID'                                                                           ? 'C4 H7 N O4' 
133.103 
CYS 'L-peptide linking' y CYSTEINE                                                                                  ? 
'C3 H7 N O2 S'   121.158 
GLN 'L-peptide linking' y GLUTAMINE                                                                                 ? 
'C5 H10 N2 O3'   146.144 
GLU 'L-peptide linking' y 'GLUTAMIC ACID'                                                                           ? 'C5 H9 N O4' 
147.129 
GLY 'peptide linking'   y GLYCINE                                                                                   ? 'C2 H5 N O2' 
75.067  
HIS 'L-peptide linking' y HISTIDINE                                                                                 ? 
'C6 H10 N3 O2 1' 156.162 
HOH non-polymer         . WATER                                                                                     ? 'H2 O' 
18.015  
ILE 'L-peptide linking' y ISOLEUCINE                                                                                ? 
'C6 H13 N O2'    131.173 
LEU 'L-peptide linking' y LEUCINE                                                                                   ? 
'C6 H13 N O2'    131.173 
LYS 'L-peptide linking' y LYSINE                                                                                    ? 
'C6 H15 N2 O2 1' 147.195 
MET 'L-peptide linking' y METHIONINE                                                                                ? 
'C5 H11 N O2 S'  149.211 
PHE 'L-peptide linking' y PHENYLALANINE                                                                             ? 
'C9 H11 N O2'    165.189 
PRO 'L-peptide linking' y PROLINE                                                                                   ? 'C5 H9 N O2' 
115.130 
SER 'L-peptide linking' y SERINE                                                                                    ? 'C3 H7 N O3' 
105.093 
THR 'L-peptide linking' y THREONINE                                                                                 ? 'C4 H9 N O3' 
119.119 
TRP 'L-peptide linking' y TRYPTOPHAN                                                                                ? 
'C11 H12 N2 O2'  204.225 
TYR 'L-peptide linking' y TYROSINE                                                                                  ? 
'C9 H11 N O3'    181.189 
VAL 'L-peptide linking' y VALINE                                                                                    ? 
'C5 H11 N O2'    117.146 
# 
_exptl.entry_id          3KAI 
_exptl.method            'X-RAY DIFFRACTION' 
_exptl.crystals_number   1 
# 
_exptl_crystal.id                    1 
_exptl_crystal.density_meas          ? 
_exptl_crystal.density_Matthews      2.91 
_exptl_crystal.density_percent_sol   57.71 
_exptl_crystal.description           ? 
_exptl_crystal.F_000                 ? 
_exptl_crystal.preparation           ? 
# 
_exptl_crystal_grow.crystal_id      1 
_exptl_crystal_grow.method          'VAPOR DIFFUSION, HANGING DROP' 
_exptl_crystal_grow.temp            277 
_exptl_crystal_grow.temp_details    ? 
_exptl_crystal_grow.pH              7.5 
_exptl_crystal_grow.pdbx_details    
'2.2M Ammonium sulphate, 0.1M HEPES buffer, 1% PEG 400, 5mM DTT, pH 7.5, VAPOR DIFFUSION, HANGING DROP, temperature 277K' 
_exptl_crystal_grow.pdbx_pH_range   . 
# 
_diffrn.id                     1 
_diffrn.ambient_temp           100 
_diffrn.ambient_temp_details   ? 
_diffrn.crystal_id             1 
# 
_diffrn_detector.diffrn_id              1 
_diffrn_detector.detector               'IMAGE PLATE' 
_diffrn_detector.type                   'RIGAKU RAXIS IV++' 
_diffrn_detector.pdbx_collection_date   2007-08-21 
_diffrn_detector.details                mirrors 
# 
_diffrn_radiation.diffrn_id                        1 
_diffrn_radiation.wavelength_id                    1 
_diffrn_radiation.pdbx_monochromatic_or_laue_m_l   M 
_diffrn_radiation.monochromator                    mirrors 
_diffrn_radiation.pdbx_diffrn_protocol             'SINGLE WAVELENGTH' 
_diffrn_radiation.pdbx_scattering_type             x-ray 
# 
_diffrn_radiation_wavelength.id           1 
_diffrn_radiation_wavelength.wavelength   1.5418 
_diffrn_radiation_wavelength.wt           1.0 
# 
_diffrn_source.diffrn_id                   1 
_diffrn_source.source                      'ROTATING ANODE' 
_diffrn_source.type                        'RIGAKU RUH3R' 
_diffrn_source.pdbx_synchrotron_site       ? 
_diffrn_source.pdbx_synchrotron_beamline   ? 
_diffrn_source.pdbx_wavelength             ? 
_diffrn_source.pdbx_wavelength_list        1.5418 
# 
_reflns.entry_id                     3KAI 
_reflns.observed_criterion_sigma_I   1 
_reflns.observed_criterion_sigma_F   1 
_reflns.d_resolution_low             59.44 
_reflns.d_resolution_high            1.90 
_reflns.number_obs                   16782 
_reflns.number_all                   16782 
_reflns.percent_possible_obs         96.1 
_reflns.pdbx_Rmerge_I_obs            0.060 
_reflns.pdbx_Rsym_value              ? 
_reflns.pdbx_netI_over_sigmaI        5.6 
_reflns.B_iso_Wilson_estimate        ? 
_reflns.pdbx_redundancy              2.1 
_reflns.R_free_details               ? 
_reflns.limit_h_max                  ? 
_reflns.limit_h_min                  ? 
_reflns.limit_k_max                  ? 
_reflns.limit_k_min                  ? 
_reflns.limit_l_max                  ? 
_reflns.limit_l_min                  ? 
_reflns.observed_criterion_F_max     ? 
_reflns.observed_criterion_F_min     ? 
_reflns.pdbx_chi_squared             ? 
_reflns.pdbx_scaling_rejects         ? 
_reflns.pdbx_diffrn_id               1 
_reflns.pdbx_ordinal                 1 
# 
_reflns_shell.d_res_high             1.90 
_reflns_shell.d_res_low              1.97 
_reflns_shell.percent_possible_all   85.3 
_reflns_shell.Rmerge_I_obs           0.353 
_reflns_shell.pdbx_Rsym_value        ? 
_reflns_shell.meanI_over_sigI_obs    1.7 
_reflns_shell.pdbx_redundancy        2.1 
_reflns_shell.percent_possible_obs   ? 
_reflns_shell.number_unique_all      1010 
_reflns_shell.number_measured_all    ? 
_reflns_shell.number_measured_obs    ? 
_reflns_shell.number_unique_obs      ? 
_reflns_shell.pdbx_chi_squared       ? 
_reflns_shell.pdbx_diffrn_id         ? 
_reflns_shell.pdbx_ordinal           1 
# 
_refine.entry_id                                 3KAI 
_refine.ls_number_reflns_obs                     15921 
_refine.ls_number_reflns_all                     ? 
_refine.pdbx_ls_sigma_I                          ? 
_refine.pdbx_ls_sigma_F                          ? 
_refine.pdbx_data_cutoff_high_absF               ? 
_refine.pdbx_data_cutoff_low_absF                ? 
_refine.pdbx_data_cutoff_high_rms_absF           ? 
_refine.ls_d_res_low                             29.7 
_refine.ls_d_res_high                            1.90 
_refine.ls_percent_reflns_obs                    96.01 
_refine.ls_R_factor_obs                          0.20802 
_refine.ls_R_factor_all                          ? 
_refine.ls_R_factor_R_work                       0.20569 
_refine.ls_R_factor_R_free                       0.25400 
_refine.ls_R_factor_R_free_error                 ? 
_refine.ls_R_factor_R_free_error_details         ? 
_refine.ls_percent_reflns_R_free                 5.1 
_refine.ls_number_reflns_R_free                  861 
_refine.ls_number_parameters                     ? 
_refine.ls_number_restraints                     ? 
_refine.occupancy_min                            ? 
_refine.occupancy_max                            ? 
_refine.correlation_coeff_Fo_to_Fc               0.956 
_refine.correlation_coeff_Fo_to_Fc_free          0.934 
_refine.B_iso_mean                               32.684 
_refine.aniso_B[1][1]                            0.68 
_refine.aniso_B[2][2]                            0.68 
_refine.aniso_B[3][3]                            -1.02 
_refine.aniso_B[1][2]                            0.34 
_refine.aniso_B[1][3]                            0.00 
_refine.aniso_B[2][3]                            0.00 
_refine.solvent_model_details                    MASK 
_refine.solvent_model_param_ksol                 ? 
_refine.solvent_model_param_bsol                 ? 
_refine.pdbx_solvent_vdw_probe_radii             1.40 
_refine.pdbx_solvent_ion_probe_radii             0.80 
_refine.pdbx_solvent_shrinkage_radii             0.80 
_refine.pdbx_ls_cross_valid_method               THROUGHOUT 
_refine.details                                  'HYDROGENS HAVE BEEN ADDED IN THE RIDING POSITIONS' 
_refine.pdbx_starting_model                      'PDB ENTRY 1PIN' 
_refine.pdbx_method_to_determine_struct          'MOLECULAR REPLACEMENT' 
_refine.pdbx_isotropic_thermal_model             ? 
_refine.pdbx_stereochemistry_target_values       'MAXIMUM LIKELIHOOD' 
_refine.pdbx_stereochem_target_val_spec_case     ? 
_refine.pdbx_R_Free_selection_details            RANDOM 
_refine.pdbx_overall_ESU_R                       0.143 
_refine.pdbx_overall_ESU_R_Free                  0.144 
_refine.overall_SU_ML                            0.106 
_refine.overall_SU_B                             3.823 
_refine.ls_redundancy_reflns_obs                 ? 
_refine.B_iso_min                                ? 
_refine.B_iso_max                                ? 
_refine.overall_SU_R_Cruickshank_DPI             ? 
_refine.overall_SU_R_free                        ? 
_refine.ls_wR_factor_R_free                      ? 
_refine.ls_wR_factor_R_work                      ? 
_refine.overall_FOM_free_R_set                   ? 
_refine.overall_FOM_work_R_set                   ? 
_refine.pdbx_refine_id                           'X-RAY DIFFRACTION' 
_refine.pdbx_overall_phase_error                 ? 
_refine.pdbx_diffrn_id                           1 
_refine.pdbx_TLS_residual_ADP_flag               ? 
_refine.pdbx_overall_SU_R_free_Cruickshank_DPI   ? 
_refine.pdbx_overall_SU_R_Blow_DPI               ? 
_refine.pdbx_overall_SU_R_free_Blow_DPI          ? 
# 
_refine_hist.pdbx_refine_id                   'X-RAY DIFFRACTION' 
_refine_hist.cycle_id                         LAST 
_refine_hist.pdbx_number_atoms_protein        1162 
_refine_hist.pdbx_number_atoms_nucleic_acid   0 
_refine_hist.pdbx_number_atoms_ligand         49 
_refine_hist.number_atoms_solvent             116 
_refine_hist.number_atoms_total               1327 
_refine_hist.d_res_high                       1.90 
_refine_hist.d_res_low                        29.7 
# 
loop_
_refine_ls_restr.type 
_refine_ls_restr.dev_ideal 
_refine_ls_restr.dev_ideal_target 
_refine_ls_restr.weight 
_refine_ls_restr.number 
_refine_ls_restr.pdbx_refine_id 
_refine_ls_restr.pdbx_restraint_function 
r_bond_refined_d       0.026  0.021  ? 1239 'X-RAY DIFFRACTION' ? 
r_angle_refined_deg    2.120  1.984  ? 1660 'X-RAY DIFFRACTION' ? 
r_dihedral_angle_1_deg 7.197  5.000  ? 145  'X-RAY DIFFRACTION' ? 
r_dihedral_angle_2_deg 32.732 22.712 ? 59   'X-RAY DIFFRACTION' ? 
r_dihedral_angle_3_deg 15.041 15.000 ? 213  'X-RAY DIFFRACTION' ? 
r_dihedral_angle_4_deg 23.699 15.000 ? 13   'X-RAY DIFFRACTION' ? 
r_chiral_restr         0.152  0.200  ? 164  'X-RAY DIFFRACTION' ? 
r_gen_planes_refined   0.010  0.021  ? 951  'X-RAY DIFFRACTION' ? 
r_mcbond_it            1.326  1.500  ? 724  'X-RAY DIFFRACTION' ? 
r_mcangle_it           2.401  2.000  ? 1161 'X-RAY DIFFRACTION' ? 
r_scbond_it            3.858  3.000  ? 515  'X-RAY DIFFRACTION' ? 
r_scangle_it           6.291  4.500  ? 498  'X-RAY DIFFRACTION' ? 
# 
_refine_ls_shell.pdbx_total_number_of_bins_used   20 
_refine_ls_shell.d_res_high                       1.899 
_refine_ls_shell.d_res_low                        1.949 
_refine_ls_shell.number_reflns_R_work             954 
_refine_ls_shell.R_factor_R_work                  0.339 
_refine_ls_shell.percent_reflns_obs               81.39 
_refine_ls_shell.R_factor_R_free                  0.380 
_refine_ls_shell.R_factor_R_free_error            ? 
_refine_ls_shell.percent_reflns_R_free            ? 
_refine_ls_shell.number_reflns_R_free             65 
_refine_ls_shell.number_reflns_all                ? 
_refine_ls_shell.R_factor_all                     ? 
_refine_ls_shell.number_reflns_obs                1019 
_refine_ls_shell.redundancy_reflns_obs            ? 
_refine_ls_shell.pdbx_refine_id                   'X-RAY DIFFRACTION' 
# 
_struct.entry_id                  3KAI 
_struct.title                     'Structure-guided design of alpha-amino acid-derived Pin1 inhibitors' 
_struct.pdbx_model_details        ? 
_struct.pdbx_CASP_flag            ? 
_struct.pdbx_model_type_details   ? 
# 
_struct_keywords.entry_id        3KAI 
_struct_keywords.pdbx_keywords   ISOMERASE 
_struct_keywords.text            
;SBDD, PPIASE, ISOMERASE, ROTAMASE, SMALL MOLECULE, Proline directed kinase, cell cycle, Oncogenic transformation, Nucleus, Phosphoprotein
;
# 
loop_
_struct_asym.id 
_struct_asym.pdbx_blank_PDB_chainid_flag 
_struct_asym.pdbx_modified 
_struct_asym.entity_id 
_struct_asym.details 
A N N 1 ? 
B N N 2 ? 
C N N 3 ? 
D N N 4 ? 
# 
_struct_biol.id        1 
_struct_biol.details   ? 
# 
loop_
_struct_conf.conf_type_id 
_struct_conf.id 
_struct_conf.pdbx_PDB_helix_id 
_struct_conf.beg_label_comp_id 
_struct_conf.beg_label_asym_id 
_struct_conf.beg_label_seq_id 
_struct_conf.pdbx_beg_PDB_ins_code 
_struct_conf.end_label_comp_id 
_struct_conf.end_label_asym_id 
_struct_conf.end_label_seq_id 
_struct_conf.pdbx_end_PDB_ins_code 
_struct_conf.beg_auth_comp_id 
_struct_conf.beg_auth_asym_id 
_struct_conf.beg_auth_seq_id 
_struct_conf.end_auth_comp_id 
_struct_conf.end_auth_asym_id 
_struct_conf.end_auth_seq_id 
_struct_conf.pdbx_PDB_helix_class 
_struct_conf.details 
_struct_conf.pdbx_PDB_helix_length 
HELX_P HELX_P1 1 THR A 85  ? GLY A 103 ? THR A 81  GLY A 99  1 ? 19 
HELX_P HELX_P2 2 ASP A 106 ? SER A 115 ? ASP A 102 SER A 111 1 ? 10 
HELX_P HELX_P3 3 CYS A 117 ? ARG A 123 ? CYS A 113 ARG A 119 5 ? 7  
HELX_P HELX_P4 4 GLN A 135 ? LEU A 145 ? GLN A 131 LEU A 141 1 ? 11 
# 
_struct_conf_type.id          HELX_P 
_struct_conf_type.criteria    ? 
_struct_conf_type.reference   ? 
# 
loop_
_struct_sheet.id 
_struct_sheet.type 
_struct_sheet.number_strands 
_struct_sheet.details 
A ? 3 ? 
B ? 4 ? 
# 
loop_
_struct_sheet_order.sheet_id 
_struct_sheet_order.range_id_1 
_struct_sheet_order.range_id_2 
_struct_sheet_order.offset 
_struct_sheet_order.sense 
A 1 2 ? anti-parallel 
A 2 3 ? anti-parallel 
B 1 2 ? anti-parallel 
B 2 3 ? anti-parallel 
B 3 4 ? anti-parallel 
# 
loop_
_struct_sheet_range.sheet_id 
_struct_sheet_range.id 
_struct_sheet_range.beg_label_comp_id 
_struct_sheet_range.beg_label_asym_id 
_struct_sheet_range.beg_label_seq_id 
_struct_sheet_range.pdbx_beg_PDB_ins_code 
_struct_sheet_range.end_label_comp_id 
_struct_sheet_range.end_label_asym_id 
_struct_sheet_range.end_label_seq_id 
_struct_sheet_range.pdbx_end_PDB_ins_code 
_struct_sheet_range.beg_auth_comp_id 
_struct_sheet_range.beg_auth_asym_id 
_struct_sheet_range.beg_auth_seq_id 
_struct_sheet_range.end_auth_comp_id 
_struct_sheet_range.end_auth_asym_id 
_struct_sheet_range.end_auth_seq_id 
A 1 TRP A 15  ? MET A 19  ? TRP A 11  MET A 15  
A 2 VAL A 26  ? ASN A 30  ? VAL A 22  ASN A 26  
A 3 SER A 36  ? GLN A 37  ? SER A 32  GLN A 33  
B 1 ASP A 125 ? SER A 130 ? ASP A 121 SER A 126 
B 2 ARG A 58  ? VAL A 66  ? ARG A 54  VAL A 62  
B 3 GLY A 159 ? GLU A 167 ? GLY A 155 GLU A 163 
B 4 VAL A 154 ? THR A 156 ? VAL A 150 THR A 152 
# 
loop_
_pdbx_struct_sheet_hbond.sheet_id 
_pdbx_struct_sheet_hbond.range_id_1 
_pdbx_struct_sheet_hbond.range_id_2 
_pdbx_struct_sheet_hbond.range_1_label_atom_id 
_pdbx_struct_sheet_hbond.range_1_label_comp_id 
_pdbx_struct_sheet_hbond.range_1_label_asym_id 
_pdbx_struct_sheet_hbond.range_1_label_seq_id 
_pdbx_struct_sheet_hbond.range_1_PDB_ins_code 
_pdbx_struct_sheet_hbond.range_1_auth_atom_id 
_pdbx_struct_sheet_hbond.range_1_auth_comp_id 
_pdbx_struct_sheet_hbond.range_1_auth_asym_id 
_pdbx_struct_sheet_hbond.range_1_auth_seq_id 
_pdbx_struct_sheet_hbond.range_2_label_atom_id 
_pdbx_struct_sheet_hbond.range_2_label_comp_id 
_pdbx_struct_sheet_hbond.range_2_label_asym_id 
_pdbx_struct_sheet_hbond.range_2_label_seq_id 
_pdbx_struct_sheet_hbond.range_2_PDB_ins_code 
_pdbx_struct_sheet_hbond.range_2_auth_atom_id 
_pdbx_struct_sheet_hbond.range_2_auth_comp_id 
_pdbx_struct_sheet_hbond.range_2_auth_asym_id 
_pdbx_struct_sheet_hbond.range_2_auth_seq_id 
A 1 2 N ALA A 18  ? N ALA A 14  O TYR A 27  ? O TYR A 23  
A 2 3 N TYR A 28  ? N TYR A 24  O GLN A 37  ? O GLN A 33  
B 1 2 O PHE A 129 ? O PHE A 125 N VAL A 59  ? N VAL A 55  
B 2 3 N ARG A 60  ? N ARG A 56  O THR A 166 ? O THR A 162 
B 3 4 O HIS A 161 ? O HIS A 157 N VAL A 154 ? N VAL A 150 
# 
loop_
_struct_site.id 
_struct_site.pdbx_evidence_code 
_struct_site.pdbx_auth_asym_id 
_struct_site.pdbx_auth_comp_id 
_struct_site.pdbx_auth_seq_id 
_struct_site.pdbx_auth_ins_code 
_struct_site.pdbx_num_residues 
_struct_site.details 
AC1 Software A 12P 164 ? 14 'BINDING SITE FOR RESIDUE 12P A 164' 
AC2 Software A 4FI 165 ? 13 'BINDING SITE FOR RESIDUE 4FI A 165' 
# 
loop_
_struct_site_gen.id 
_struct_site_gen.site_id 
_struct_site_gen.pdbx_num_res 
_struct_site_gen.label_comp_id 
_struct_site_gen.label_asym_id 
_struct_site_gen.label_seq_id 
_struct_site_gen.pdbx_auth_ins_code 
_struct_site_gen.auth_comp_id 
_struct_site_gen.auth_asym_id 
_struct_site_gen.auth_seq_id 
_struct_site_gen.label_atom_id 
_struct_site_gen.label_alt_id 
_struct_site_gen.symmetry 
_struct_site_gen.details 
1  AC1 14 TYR A 27  ? TYR A 23  . ? 1_555 ? 
2  AC1 14 ASN A 34  ? ASN A 30  . ? 1_555 ? 
3  AC1 14 ALA A 35  ? ALA A 31  . ? 1_555 ? 
4  AC1 14 SER A 36  ? SER A 32  . ? 1_555 ? 
5  AC1 14 TRP A 38  ? TRP A 34  . ? 1_555 ? 
6  AC1 14 ILE A 97  ? ILE A 93  . ? 1_555 ? 
7  AC1 14 LYS A 101 ? LYS A 97  . ? 1_555 ? 
8  AC1 14 LYS A 101 ? LYS A 97  . ? 6_555 ? 
9  AC1 14 SER A 102 ? SER A 98  . ? 6_555 ? 
10 AC1 14 SER A 151 ? SER A 147 . ? 1_555 ? 
11 AC1 14 GLY A 152 ? GLY A 148 . ? 1_555 ? 
12 AC1 14 HOH D .   ? HOH A 178 . ? 1_555 ? 
13 AC1 14 HOH D .   ? HOH A 183 . ? 1_555 ? 
14 AC1 14 HOH D .   ? HOH A 215 . ? 1_555 ? 
15 AC2 13 HIS A 63  ? HIS A 59  . ? 1_555 ? 
16 AC2 13 LEU A 65  ? LEU A 61  . ? 1_555 ? 
17 AC2 13 LYS A 67  ? LYS A 63  . ? 1_555 ? 
18 AC2 13 ARG A 73  ? ARG A 69  . ? 1_555 ? 
19 AC2 13 CYS A 117 ? CYS A 113 . ? 1_555 ? 
20 AC2 13 SER A 118 ? SER A 114 . ? 1_555 ? 
21 AC2 13 SER A 119 ? SER A 115 . ? 1_555 ? 
22 AC2 13 ASP A 125 ? ASP A 121 . ? 1_555 ? 
23 AC2 13 LEU A 126 ? LEU A 122 . ? 1_555 ? 
24 AC2 13 GLN A 135 ? GLN A 131 . ? 1_555 ? 
25 AC2 13 PHE A 138 ? PHE A 134 . ? 1_555 ? 
26 AC2 13 SER A 158 ? SER A 154 . ? 1_555 ? 
27 AC2 13 HOH D .   ? HOH A 204 . ? 1_555 ? 
# 
_atom_sites.entry_id                    3KAI 
_atom_sites.fract_transf_matrix[1][1]   0.00051205 
_atom_sites.fract_transf_matrix[1][2]   0.01407965 
_atom_sites.fract_transf_matrix[1][3]   -0.00919249 
_atom_sites.fract_transf_matrix[2][1]   -0.01171950 
_atom_sites.fract_transf_matrix[2][2]   0.01187698 
_atom_sites.fract_transf_matrix[2][3]   0.00214572 
_atom_sites.fract_transf_matrix[3][1]   0.00717781 
_atom_sites.fract_transf_matrix[3][2]   0.00549099 
_atom_sites.fract_transf_matrix[3][3]   0.00881009 
_atom_sites.fract_transf_vector[1]      0.238370 
_atom_sites.fract_transf_vector[2]      -0.395826 
_atom_sites.fract_transf_vector[3]      0.185807 
# 
loop_
_atom_type.symbol 
C 
N 
O 
S 
# 
loop_
_atom_site.group_PDB 
_atom_site.id 
_atom_site.type_symbol 
_atom_site.label_atom_id 
_atom_site.label_alt_id 
_atom_site.label_comp_id 
_atom_site.label_asym_id 
_atom_site.label_entity_id 
_atom_site.label_seq_id 
_atom_site.pdbx_PDB_ins_code 
_atom_site.Cartn_x 
_atom_site.Cartn_y 
_atom_site.Cartn_z 
_atom_site.occupancy 
_atom_site.B_iso_or_equiv 
_atom_site.pdbx_formal_charge 
_atom_site.auth_seq_id 
_atom_site.auth_comp_id 
_atom_site.auth_asym_id 
_atom_site.auth_atom_id 
_atom_site.pdbx_PDB_model_num 
ATOM   1    N N   . LEU A 1 11  ? 17.551  -11.601 2.907   1.00 61.99 ? 7   LEU A N   1 
ATOM   2    C CA  . LEU A 1 11  ? 17.633  -10.163 3.201   1.00 61.95 ? 7   LEU A CA  1 
ATOM   3    C C   . LEU A 1 11  ? 17.634  -9.263  1.931   1.00 60.75 ? 7   LEU A C   1 
ATOM   4    O O   . LEU A 1 11  ? 18.251  -8.188  1.895   1.00 60.08 ? 7   LEU A O   1 
ATOM   5    C CB  . LEU A 1 11  ? 18.750  -9.858  4.224   1.00 63.10 ? 7   LEU A CB  1 
ATOM   6    C CG  . LEU A 1 11  ? 20.179  -10.396 4.271   1.00 65.02 ? 7   LEU A CG  1 
ATOM   7    C CD1 . LEU A 1 11  ? 21.078  -9.810  3.122   1.00 67.52 ? 7   LEU A CD1 1 
ATOM   8    C CD2 . LEU A 1 11  ? 20.776  -10.076 5.684   1.00 65.14 ? 7   LEU A CD2 1 
ATOM   9    N N   . PRO A 1 12  ? 16.824  -9.668  0.930   1.00 59.73 ? 8   PRO A N   1 
ATOM   10   C CA  . PRO A 1 12  ? 16.392  -8.913  -0.285  1.00 59.10 ? 8   PRO A CA  1 
ATOM   11   C C   . PRO A 1 12  ? 16.148  -7.359  -0.123  1.00 58.11 ? 8   PRO A C   1 
ATOM   12   O O   . PRO A 1 12  ? 15.988  -6.844  1.021   1.00 57.83 ? 8   PRO A O   1 
ATOM   13   C CB  . PRO A 1 12  ? 15.080  -9.624  -0.718  1.00 59.16 ? 8   PRO A CB  1 
ATOM   14   C CG  . PRO A 1 12  ? 14.757  -10.605 0.401   1.00 59.80 ? 8   PRO A CG  1 
ATOM   15   C CD  . PRO A 1 12  ? 16.058  -10.919 1.087   1.00 59.31 ? 8   PRO A CD  1 
ATOM   16   N N   . PRO A 1 13  ? 16.122  -6.611  -1.266  1.00 56.55 ? 9   PRO A N   1 
ATOM   17   C CA  . PRO A 1 13  ? 16.127  -5.127  -1.045  1.00 54.89 ? 9   PRO A CA  1 
ATOM   18   C C   . PRO A 1 13  ? 15.197  -4.650  0.128   1.00 52.28 ? 9   PRO A C   1 
ATOM   19   O O   . PRO A 1 13  ? 13.931  -4.662  -0.062  1.00 51.45 ? 9   PRO A O   1 
ATOM   20   C CB  . PRO A 1 13  ? 15.695  -4.536  -2.431  1.00 54.78 ? 9   PRO A CB  1 
ATOM   21   C CG  . PRO A 1 13  ? 16.206  -5.634  -3.489  1.00 56.22 ? 9   PRO A CG  1 
ATOM   22   C CD  . PRO A 1 13  ? 16.201  -6.996  -2.707  1.00 56.94 ? 9   PRO A CD  1 
ATOM   23   N N   . GLY A 1 14  ? 15.827  -4.317  1.296   1.00 48.71 ? 10  GLY A N   1 
ATOM   24   C CA  . GLY A 1 14  ? 15.204  -3.496  2.374   1.00 43.92 ? 10  GLY A CA  1 
ATOM   25   C C   . GLY A 1 14  ? 14.605  -4.130  3.648   1.00 40.59 ? 10  GLY A C   1 
ATOM   26   O O   . GLY A 1 14  ? 13.768  -3.515  4.343   1.00 36.15 ? 10  GLY A O   1 
ATOM   27   N N   . TRP A 1 15  ? 15.035  -5.355  3.930   1.00 40.26 ? 11  TRP A N   1 
ATOM   28   C CA  . TRP A 1 15  ? 14.455  -6.183  4.979   1.00 39.89 ? 11  TRP A CA  1 
ATOM   29   C C   . TRP A 1 15  ? 15.371  -6.155  6.175   1.00 41.42 ? 11  TRP A C   1 
ATOM   30   O O   . TRP A 1 15  ? 16.588  -6.156  6.020   1.00 42.41 ? 11  TRP A O   1 
ATOM   31   C CB  . TRP A 1 15  ? 14.228  -7.630  4.495   1.00 39.14 ? 11  TRP A CB  1 
ATOM   32   C CG  . TRP A 1 15  ? 13.008  -7.866  3.607   1.00 33.44 ? 11  TRP A CG  1 
ATOM   33   C CD1 . TRP A 1 15  ? 13.004  -8.030  2.263   1.00 30.64 ? 11  TRP A CD1 1 
ATOM   34   C CD2 . TRP A 1 15  ? 11.645  -8.021  4.023   1.00 31.63 ? 11  TRP A CD2 1 
ATOM   35   N NE1 . TRP A 1 15  ? 11.723  -8.215  1.795   1.00 33.58 ? 11  TRP A NE1 1 
ATOM   36   C CE2 . TRP A 1 15  ? 10.868  -8.252  2.858   1.00 30.50 ? 11  TRP A CE2 1 
ATOM   37   C CE3 . TRP A 1 15  ? 10.991  -7.948  5.263   1.00 29.01 ? 11  TRP A CE3 1 
ATOM   38   C CZ2 . TRP A 1 15  ? 9.468   -8.422  2.897   1.00 27.76 ? 11  TRP A CZ2 1 
ATOM   39   C CZ3 . TRP A 1 15  ? 9.633   -8.111  5.308   1.00 25.19 ? 11  TRP A CZ3 1 
ATOM   40   C CH2 . TRP A 1 15  ? 8.860   -8.349  4.132   1.00 27.86 ? 11  TRP A CH2 1 
ATOM   41   N N   . GLU A 1 16  ? 14.782  -6.066  7.363   1.00 40.74 ? 12  GLU A N   1 
ATOM   42   C CA  . GLU A 1 16  ? 15.516  -6.124  8.608   1.00 41.80 ? 12  GLU A CA  1 
ATOM   43   C C   . GLU A 1 16  ? 14.735  -7.063  9.538   1.00 41.29 ? 12  GLU A C   1 
ATOM   44   O O   . GLU A 1 16  ? 13.549  -7.276  9.343   1.00 40.28 ? 12  GLU A O   1 
ATOM   45   C CB  . GLU A 1 16  ? 15.662  -4.722  9.267   1.00 41.72 ? 12  GLU A CB  1 
ATOM   46   C CG  . GLU A 1 16  ? 14.453  -4.308  10.225  1.00 45.76 ? 12  GLU A CG  1 
ATOM   47   C CD  . GLU A 1 16  ? 14.285  -2.794  10.562  1.00 49.16 ? 12  GLU A CD  1 
ATOM   48   O OE1 . GLU A 1 16  ? 14.352  -1.897  9.670   1.00 49.43 ? 12  GLU A OE1 1 
ATOM   49   O OE2 . GLU A 1 16  ? 14.031  -2.514  11.749  1.00 53.85 ? 12  GLU A OE2 1 
ATOM   50   N N   . LYS A 1 17  ? 15.392  -7.558  10.576  1.00 42.43 ? 13  LYS A N   1 
ATOM   51   C CA  . LYS A 1 17  ? 14.773  -8.435  11.560  1.00 43.83 ? 13  LYS A CA  1 
ATOM   52   C C   . LYS A 1 17  ? 14.383  -7.568  12.744  1.00 43.14 ? 13  LYS A C   1 
ATOM   53   O O   . LYS A 1 17  ? 15.120  -6.686  13.166  1.00 44.03 ? 13  LYS A O   1 
ATOM   54   C CB  . LYS A 1 17  ? 15.763  -9.572  11.953  1.00 44.65 ? 13  LYS A CB  1 
ATOM   55   C CG  . LYS A 1 17  ? 15.376  -10.427 13.196  1.00 49.76 ? 13  LYS A CG  1 
ATOM   56   C CD  . LYS A 1 17  ? 16.557  -11.306 13.744  1.00 60.66 ? 13  LYS A CD  1 
ATOM   57   C CE  . LYS A 1 17  ? 16.548  -12.761 13.131  1.00 66.99 ? 13  LYS A CE  1 
ATOM   58   N NZ  . LYS A 1 17  ? 16.819  -13.896 14.184  1.00 69.91 ? 13  LYS A NZ  1 
ATOM   59   N N   . ALA A 1 18  ? 13.207  -7.800  13.270  1.00 42.75 ? 14  ALA A N   1 
ATOM   60   C CA  . ALA A 1 18  ? 12.735  -7.014  14.370  1.00 42.88 ? 14  ALA A CA  1 
ATOM   61   C C   . ALA A 1 18  ? 12.178  -7.992  15.392  1.00 43.46 ? 14  ALA A C   1 
ATOM   62   O O   . ALA A 1 18  ? 12.157  -9.194  15.163  1.00 41.05 ? 14  ALA A O   1 
ATOM   63   C CB  . ALA A 1 18  ? 11.672  -6.049  13.916  1.00 41.50 ? 14  ALA A CB  1 
ATOM   64   N N   . MET A 1 19  ? 11.707  -7.444  16.501  1.00 45.76 ? 15  MET A N   1 
ATOM   65   C CA  . MET A 1 19  ? 11.180  -8.233  17.584  1.00 47.22 ? 15  MET A CA  1 
ATOM   66   C C   . MET A 1 19  ? 9.798   -7.736  17.894  1.00 46.61 ? 15  MET A C   1 
ATOM   67   O O   . MET A 1 19  ? 9.603   -6.519  18.119  1.00 45.28 ? 15  MET A O   1 
ATOM   68   C CB  . MET A 1 19  ? 12.096  -8.052  18.800  1.00 49.64 ? 15  MET A CB  1 
ATOM   69   C CG  . MET A 1 19  ? 11.901  -9.122  19.904  1.00 55.68 ? 15  MET A CG  1 
ATOM   70   S SD  . MET A 1 19  ? 13.307  -10.279 20.030  1.00 68.65 ? 15  MET A SD  1 
ATOM   71   C CE  . MET A 1 19  ? 13.905  -10.521 18.327  1.00 66.75 ? 15  MET A CE  1 
ATOM   72   N N   . SER A 1 20  ? 8.826   -8.653  17.912  1.00 46.05 ? 16  SER A N   1 
ATOM   73   C CA  . SER A 1 20  ? 7.465   -8.258  18.256  1.00 46.04 ? 16  SER A CA  1 
ATOM   74   C C   . SER A 1 20  ? 7.416   -7.616  19.650  1.00 46.86 ? 16  SER A C   1 
ATOM   75   O O   . SER A 1 20  ? 8.016   -8.127  20.602  1.00 45.46 ? 16  SER A O   1 
ATOM   76   C CB  . SER A 1 20  ? 6.493   -9.420  18.244  1.00 45.43 ? 16  SER A CB  1 
ATOM   77   O OG  . SER A 1 20  ? 5.208   -8.872  18.484  1.00 45.66 ? 16  SER A OG  1 
ATOM   78   N N   . ARG A 1 21  ? 6.718   -6.495  19.744  1.00 47.78 ? 17  ARG A N   1 
ATOM   79   C CA  . ARG A 1 21  ? 6.576   -5.797  21.019  1.00 49.64 ? 17  ARG A CA  1 
ATOM   80   C C   . ARG A 1 21  ? 5.511   -6.472  21.901  1.00 50.27 ? 17  ARG A C   1 
ATOM   81   O O   . ARG A 1 21  ? 5.641   -6.524  23.141  1.00 49.99 ? 17  ARG A O   1 
ATOM   82   C CB  . ARG A 1 21  ? 6.287   -4.315  20.805  1.00 49.29 ? 17  ARG A CB  1 
ATOM   83   C CG  . ARG A 1 21  ? 6.449   -3.506  22.060  1.00 52.39 ? 17  ARG A CG  1 
ATOM   84   C CD  . ARG A 1 21  ? 7.059   -2.165  21.804  1.00 53.01 ? 17  ARG A CD  1 
ATOM   85   N NE  . ARG A 1 21  ? 8.287   -2.286  21.010  1.00 51.43 ? 17  ARG A NE  1 
ATOM   86   C CZ  . ARG A 1 21  ? 8.899   -1.225  20.495  1.00 46.19 ? 17  ARG A CZ  1 
ATOM   87   N NH1 . ARG A 1 21  ? 8.380   -0.016  20.767  1.00 45.22 ? 17  ARG A NH1 1 
ATOM   88   N NH2 . ARG A 1 21  ? 9.997   -1.370  19.745  1.00 41.33 ? 17  ARG A NH2 1 
ATOM   89   N N   . SER A 1 22  ? 4.485   -7.023  21.256  1.00 50.84 ? 18  SER A N   1 
ATOM   90   C CA  . SER A 1 22  ? 3.484   -7.859  21.942  1.00 51.77 ? 18  SER A CA  1 
ATOM   91   C C   . SER A 1 22  ? 4.012   -9.175  22.489  1.00 51.15 ? 18  SER A C   1 
ATOM   92   O O   . SER A 1 22  ? 3.768   -9.500  23.648  1.00 52.41 ? 18  SER A O   1 
ATOM   93   C CB  . SER A 1 22  ? 2.326   -8.183  20.991  1.00 51.90 ? 18  SER A CB  1 
ATOM   94   O OG  . SER A 1 22  ? 1.528   -7.046  20.797  1.00 53.44 ? 18  SER A OG  1 
ATOM   95   N N   . SER A 1 23  ? 4.743   -9.919  21.663  1.00 50.45 ? 19  SER A N   1 
ATOM   96   C CA  . SER A 1 23  ? 5.032   -11.307 21.938  1.00 48.93 ? 19  SER A CA  1 
ATOM   97   C C   . SER A 1 23  ? 6.471   -11.662 22.075  1.00 48.33 ? 19  SER A C   1 
ATOM   98   O O   . SER A 1 23  ? 6.763   -12.725 22.607  1.00 47.49 ? 19  SER A O   1 
ATOM   99   C CB  . SER A 1 23  ? 4.422   -12.217 20.850  1.00 50.18 ? 19  SER A CB  1 
ATOM   100  O OG  . SER A 1 23  ? 4.647   -11.741 19.531  1.00 48.64 ? 19  SER A OG  1 
ATOM   101  N N   . GLY A 1 24  ? 7.389   -10.825 21.587  1.00 47.39 ? 20  GLY A N   1 
ATOM   102  C CA  . GLY A 1 24  ? 8.825   -11.177 21.643  1.00 46.88 ? 20  GLY A CA  1 
ATOM   103  C C   . GLY A 1 24  ? 9.290   -12.128 20.519  1.00 46.91 ? 20  GLY A C   1 
ATOM   104  O O   . GLY A 1 24  ? 10.466  -12.515 20.421  1.00 46.44 ? 20  GLY A O   1 
ATOM   105  N N   . ARG A 1 25  ? 8.387   -12.495 19.623  1.00 46.54 ? 21  ARG A N   1 
ATOM   106  C CA  . ARG A 1 25  ? 8.854   -13.275 18.477  1.00 46.21 ? 21  ARG A CA  1 
ATOM   107  C C   . ARG A 1 25  ? 9.446   -12.381 17.366  1.00 44.09 ? 21  ARG A C   1 
ATOM   108  O O   . ARG A 1 25  ? 8.970   -11.262 17.117  1.00 43.82 ? 21  ARG A O   1 
ATOM   109  C CB  . ARG A 1 25  ? 7.750   -14.200 17.956  1.00 47.11 ? 21  ARG A CB  1 
ATOM   110  C CG  . ARG A 1 25  ? 8.189   -15.724 17.831  1.00 50.67 ? 21  ARG A CG  1 
ATOM   111  C CD  . ARG A 1 25  ? 7.005   -16.545 17.237  1.00 52.16 ? 21  ARG A CD  1 
ATOM   112  N NE  . ARG A 1 25  ? 5.804   -15.758 17.521  1.00 50.18 ? 21  ARG A NE  1 
ATOM   113  C CZ  . ARG A 1 25  ? 4.920   -15.264 16.653  1.00 50.23 ? 21  ARG A CZ  1 
ATOM   114  N NH1 . ARG A 1 25  ? 4.943   -15.544 15.332  1.00 44.58 ? 21  ARG A NH1 1 
ATOM   115  N NH2 . ARG A 1 25  ? 3.927   -14.534 17.174  1.00 48.52 ? 21  ARG A NH2 1 
ATOM   116  N N   . VAL A 1 26  ? 10.546  -12.871 16.816  1.00 41.64 ? 22  VAL A N   1 
ATOM   117  C CA  . VAL A 1 26  ? 11.207  -12.365 15.621  1.00 40.49 ? 22  VAL A CA  1 
ATOM   118  C C   . VAL A 1 26  ? 10.179  -12.185 14.462  1.00 38.56 ? 22  VAL A C   1 
ATOM   119  O O   . VAL A 1 26  ? 9.324   -13.054 14.233  1.00 36.87 ? 22  VAL A O   1 
ATOM   120  C CB  . VAL A 1 26  ? 12.314  -13.381 15.200  1.00 40.65 ? 22  VAL A CB  1 
ATOM   121  C CG1 . VAL A 1 26  ? 12.945  -13.080 13.813  1.00 42.31 ? 22  VAL A CG1 1 
ATOM   122  C CG2 . VAL A 1 26  ? 13.415  -13.499 16.338  1.00 41.71 ? 22  VAL A CG2 1 
ATOM   123  N N   . TYR A 1 27  ? 10.242  -11.039 13.778  1.00 36.25 ? 23  TYR A N   1 
ATOM   124  C CA  . TYR A 1 27  ? 9.463   -10.830 12.532  1.00 33.45 ? 23  TYR A CA  1 
ATOM   125  C C   . TYR A 1 27  ? 10.379  -10.070 11.610  1.00 32.17 ? 23  TYR A C   1 
ATOM   126  O O   . TYR A 1 27  ? 11.504  -9.775  11.987  1.00 32.05 ? 23  TYR A O   1 
ATOM   127  C CB  . TYR A 1 27  ? 8.111   -10.136 12.790  1.00 32.92 ? 23  TYR A CB  1 
ATOM   128  C CG  . TYR A 1 27  ? 8.185   -8.687  13.156  1.00 35.25 ? 23  TYR A CG  1 
ATOM   129  C CD1 . TYR A 1 27  ? 8.008   -7.686  12.182  1.00 36.39 ? 23  TYR A CD1 1 
ATOM   130  C CD2 . TYR A 1 27  ? 8.368   -8.300  14.482  1.00 37.70 ? 23  TYR A CD2 1 
ATOM   131  C CE1 . TYR A 1 27  ? 8.082   -6.316  12.512  1.00 35.89 ? 23  TYR A CE1 1 
ATOM   132  C CE2 . TYR A 1 27  ? 8.414   -6.965  14.842  1.00 36.85 ? 23  TYR A CE2 1 
ATOM   133  C CZ  . TYR A 1 27  ? 8.307   -5.979  13.851  1.00 37.68 ? 23  TYR A CZ  1 
ATOM   134  O OH  . TYR A 1 27  ? 8.378   -4.668  14.228  1.00 38.76 ? 23  TYR A OH  1 
ATOM   135  N N   . TYR A 1 28  ? 9.898   -9.744  10.418  1.00 29.84 ? 24  TYR A N   1 
ATOM   136  C CA  . TYR A 1 28  ? 10.687  -9.130  9.394   1.00 29.37 ? 24  TYR A CA  1 
ATOM   137  C C   . TYR A 1 28  ? 9.965   -7.907  8.925   1.00 28.30 ? 24  TYR A C   1 
ATOM   138  O O   . TYR A 1 28  ? 8.752   -7.899  8.793   1.00 27.09 ? 24  TYR A O   1 
ATOM   139  C CB  . TYR A 1 28  ? 10.996  -10.144 8.279   1.00 29.47 ? 24  TYR A CB  1 
ATOM   140  C CG  . TYR A 1 28  ? 11.899  -11.222 8.848   1.00 33.13 ? 24  TYR A CG  1 
ATOM   141  C CD1 . TYR A 1 28  ? 11.359  -12.379 9.453   1.00 38.51 ? 24  TYR A CD1 1 
ATOM   142  C CD2 . TYR A 1 28  ? 13.297  -11.040 8.890   1.00 40.24 ? 24  TYR A CD2 1 
ATOM   143  C CE1 . TYR A 1 28  ? 12.184  -13.380 10.043  1.00 42.04 ? 24  TYR A CE1 1 
ATOM   144  C CE2 . TYR A 1 28  ? 14.146  -12.009 9.469   1.00 43.73 ? 24  TYR A CE2 1 
ATOM   145  C CZ  . TYR A 1 28  ? 13.587  -13.188 10.032  1.00 45.59 ? 24  TYR A CZ  1 
ATOM   146  O OH  . TYR A 1 28  ? 14.441  -14.137 10.599  1.00 47.55 ? 24  TYR A OH  1 
ATOM   147  N N   . PHE A 1 29  ? 10.713  -6.843  8.718   1.00 26.81 ? 25  PHE A N   1 
ATOM   148  C CA  . PHE A 1 29  ? 10.107  -5.577  8.335   1.00 27.66 ? 25  PHE A CA  1 
ATOM   149  C C   . PHE A 1 29  ? 10.818  -5.017  7.121   1.00 26.90 ? 25  PHE A C   1 
ATOM   150  O O   . PHE A 1 29  ? 12.047  -5.122  7.036   1.00 28.23 ? 25  PHE A O   1 
ATOM   151  C CB  . PHE A 1 29  ? 10.243  -4.581  9.482   1.00 27.75 ? 25  PHE A CB  1 
ATOM   152  C CG  . PHE A 1 29  ? 9.845   -3.214  9.094   1.00 31.26 ? 25  PHE A CG  1 
ATOM   153  C CD1 . PHE A 1 29  ? 8.473   -2.947  8.769   1.00 33.82 ? 25  PHE A CD1 1 
ATOM   154  C CD2 . PHE A 1 29  ? 10.794  -2.192  8.984   1.00 28.97 ? 25  PHE A CD2 1 
ATOM   155  C CE1 . PHE A 1 29  ? 8.030   -1.637  8.402   1.00 29.44 ? 25  PHE A CE1 1 
ATOM   156  C CE2 . PHE A 1 29  ? 10.358  -0.832  8.592   1.00 32.73 ? 25  PHE A CE2 1 
ATOM   157  C CZ  . PHE A 1 29  ? 8.957   -0.572  8.299   1.00 32.16 ? 25  PHE A CZ  1 
ATOM   158  N N   . ASN A 1 30  ? 10.075  -4.414  6.193   1.00 25.26 ? 26  ASN A N   1 
ATOM   159  C CA  . ASN A 1 30  ? 10.696  -3.905  4.961   1.00 24.44 ? 26  ASN A CA  1 
ATOM   160  C C   . ASN A 1 30  ? 10.505  -2.420  4.979   1.00 23.08 ? 26  ASN A C   1 
ATOM   161  O O   . ASN A 1 30  ? 9.393   -1.970  4.905   1.00 23.22 ? 26  ASN A O   1 
ATOM   162  C CB  . ASN A 1 30  ? 10.104  -4.502  3.633   1.00 22.66 ? 26  ASN A CB  1 
ATOM   163  C CG  . ASN A 1 30  ? 10.929  -4.046  2.383   1.00 22.68 ? 26  ASN A CG  1 
ATOM   164  O OD1 . ASN A 1 30  ? 11.024  -2.890  2.131   1.00 22.46 ? 26  ASN A OD1 1 
ATOM   165  N ND2 . ASN A 1 30  ? 11.558  -4.955  1.676   1.00 24.30 ? 26  ASN A ND2 1 
ATOM   166  N N   . HIS A 1 31  ? 11.592  -1.661  5.047   1.00 23.36 ? 27  HIS A N   1 
ATOM   167  C CA  . HIS A 1 31  ? 11.494  -0.214  5.203   1.00 22.30 ? 27  HIS A CA  1 
ATOM   168  C C   . HIS A 1 31  ? 11.234  0.468   3.851   1.00 21.80 ? 27  HIS A C   1 
ATOM   169  O O   . HIS A 1 31  ? 10.984  1.657   3.802   1.00 22.30 ? 27  HIS A O   1 
ATOM   170  C CB  . HIS A 1 31  ? 12.783  0.315   5.899   1.00 22.98 ? 27  HIS A CB  1 
ATOM   171  C CG  . HIS A 1 31  ? 14.012  0.330   5.015   1.00 23.59 ? 27  HIS A CG  1 
ATOM   172  N ND1 . HIS A 1 31  ? 14.978  -0.653  5.066   1.00 27.68 ? 27  HIS A ND1 1 
ATOM   173  C CD2 . HIS A 1 31  ? 14.433  1.224   4.082   1.00 23.45 ? 27  HIS A CD2 1 
ATOM   174  C CE1 . HIS A 1 31  ? 15.930  -0.384  4.191   1.00 25.04 ? 27  HIS A CE1 1 
ATOM   175  N NE2 . HIS A 1 31  ? 15.634  0.758   3.594   1.00 24.45 ? 27  HIS A NE2 1 
ATOM   176  N N   . ILE A 1 32  ? 11.213  -0.284  2.765   1.00 21.81 ? 28  ILE A N   1 
ATOM   177  C CA  . ILE A 1 32  ? 10.898  0.317   1.449   1.00 23.90 ? 28  ILE A CA  1 
ATOM   178  C C   . ILE A 1 32  ? 9.372   0.196   1.161   1.00 24.50 ? 28  ILE A C   1 
ATOM   179  O O   . ILE A 1 32  ? 8.765   1.124   0.634   1.00 24.42 ? 28  ILE A O   1 
ATOM   180  C CB  . ILE A 1 32  ? 11.789  -0.260  0.307   1.00 24.40 ? 28  ILE A CB  1 
ATOM   181  C CG1 . ILE A 1 32  ? 13.276  -0.037  0.592   1.00 24.49 ? 28  ILE A CG1 1 
ATOM   182  C CG2 . ILE A 1 32  ? 11.364  0.292   -1.101  1.00 26.03 ? 28  ILE A CG2 1 
ATOM   183  C CD1 . ILE A 1 32  ? 14.143  -1.072  -0.105  1.00 29.37 ? 28  ILE A CD1 1 
ATOM   184  N N   . THR A 1 33  ? 8.774   -0.943  1.543   1.00 23.84 ? 29  THR A N   1 
ATOM   185  C CA  . THR A 1 33  ? 7.368   -1.218  1.248   1.00 22.48 ? 29  THR A CA  1 
ATOM   186  C C   . THR A 1 33  ? 6.529   -1.011  2.478   1.00 21.51 ? 29  THR A C   1 
ATOM   187  O O   . THR A 1 33  ? 5.276   -0.958  2.364   1.00 19.35 ? 29  THR A O   1 
ATOM   188  C CB  . THR A 1 33  ? 7.177   -2.655  0.776   1.00 21.24 ? 29  THR A CB  1 
ATOM   189  O OG1 . THR A 1 33  ? 7.599   -3.564  1.802   1.00 22.49 ? 29  THR A OG1 1 
ATOM   190  C CG2 . THR A 1 33  ? 8.076   -2.980  -0.458  1.00 23.50 ? 29  THR A CG2 1 
ATOM   191  N N   . ASN A 1 34  ? 7.199   -0.924  3.658   1.00 20.67 ? 30  ASN A N   1 
ATOM   192  C CA  . ASN A 1 34  ? 6.498   -0.968  4.947   1.00 20.89 ? 30  ASN A CA  1 
ATOM   193  C C   . ASN A 1 34  ? 5.738   -2.254  5.232   1.00 20.44 ? 30  ASN A C   1 
ATOM   194  O O   . ASN A 1 34  ? 4.801   -2.249  6.080   1.00 21.81 ? 30  ASN A O   1 
ATOM   195  C CB  . ASN A 1 34  ? 5.547   0.261   5.092   1.00 19.07 ? 30  ASN A CB  1 
ATOM   196  C CG  . ASN A 1 34  ? 6.357   1.615   5.310   1.00 24.71 ? 30  ASN A CG  1 
ATOM   197  O OD1 . ASN A 1 34  ? 5.946   2.710   4.867   1.00 25.57 ? 30  ASN A OD1 1 
ATOM   198  N ND2 . ASN A 1 34  ? 7.494   1.507   5.969   1.00 16.96 ? 30  ASN A ND2 1 
ATOM   199  N N   . ALA A 1 35  ? 6.074   -3.339  4.534   1.00 20.10 ? 31  ALA A N   1 
ATOM   200  C CA  . ALA A 1 35  ? 5.442   -4.606  4.821   1.00 21.26 ? 31  ALA A CA  1 
ATOM   201  C C   . ALA A 1 35  ? 6.099   -5.203  6.068   1.00 23.55 ? 31  ALA A C   1 
ATOM   202  O O   . ALA A 1 35  ? 7.314   -4.966  6.376   1.00 21.66 ? 31  ALA A O   1 
ATOM   203  C CB  . ALA A 1 35  ? 5.574   -5.625  3.609   1.00 21.02 ? 31  ALA A CB  1 
ATOM   204  N N   . SER A 1 36  ? 5.272   -5.936  6.821   1.00 24.47 ? 32  SER A N   1 
ATOM   205  C CA  . SER A 1 36  ? 5.830   -6.809  7.859   1.00 27.24 ? 32  SER A CA  1 
ATOM   206  C C   . SER A 1 36  ? 5.212   -8.178  7.797   1.00 29.02 ? 32  SER A C   1 
ATOM   207  O O   . SER A 1 36  ? 4.030   -8.306  7.518   1.00 27.75 ? 32  SER A O   1 
ATOM   208  C CB  . SER A 1 36  ? 5.631   -6.204  9.241   1.00 26.40 ? 32  SER A CB  1 
ATOM   209  O OG  . SER A 1 36  ? 4.373   -5.631  9.311   1.00 29.92 ? 32  SER A OG  1 
ATOM   210  N N   . GLN A 1 37  ? 6.034   -9.186  8.057   1.00 29.98 ? 33  GLN A N   1 
ATOM   211  C CA  . GLN A 1 37  ? 5.629   -10.565 8.050   1.00 31.57 ? 33  GLN A CA  1 
ATOM   212  C C   . GLN A 1 37  ? 6.465   -11.418 9.100   1.00 32.21 ? 33  GLN A C   1 
ATOM   213  O O   . GLN A 1 37  ? 7.492   -10.950 9.609   1.00 31.65 ? 33  GLN A O   1 
ATOM   214  C CB  . GLN A 1 37  ? 5.766   -11.075 6.624   1.00 30.73 ? 33  GLN A CB  1 
ATOM   215  C CG  . GLN A 1 37  ? 7.206   -11.360 6.285   1.00 33.11 ? 33  GLN A CG  1 
ATOM   216  C CD  . GLN A 1 37  ? 7.377   -11.776 4.865   1.00 36.37 ? 33  GLN A CD  1 
ATOM   217  O OE1 . GLN A 1 37  ? 6.768   -11.198 3.991   1.00 39.24 ? 33  GLN A OE1 1 
ATOM   218  N NE2 . GLN A 1 37  ? 8.204   -12.771 4.623   1.00 32.99 ? 33  GLN A NE2 1 
ATOM   219  N N   . TRP A 1 38  ? 5.993   -12.636 9.441   1.00 32.69 ? 34  TRP A N   1 
ATOM   220  C CA  . TRP A 1 38  ? 6.618   -13.534 10.453  1.00 32.94 ? 34  TRP A CA  1 
ATOM   221  C C   . TRP A 1 38  ? 7.762   -14.335 9.864   1.00 34.67 ? 34  TRP A C   1 
ATOM   222  O O   . TRP A 1 38  ? 8.835   -14.452 10.459  1.00 33.46 ? 34  TRP A O   1 
ATOM   223  C CB  . TRP A 1 38  ? 5.552   -14.472 11.117  1.00 32.37 ? 34  TRP A CB  1 
ATOM   224  C CG  . TRP A 1 38  ? 4.581   -13.722 12.064  1.00 27.98 ? 34  TRP A CG  1 
ATOM   225  C CD1 . TRP A 1 38  ? 3.222   -13.472 11.861  1.00 24.53 ? 34  TRP A CD1 1 
ATOM   226  C CD2 . TRP A 1 38  ? 4.945   -12.982 13.243  1.00 28.47 ? 34  TRP A CD2 1 
ATOM   227  N NE1 . TRP A 1 38  ? 2.733   -12.716 12.880  1.00 27.53 ? 34  TRP A NE1 1 
ATOM   228  C CE2 . TRP A 1 38  ? 3.751   -12.396 13.749  1.00 30.44 ? 34  TRP A CE2 1 
ATOM   229  C CE3 . TRP A 1 38  ? 6.157   -12.815 13.958  1.00 31.90 ? 34  TRP A CE3 1 
ATOM   230  C CZ2 . TRP A 1 38  ? 3.721   -11.627 14.942  1.00 33.15 ? 34  TRP A CZ2 1 
ATOM   231  C CZ3 . TRP A 1 38  ? 6.144   -12.045 15.156  1.00 34.00 ? 34  TRP A CZ3 1 
ATOM   232  C CH2 . TRP A 1 38  ? 4.912   -11.462 15.632  1.00 33.78 ? 34  TRP A CH2 1 
ATOM   233  N N   . GLU A 1 39  ? 7.550   -14.831 8.656   1.00 36.27 ? 35  GLU A N   1 
ATOM   234  C CA  A GLU A 1 39  ? 8.488   -15.650 7.932   0.50 38.39 ? 35  GLU A CA  1 
ATOM   235  C CA  B GLU A 1 39  ? 8.567   -15.646 8.034   0.50 38.19 ? 35  GLU A CA  1 
ATOM   236  C C   . GLU A 1 39  ? 9.713   -14.861 7.429   1.00 41.11 ? 35  GLU A C   1 
ATOM   237  O O   . GLU A 1 39  ? 9.553   -13.692 7.026   1.00 42.15 ? 35  GLU A O   1 
ATOM   238  C CB  A GLU A 1 39  ? 7.739   -16.196 6.716   0.50 38.66 ? 35  GLU A CB  1 
ATOM   239  C CB  B GLU A 1 39  ? 7.959   -16.402 6.903   0.50 38.45 ? 35  GLU A CB  1 
ATOM   240  C CG  A GLU A 1 39  ? 6.476   -16.987 7.020   0.50 35.82 ? 35  GLU A CG  1 
ATOM   241  C CG  B GLU A 1 39  ? 7.439   -17.712 7.225   0.50 34.83 ? 35  GLU A CG  1 
ATOM   242  C CD  A GLU A 1 39  ? 5.184   -16.169 7.132   0.50 34.44 ? 35  GLU A CD  1 
ATOM   243  C CD  B GLU A 1 39  ? 6.712   -18.171 6.043   0.50 32.92 ? 35  GLU A CD  1 
ATOM   244  O OE1 A GLU A 1 39  ? 5.169   -14.892 7.113   0.50 28.98 ? 35  GLU A OE1 1 
ATOM   245  O OE1 B GLU A 1 39  ? 7.397   -18.441 5.041   0.50 27.20 ? 35  GLU A OE1 1 
ATOM   246  O OE2 A GLU A 1 39  ? 4.149   -16.869 7.235   0.50 28.04 ? 35  GLU A OE2 1 
ATOM   247  O OE2 B GLU A 1 39  ? 5.471   -18.188 6.091   0.50 33.70 ? 35  GLU A OE2 1 
ATOM   248  N N   . ARG A 1 40  ? 10.887  -15.506 7.354   1.00 43.66 ? 36  ARG A N   1 
ATOM   249  C CA  . ARG A 1 40  ? 12.081  -14.843 6.833   1.00 48.87 ? 36  ARG A CA  1 
ATOM   250  C C   . ARG A 1 40  ? 11.996  -14.675 5.306   1.00 51.38 ? 36  ARG A C   1 
ATOM   251  O O   . ARG A 1 40  ? 11.956  -15.639 4.578   1.00 51.93 ? 36  ARG A O   1 
ATOM   252  C CB  . ARG A 1 40  ? 13.387  -15.539 7.267   1.00 49.15 ? 36  ARG A CB  1 
ATOM   253  C CG  . ARG A 1 40  ? 14.659  -15.006 6.593   1.00 50.48 ? 36  ARG A CG  1 
ATOM   254  C CD  . ARG A 1 40  ? 15.921  -15.834 6.959   1.00 55.73 ? 36  ARG A CD  1 
ATOM   255  N NE  . ARG A 1 40  ? 16.612  -15.268 8.118   1.00 57.41 ? 36  ARG A NE  1 
ATOM   256  C CZ  . ARG A 1 40  ? 17.683  -14.495 8.012   1.00 60.71 ? 36  ARG A CZ  1 
ATOM   257  N NH1 . ARG A 1 40  ? 18.175  -14.242 6.791   1.00 63.29 ? 36  ARG A NH1 1 
ATOM   258  N NH2 . ARG A 1 40  ? 18.251  -13.971 9.101   1.00 58.27 ? 36  ARG A NH2 1 
ATOM   259  N N   . PRO A 1 41  ? 11.989  -13.427 4.831   1.00 53.95 ? 37  PRO A N   1 
ATOM   260  C CA  . PRO A 1 41  ? 11.666  -13.061 3.460   1.00 56.48 ? 37  PRO A CA  1 
ATOM   261  C C   . PRO A 1 41  ? 12.289  -13.842 2.254   1.00 59.08 ? 37  PRO A C   1 
ATOM   262  O O   . PRO A 1 41  ? 13.526  -14.195 2.245   1.00 59.52 ? 37  PRO A O   1 
ATOM   263  C CB  . PRO A 1 41  ? 12.109  -11.596 3.408   1.00 56.13 ? 37  PRO A CB  1 
ATOM   264  C CG  . PRO A 1 41  ? 13.003  -11.440 4.547   1.00 55.50 ? 37  PRO A CG  1 
ATOM   265  C CD  . PRO A 1 41  ? 12.408  -12.249 5.592   1.00 53.27 ? 37  PRO A CD  1 
ATOM   266  N N   . SER A 1 42  ? 11.386  -14.076 1.270   1.00 61.45 ? 38  SER A N   1 
ATOM   267  C CA  . SER A 1 42  ? 11.644  -14.330 -0.201  1.00 63.01 ? 38  SER A CA  1 
ATOM   268  C C   . SER A 1 42  ? 11.514  -15.778 -0.699  1.00 63.90 ? 38  SER A C   1 
ATOM   269  O O   . SER A 1 42  ? 10.457  -16.158 -1.222  1.00 64.36 ? 38  SER A O   1 
ATOM   270  C CB  . SER A 1 42  ? 12.922  -13.655 -0.748  1.00 63.08 ? 38  SER A CB  1 
ATOM   271  O OG  . SER A 1 42  ? 12.601  -12.473 -1.474  1.00 64.29 ? 38  SER A OG  1 
ATOM   272  N N   . GLU A 1 55  ? 15.600  -7.398  -9.411  1.00 59.36 ? 51  GLU A N   1 
ATOM   273  C CA  . GLU A 1 55  ? 14.702  -6.364  -10.008 1.00 59.24 ? 51  GLU A CA  1 
ATOM   274  C C   . GLU A 1 55  ? 14.412  -6.483  -11.544 1.00 59.26 ? 51  GLU A C   1 
ATOM   275  O O   . GLU A 1 55  ? 15.373  -6.561  -12.346 1.00 60.18 ? 51  GLU A O   1 
ATOM   276  C CB  . GLU A 1 55  ? 15.141  -4.910  -9.648  1.00 58.91 ? 51  GLU A CB  1 
ATOM   277  C CG  . GLU A 1 55  ? 14.353  -3.810  -10.422 1.00 55.24 ? 51  GLU A CG  1 
ATOM   278  C CD  . GLU A 1 55  ? 14.469  -2.416  -9.830  1.00 50.49 ? 51  GLU A CD  1 
ATOM   279  O OE1 . GLU A 1 55  ? 14.431  -1.423  -10.603 1.00 48.14 ? 51  GLU A OE1 1 
ATOM   280  O OE2 . GLU A 1 55  ? 14.582  -2.305  -8.596  1.00 47.14 ? 51  GLU A OE2 1 
ATOM   281  N N   . PRO A 1 56  ? 13.076  -6.463  -11.937 1.00 58.27 ? 52  PRO A N   1 
ATOM   282  C CA  . PRO A 1 56  ? 12.511  -6.488  -13.341 1.00 56.14 ? 52  PRO A CA  1 
ATOM   283  C C   . PRO A 1 56  ? 12.444  -5.108  -13.994 1.00 53.71 ? 52  PRO A C   1 
ATOM   284  O O   . PRO A 1 56  ? 12.545  -4.095  -13.288 1.00 54.28 ? 52  PRO A O   1 
ATOM   285  C CB  . PRO A 1 56  ? 11.076  -6.968  -13.117 1.00 57.03 ? 52  PRO A CB  1 
ATOM   286  C CG  . PRO A 1 56  ? 10.725  -6.363  -11.710 1.00 57.10 ? 52  PRO A CG  1 
ATOM   287  C CD  . PRO A 1 56  ? 11.994  -6.428  -10.908 1.00 58.27 ? 52  PRO A CD  1 
ATOM   288  N N   . ALA A 1 57  ? 12.234  -5.052  -15.305 1.00 50.42 ? 53  ALA A N   1 
ATOM   289  C CA  . ALA A 1 57  ? 12.125  -3.759  -16.021 1.00 47.11 ? 53  ALA A CA  1 
ATOM   290  C C   . ALA A 1 57  ? 10.790  -3.051  -15.772 1.00 44.11 ? 53  ALA A C   1 
ATOM   291  O O   . ALA A 1 57  ? 10.708  -1.799  -15.828 1.00 44.08 ? 53  ALA A O   1 
ATOM   292  C CB  . ALA A 1 57  ? 12.323  -3.951  -17.530 1.00 47.55 ? 53  ALA A CB  1 
ATOM   293  N N   . ARG A 1 58  ? 9.742   -3.846  -15.531 1.00 39.76 ? 54  ARG A N   1 
ATOM   294  C CA  . ARG A 1 58  ? 8.376   -3.304  -15.387 1.00 36.99 ? 54  ARG A CA  1 
ATOM   295  C C   . ARG A 1 58  ? 7.644   -4.077  -14.345 1.00 33.51 ? 54  ARG A C   1 
ATOM   296  O O   . ARG A 1 58  ? 7.961   -5.259  -14.132 1.00 31.88 ? 54  ARG A O   1 
ATOM   297  C CB  . ARG A 1 58  ? 7.632   -3.371  -16.718 1.00 37.76 ? 54  ARG A CB  1 
ATOM   298  C CG  . ARG A 1 58  ? 8.166   -2.307  -17.690 1.00 41.04 ? 54  ARG A CG  1 
ATOM   299  C CD  . ARG A 1 58  ? 7.768   -2.591  -19.121 1.00 48.95 ? 54  ARG A CD  1 
ATOM   300  N NE  . ARG A 1 58  ? 6.351   -2.343  -19.318 1.00 49.93 ? 54  ARG A NE  1 
ATOM   301  C CZ  . ARG A 1 58  ? 5.766   -1.148  -19.268 1.00 51.80 ? 54  ARG A CZ  1 
ATOM   302  N NH1 . ARG A 1 58  ? 6.461   -0.029  -19.019 1.00 52.98 ? 54  ARG A NH1 1 
ATOM   303  N NH2 . ARG A 1 58  ? 4.463   -1.076  -19.509 1.00 50.92 ? 54  ARG A NH2 1 
ATOM   304  N N   . VAL A 1 59  ? 6.690   -3.421  -13.657 1.00 30.21 ? 55  VAL A N   1 
ATOM   305  C CA  . VAL A 1 59  ? 5.806   -4.161  -12.716 1.00 27.23 ? 55  VAL A CA  1 
ATOM   306  C C   . VAL A 1 59  ? 4.397   -3.629  -12.952 1.00 26.22 ? 55  VAL A C   1 
ATOM   307  O O   . VAL A 1 59  ? 4.213   -2.552  -13.556 1.00 26.65 ? 55  VAL A O   1 
ATOM   308  C CB  . VAL A 1 59  ? 6.260   -3.995  -11.222 1.00 26.76 ? 55  VAL A CB  1 
ATOM   309  C CG1 . VAL A 1 59  ? 7.748   -4.442  -11.078 1.00 26.71 ? 55  VAL A CG1 1 
ATOM   310  C CG2 . VAL A 1 59  ? 6.075   -2.545  -10.778 1.00 27.25 ? 55  VAL A CG2 1 
ATOM   311  N N   . ARG A 1 60  ? 3.443   -4.397  -12.499 1.00 25.33 ? 56  ARG A N   1 
ATOM   312  C CA  . ARG A 1 60  ? 2.060   -4.065  -12.557 1.00 24.94 ? 56  ARG A CA  1 
ATOM   313  C C   . ARG A 1 60  ? 1.542   -4.084  -11.118 1.00 23.28 ? 56  ARG A C   1 
ATOM   314  O O   . ARG A 1 60  ? 1.722   -5.080  -10.394 1.00 22.84 ? 56  ARG A O   1 
ATOM   315  C CB  . ARG A 1 60  ? 1.329   -5.141  -13.367 1.00 25.62 ? 56  ARG A CB  1 
ATOM   316  C CG  . ARG A 1 60  ? -0.139  -4.773  -13.590 1.00 23.02 ? 56  ARG A CG  1 
ATOM   317  C CD  . ARG A 1 60  ? -0.854  -5.809  -14.396 1.00 24.61 ? 56  ARG A CD  1 
ATOM   318  N NE  . ARG A 1 60  ? -2.264  -5.427  -14.578 1.00 30.42 ? 56  ARG A NE  1 
ATOM   319  C CZ  . ARG A 1 60  ? -3.149  -6.114  -15.302 1.00 37.06 ? 56  ARG A CZ  1 
ATOM   320  N NH1 . ARG A 1 60  ? -2.751  -7.212  -15.950 1.00 38.55 ? 56  ARG A NH1 1 
ATOM   321  N NH2 . ARG A 1 60  ? -4.429  -5.731  -15.375 1.00 34.38 ? 56  ARG A NH2 1 
ATOM   322  N N   . CYS A 1 61  ? 0.843   -3.032  -10.737 1.00 22.14 ? 57  CYS A N   1 
ATOM   323  C CA  . CYS A 1 61  ? 0.350   -2.899  -9.351  1.00 23.56 ? 57  CYS A CA  1 
ATOM   324  C C   . CYS A 1 61  ? -1.063  -2.449  -9.375  1.00 23.31 ? 57  CYS A C   1 
ATOM   325  O O   . CYS A 1 61  ? -1.457  -1.731  -10.319 1.00 23.98 ? 57  CYS A O   1 
ATOM   326  C CB  . CYS A 1 61  ? 1.162   -1.857  -8.553  1.00 21.89 ? 57  CYS A CB  1 
ATOM   327  S SG  . CYS A 1 61  ? 2.843   -2.513  -8.271  1.00 23.32 ? 57  CYS A SG  1 
ATOM   328  N N   . SER A 1 62  ? -1.820  -2.831  -8.339  1.00 21.44 ? 58  SER A N   1 
ATOM   329  C CA  . SER A 1 62  ? -3.079  -2.156  -7.988  1.00 20.70 ? 58  SER A CA  1 
ATOM   330  C C   . SER A 1 62  ? -2.823  -1.346  -6.681  1.00 21.39 ? 58  SER A C   1 
ATOM   331  O O   . SER A 1 62  ? -1.817  -1.608  -5.950  1.00 21.36 ? 58  SER A O   1 
ATOM   332  C CB  . SER A 1 62  ? -4.175  -3.198  -7.716  1.00 20.45 ? 58  SER A CB  1 
ATOM   333  O OG  . SER A 1 62  ? -4.398  -4.021  -8.855  1.00 19.21 ? 58  SER A OG  1 
ATOM   334  N N   . HIS A 1 63  ? -3.727  -0.461  -6.303  1.00 20.45 ? 59  HIS A N   1 
ATOM   335  C CA  . HIS A 1 63  ? -3.556  0.212   -5.026  1.00 19.98 ? 59  HIS A CA  1 
ATOM   336  C C   . HIS A 1 63  ? -4.915  0.638   -4.523  1.00 20.81 ? 59  HIS A C   1 
ATOM   337  O O   . HIS A 1 63  ? -5.955  0.634   -5.246  1.00 21.84 ? 59  HIS A O   1 
ATOM   338  C CB  . HIS A 1 63  ? -2.532  1.371   -5.106  1.00 20.23 ? 59  HIS A CB  1 
ATOM   339  C CG  . HIS A 1 63  ? -3.079  2.619   -5.738  1.00 20.74 ? 59  HIS A CG  1 
ATOM   340  N ND1 . HIS A 1 63  ? -2.831  3.890   -5.259  1.00 21.70 ? 59  HIS A ND1 1 
ATOM   341  C CD2 . HIS A 1 63  ? -3.975  2.767   -6.759  1.00 23.40 ? 59  HIS A CD2 1 
ATOM   342  C CE1 . HIS A 1 63  ? -3.475  4.770   -6.015  1.00 23.03 ? 59  HIS A CE1 1 
ATOM   343  N NE2 . HIS A 1 63  ? -4.201  4.105   -6.919  1.00 23.26 ? 59  HIS A NE2 1 
ATOM   344  N N   . LEU A 1 64  ? -4.932  0.971   -3.256  1.00 20.08 ? 60  LEU A N   1 
ATOM   345  C CA  . LEU A 1 64  ? -6.081  1.546   -2.612  1.00 20.89 ? 60  LEU A CA  1 
ATOM   346  C C   . LEU A 1 64  ? -5.486  2.809   -1.963  1.00 21.63 ? 60  LEU A C   1 
ATOM   347  O O   . LEU A 1 64  ? -4.585  2.714   -1.140  1.00 20.58 ? 60  LEU A O   1 
ATOM   348  C CB  . LEU A 1 64  ? -6.612  0.596   -1.530  1.00 18.52 ? 60  LEU A CB  1 
ATOM   349  C CG  . LEU A 1 64  ? -7.918  1.025   -0.798  1.00 19.87 ? 60  LEU A CG  1 
ATOM   350  C CD1 . LEU A 1 64  ? -8.509  -0.140  0.047   1.00 20.36 ? 60  LEU A CD1 1 
ATOM   351  C CD2 . LEU A 1 64  ? -7.794  2.222   0.152   1.00 16.40 ? 60  LEU A CD2 1 
ATOM   352  N N   . LEU A 1 65  ? -5.968  3.967   -2.412  1.00 22.99 ? 61  LEU A N   1 
ATOM   353  C CA  . LEU A 1 65  ? -5.562  5.275   -1.909  1.00 22.85 ? 61  LEU A CA  1 
ATOM   354  C C   . LEU A 1 65  ? -6.571  5.820   -0.893  1.00 22.77 ? 61  LEU A C   1 
ATOM   355  O O   . LEU A 1 65  ? -7.774  5.851   -1.162  1.00 22.54 ? 61  LEU A O   1 
ATOM   356  C CB  . LEU A 1 65  ? -5.437  6.285   -3.133  1.00 22.16 ? 61  LEU A CB  1 
ATOM   357  C CG  . LEU A 1 65  ? -5.061  7.784   -2.807  1.00 19.38 ? 61  LEU A CG  1 
ATOM   358  C CD1 . LEU A 1 65  ? -3.693  8.015   -2.102  1.00 19.75 ? 61  LEU A CD1 1 
ATOM   359  C CD2 . LEU A 1 65  ? -5.062  8.590   -4.156  1.00 24.16 ? 61  LEU A CD2 1 
ATOM   360  N N   . VAL A 1 66  ? -6.093  6.256   0.295   1.00 22.40 ? 62  VAL A N   1 
ATOM   361  C CA  . VAL A 1 66  ? -6.942  7.039   1.169   1.00 20.70 ? 62  VAL A CA  1 
ATOM   362  C C   . VAL A 1 66  ? -6.347  8.474   1.219   1.00 23.09 ? 62  VAL A C   1 
ATOM   363  O O   . VAL A 1 66  ? -5.205  8.675   1.686   1.00 21.19 ? 62  VAL A O   1 
ATOM   364  C CB  . VAL A 1 66  ? -7.037  6.460   2.572   1.00 22.71 ? 62  VAL A CB  1 
ATOM   365  C CG1 . VAL A 1 66  ? -7.892  7.415   3.517   1.00 19.23 ? 62  VAL A CG1 1 
ATOM   366  C CG2 . VAL A 1 66  ? -7.754  5.119   2.511   1.00 19.72 ? 62  VAL A CG2 1 
ATOM   367  N N   . LYS A 1 67  ? -7.110  9.462   0.728   1.00 23.22 ? 63  LYS A N   1 
ATOM   368  C CA  . LYS A 1 67  ? -6.584  10.839  0.704   1.00 25.68 ? 63  LYS A CA  1 
ATOM   369  C C   . LYS A 1 67  ? -6.790  11.523  2.065   1.00 25.61 ? 63  LYS A C   1 
ATOM   370  O O   . LYS A 1 67  ? -7.609  11.044  2.874   1.00 26.88 ? 63  LYS A O   1 
ATOM   371  C CB  . LYS A 1 67  ? -7.264  11.606  -0.422  1.00 25.14 ? 63  LYS A CB  1 
ATOM   372  C CG  . LYS A 1 67  ? -6.706  11.281  -1.787  1.00 27.40 ? 63  LYS A CG  1 
ATOM   373  C CD  . LYS A 1 67  ? -7.305  12.299  -2.828  1.00 27.14 ? 63  LYS A CD  1 
ATOM   374  C CE  . LYS A 1 67  ? -6.920  11.868  -4.189  1.00 26.41 ? 63  LYS A CE  1 
ATOM   375  N NZ  . LYS A 1 67  ? -7.080  12.869  -5.296  1.00 27.29 ? 63  LYS A NZ  1 
ATOM   376  N N   . HIS A 1 68  ? -6.120  12.647  2.317   1.00 26.59 ? 64  HIS A N   1 
ATOM   377  C CA  . HIS A 1 68  ? -6.403  13.403  3.534   1.00 25.44 ? 64  HIS A CA  1 
ATOM   378  C C   . HIS A 1 68  ? -6.397  14.897  3.218   1.00 28.24 ? 64  HIS A C   1 
ATOM   379  O O   . HIS A 1 68  ? -6.148  15.269  2.074   1.00 26.62 ? 64  HIS A O   1 
ATOM   380  C CB  . HIS A 1 68  ? -5.412  13.043  4.661   1.00 24.94 ? 64  HIS A CB  1 
ATOM   381  C CG  . HIS A 1 68  ? -3.989  13.055  4.219   1.00 20.56 ? 64  HIS A CG  1 
ATOM   382  N ND1 . HIS A 1 68  ? -3.298  14.210  3.983   1.00 22.94 ? 64  HIS A ND1 1 
ATOM   383  C CD2 . HIS A 1 68  ? -3.143  12.046  3.915   1.00 21.90 ? 64  HIS A CD2 1 
ATOM   384  C CE1 . HIS A 1 68  ? -2.067  13.927  3.572   1.00 26.96 ? 64  HIS A CE1 1 
ATOM   385  N NE2 . HIS A 1 68  ? -1.954  12.612  3.501   1.00 23.50 ? 64  HIS A NE2 1 
ATOM   386  N N   . SER A 1 69  ? -6.677  15.753  4.230   1.00 29.46 ? 65  SER A N   1 
ATOM   387  C CA  . SER A 1 69  ? -6.697  17.242  3.997   1.00 30.83 ? 65  SER A CA  1 
ATOM   388  C C   . SER A 1 69  ? -5.375  17.790  3.472   1.00 30.90 ? 65  SER A C   1 
ATOM   389  O O   . SER A 1 69  ? -5.345  18.787  2.755   1.00 31.60 ? 65  SER A O   1 
ATOM   390  C CB  . SER A 1 69  ? -7.131  17.986  5.261   1.00 30.38 ? 65  SER A CB  1 
ATOM   391  O OG  . SER A 1 69  ? -6.055  17.923  6.177   1.00 33.29 ? 65  SER A OG  1 
ATOM   392  N N   . GLN A 1 70  ? -4.260  17.116  3.737   1.00 31.42 ? 66  GLN A N   1 
ATOM   393  C CA  . GLN A 1 70  ? -3.050  17.592  3.111   1.00 31.51 ? 66  GLN A CA  1 
ATOM   394  C C   . GLN A 1 70  ? -2.652  16.981  1.795   1.00 32.27 ? 66  GLN A C   1 
ATOM   395  O O   . GLN A 1 70  ? -1.542  17.315  1.294   1.00 33.55 ? 66  GLN A O   1 
ATOM   396  C CB  . GLN A 1 70  ? -1.851  17.526  4.064   1.00 33.04 ? 66  GLN A CB  1 
ATOM   397  C CG  . GLN A 1 70  ? -1.926  18.495  5.197   1.00 34.28 ? 66  GLN A CG  1 
ATOM   398  C CD  . GLN A 1 70  ? -0.679  18.373  6.076   1.00 41.01 ? 66  GLN A CD  1 
ATOM   399  O OE1 . GLN A 1 70  ? 0.419   18.904  5.721   1.00 33.34 ? 66  GLN A OE1 1 
ATOM   400  N NE2 . GLN A 1 70  ? -0.809  17.579  7.177   1.00 36.19 ? 66  GLN A NE2 1 
ATOM   401  N N   . SER A 1 71  ? -3.503  16.128  1.182   1.00 31.03 ? 67  SER A N   1 
ATOM   402  C CA  . SER A 1 71  ? -3.156  15.616  -0.162  1.00 31.26 ? 67  SER A CA  1 
ATOM   403  C C   . SER A 1 71  ? -3.013  16.759  -1.161  1.00 32.97 ? 67  SER A C   1 
ATOM   404  O O   . SER A 1 71  ? -3.704  17.766  -1.045  1.00 33.22 ? 67  SER A O   1 
ATOM   405  C CB  . SER A 1 71  ? -4.221  14.622  -0.685  1.00 28.04 ? 67  SER A CB  1 
ATOM   406  O OG  . SER A 1 71  ? -4.360  13.560  0.232   1.00 27.22 ? 67  SER A OG  1 
ATOM   407  N N   . ARG A 1 72  ? -2.175  16.532  -2.172  1.00 35.23 ? 68  ARG A N   1 
ATOM   408  C CA  . ARG A 1 72  ? -2.068  17.362  -3.358  1.00 38.08 ? 68  ARG A CA  1 
ATOM   409  C C   . ARG A 1 72  ? -3.427  17.770  -3.921  1.00 38.90 ? 68  ARG A C   1 
ATOM   410  O O   . ARG A 1 72  ? -3.650  18.966  -4.035  1.00 39.83 ? 68  ARG A O   1 
ATOM   411  C CB  . ARG A 1 72  ? -1.221  16.649  -4.392  1.00 40.00 ? 68  ARG A CB  1 
ATOM   412  C CG  . ARG A 1 72  ? -0.907  17.460  -5.628  1.00 46.86 ? 68  ARG A CG  1 
ATOM   413  C CD  . ARG A 1 72  ? -0.551  16.494  -6.802  1.00 59.29 ? 68  ARG A CD  1 
ATOM   414  N NE  . ARG A 1 72  ? 0.802   15.885  -6.776  1.00 67.29 ? 68  ARG A NE  1 
ATOM   415  C CZ  . ARG A 1 72  ? 1.926   16.433  -6.265  1.00 71.05 ? 68  ARG A CZ  1 
ATOM   416  N NH1 . ARG A 1 72  ? 1.927   17.639  -5.680  1.00 71.19 ? 68  ARG A NH1 1 
ATOM   417  N NH2 . ARG A 1 72  ? 3.081   15.767  -6.340  1.00 70.67 ? 68  ARG A NH2 1 
ATOM   418  N N   . ARG A 1 73  ? -4.338  16.836  -4.242  1.00 37.92 ? 69  ARG A N   1 
ATOM   419  C CA  . ARG A 1 73  ? -5.740  17.185  -4.625  1.00 37.85 ? 69  ARG A CA  1 
ATOM   420  C C   . ARG A 1 73  ? -6.713  16.576  -3.648  1.00 36.41 ? 69  ARG A C   1 
ATOM   421  O O   . ARG A 1 73  ? -7.140  15.421  -3.864  1.00 37.81 ? 69  ARG A O   1 
ATOM   422  C CB  . ARG A 1 73  ? -6.174  16.603  -5.972  1.00 38.74 ? 69  ARG A CB  1 
ATOM   423  C CG  . ARG A 1 73  ? -5.392  16.964  -7.257  1.00 45.85 ? 69  ARG A CG  1 
ATOM   424  C CD  . ARG A 1 73  ? -6.330  16.661  -8.552  1.00 56.52 ? 69  ARG A CD  1 
ATOM   425  N NE  . ARG A 1 73  ? -7.038  15.340  -8.559  1.00 62.08 ? 69  ARG A NE  1 
ATOM   426  C CZ  . ARG A 1 73  ? -8.336  15.117  -8.231  1.00 64.01 ? 69  ARG A CZ  1 
ATOM   427  N NH1 . ARG A 1 73  ? -9.121  16.130  -7.865  1.00 65.97 ? 69  ARG A NH1 1 
ATOM   428  N NH2 . ARG A 1 73  ? -8.857  13.865  -8.243  1.00 60.92 ? 69  ARG A NH2 1 
ATOM   429  N N   . PRO A 1 74  ? -7.093  17.328  -2.603  1.00 35.14 ? 70  PRO A N   1 
ATOM   430  C CA  . PRO A 1 74  ? -7.984  16.870  -1.524  1.00 34.28 ? 70  PRO A CA  1 
ATOM   431  C C   . PRO A 1 74  ? -9.461  16.656  -1.960  1.00 33.46 ? 70  PRO A C   1 
ATOM   432  O O   . PRO A 1 74  ? -10.409 17.105  -1.266  1.00 31.94 ? 70  PRO A O   1 
ATOM   433  C CB  . PRO A 1 74  ? -7.883  17.997  -0.457  1.00 35.60 ? 70  PRO A CB  1 
ATOM   434  C CG  . PRO A 1 74  ? -7.298  19.191  -1.136  1.00 35.40 ? 70  PRO A CG  1 
ATOM   435  C CD  . PRO A 1 74  ? -6.835  18.797  -2.544  1.00 34.92 ? 70  PRO A CD  1 
ATOM   436  N N   . SER A 1 75  ? -9.650  15.893  -3.047  1.00 31.93 ? 71  SER A N   1 
ATOM   437  C CA  . SER A 1 75  ? -10.976 15.688  -3.633  1.00 30.19 ? 71  SER A CA  1 
ATOM   438  C C   . SER A 1 75  ? -10.949 14.302  -4.304  1.00 29.96 ? 71  SER A C   1 
ATOM   439  O O   . SER A 1 75  ? -9.888  13.868  -4.766  1.00 30.57 ? 71  SER A O   1 
ATOM   440  C CB  . SER A 1 75  ? -11.136 16.751  -4.725  1.00 30.73 ? 71  SER A CB  1 
ATOM   441  O OG  . SER A 1 75  ? -12.363 16.593  -5.381  1.00 34.70 ? 71  SER A OG  1 
ATOM   442  N N   . SER A 1 76  ? -12.086 13.617  -4.414  1.00 28.52 ? 72  SER A N   1 
ATOM   443  C CA  . SER A 1 76  ? -12.119 12.339  -5.191  1.00 29.29 ? 72  SER A CA  1 
ATOM   444  C C   . SER A 1 76  ? -13.540 12.015  -5.654  1.00 29.72 ? 72  SER A C   1 
ATOM   445  O O   . SER A 1 76  ? -14.498 12.706  -5.248  1.00 30.92 ? 72  SER A O   1 
ATOM   446  C CB  . SER A 1 76  ? -11.561 11.204  -4.328  1.00 28.41 ? 72  SER A CB  1 
ATOM   447  O OG  . SER A 1 76  ? -12.591 10.764  -3.432  1.00 25.54 ? 72  SER A OG  1 
ATOM   448  N N   . TRP A 1 77  ? -13.721 10.980  -6.473  1.00 29.58 ? 73  TRP A N   1 
ATOM   449  C CA  . TRP A 1 77  ? -15.090 10.540  -6.817  1.00 29.63 ? 73  TRP A CA  1 
ATOM   450  C C   . TRP A 1 77  ? -15.895 10.226  -5.570  1.00 30.25 ? 73  TRP A C   1 
ATOM   451  O O   . TRP A 1 77  ? -17.106 10.260  -5.608  1.00 30.81 ? 73  TRP A O   1 
ATOM   452  C CB  . TRP A 1 77  ? -15.108 9.315   -7.749  1.00 30.03 ? 73  TRP A CB  1 
ATOM   453  C CG  . TRP A 1 77  ? -14.573 8.022   -7.080  1.00 29.17 ? 73  TRP A CG  1 
ATOM   454  C CD1 . TRP A 1 77  ? -13.251 7.603   -6.999  1.00 29.31 ? 73  TRP A CD1 1 
ATOM   455  C CD2 . TRP A 1 77  ? -15.358 7.026   -6.390  1.00 30.49 ? 73  TRP A CD2 1 
ATOM   456  N NE1 . TRP A 1 77  ? -13.186 6.405   -6.263  1.00 27.06 ? 73  TRP A NE1 1 
ATOM   457  C CE2 . TRP A 1 77  ? -14.459 6.033   -5.898  1.00 28.17 ? 73  TRP A CE2 1 
ATOM   458  C CE3 . TRP A 1 77  ? -16.750 6.864   -6.144  1.00 28.76 ? 73  TRP A CE3 1 
ATOM   459  C CZ2 . TRP A 1 77  ? -14.917 4.888   -5.172  1.00 26.02 ? 73  TRP A CZ2 1 
ATOM   460  C CZ3 . TRP A 1 77  ? -17.194 5.716   -5.384  1.00 30.38 ? 73  TRP A CZ3 1 
ATOM   461  C CH2 . TRP A 1 77  ? -16.275 4.773   -4.913  1.00 26.73 ? 73  TRP A CH2 1 
ATOM   462  N N   . ARG A 1 78  ? -15.242 9.902   -4.454  1.00 31.03 ? 74  ARG A N   1 
ATOM   463  C CA  . ARG A 1 78  ? -16.000 9.567   -3.250  1.00 30.87 ? 74  ARG A CA  1 
ATOM   464  C C   . ARG A 1 78  ? -16.470 10.822  -2.552  1.00 31.63 ? 74  ARG A C   1 
ATOM   465  O O   . ARG A 1 78  ? -17.492 10.794  -1.900  1.00 32.38 ? 74  ARG A O   1 
ATOM   466  C CB  . ARG A 1 78  ? -15.185 8.742   -2.229  1.00 29.39 ? 74  ARG A CB  1 
ATOM   467  C CG  . ARG A 1 78  ? -14.484 7.541   -2.782  1.00 28.72 ? 74  ARG A CG  1 
ATOM   468  C CD  . ARG A 1 78  ? -14.042 6.606   -1.666  1.00 29.42 ? 74  ARG A CD  1 
ATOM   469  N NE  . ARG A 1 78  ? -15.198 6.216   -0.864  1.00 22.65 ? 74  ARG A NE  1 
ATOM   470  C CZ  . ARG A 1 78  ? -15.185 6.106   0.458   1.00 30.13 ? 74  ARG A CZ  1 
ATOM   471  N NH1 . ARG A 1 78  ? -14.050 6.278   1.155   1.00 29.77 ? 74  ARG A NH1 1 
ATOM   472  N NH2 . ARG A 1 78  ? -16.300 5.772   1.070   1.00 26.76 ? 74  ARG A NH2 1 
ATOM   473  N N   . GLN A 1 79  ? -15.738 11.917  -2.657  1.00 31.90 ? 75  GLN A N   1 
ATOM   474  C CA  . GLN A 1 79  ? -16.020 13.013  -1.766  1.00 34.54 ? 75  GLN A CA  1 
ATOM   475  C C   . GLN A 1 79  ? -15.428 14.277  -2.330  1.00 34.33 ? 75  GLN A C   1 
ATOM   476  O O   . GLN A 1 79  ? -14.233 14.325  -2.599  1.00 33.97 ? 75  GLN A O   1 
ATOM   477  C CB  . GLN A 1 79  ? -15.377 12.697  -0.424  1.00 35.39 ? 75  GLN A CB  1 
ATOM   478  C CG  . GLN A 1 79  ? -15.643 13.643  0.632   1.00 40.00 ? 75  GLN A CG  1 
ATOM   479  C CD  . GLN A 1 79  ? -15.244 13.057  1.955   1.00 47.36 ? 75  GLN A CD  1 
ATOM   480  O OE1 . GLN A 1 79  ? -14.141 12.488  2.114   1.00 48.18 ? 75  GLN A OE1 1 
ATOM   481  N NE2 . GLN A 1 79  ? -16.150 13.141  2.915   1.00 49.50 ? 75  GLN A NE2 1 
ATOM   482  N N   . GLU A 1 80  ? -16.275 15.291  -2.523  1.00 34.32 ? 76  GLU A N   1 
ATOM   483  C CA  . GLU A 1 80  ? -15.844 16.547  -3.172  1.00 33.57 ? 76  GLU A CA  1 
ATOM   484  C C   . GLU A 1 80  ? -14.746 17.292  -2.398  1.00 32.10 ? 76  GLU A C   1 
ATOM   485  O O   . GLU A 1 80  ? -13.785 17.796  -3.002  1.00 31.55 ? 76  GLU A O   1 
ATOM   486  C CB  . GLU A 1 80  ? -17.045 17.474  -3.378  1.00 33.95 ? 76  GLU A CB  1 
ATOM   487  C CG  . GLU A 1 80  ? -16.677 18.719  -4.155  1.00 35.19 ? 76  GLU A CG  1 
ATOM   488  C CD  . GLU A 1 80  ? -17.890 19.324  -4.866  1.00 34.59 ? 76  GLU A CD  1 
ATOM   489  O OE1 . GLU A 1 80  ? -17.634 20.079  -5.815  1.00 35.21 ? 76  GLU A OE1 1 
ATOM   490  O OE2 . GLU A 1 80  ? -19.066 19.046  -4.466  1.00 29.88 ? 76  GLU A OE2 1 
ATOM   491  N N   . LYS A 1 81  ? -14.881 17.354  -1.085  1.00 31.53 ? 77  LYS A N   1 
ATOM   492  C CA  . LYS A 1 81  ? -13.860 18.018  -0.240  1.00 32.78 ? 77  LYS A CA  1 
ATOM   493  C C   . LYS A 1 81  ? -13.440 16.936  0.776   1.00 31.34 ? 77  LYS A C   1 
ATOM   494  O O   . LYS A 1 81  ? -14.257 16.517  1.600   1.00 30.75 ? 77  LYS A O   1 
ATOM   495  C CB  . LYS A 1 81  ? -14.489 19.219  0.496   1.00 33.87 ? 77  LYS A CB  1 
ATOM   496  C CG  . LYS A 1 81  ? -13.453 20.167  1.220   1.00 40.58 ? 77  LYS A CG  1 
ATOM   497  C CD  . LYS A 1 81  ? -14.134 20.983  2.384   1.00 44.15 ? 77  LYS A CD  1 
ATOM   498  C CE  . LYS A 1 81  ? -13.091 21.781  3.217   1.00 46.75 ? 77  LYS A CE  1 
ATOM   499  N NZ  . LYS A 1 81  ? -12.172 22.630  2.345   1.00 48.05 ? 77  LYS A NZ  1 
ATOM   500  N N   . ILE A 1 82  ? -12.204 16.484  0.687   1.00 30.63 ? 78  ILE A N   1 
ATOM   501  C CA  . ILE A 1 82  ? -11.708 15.517  1.667   1.00 30.61 ? 78  ILE A CA  1 
ATOM   502  C C   . ILE A 1 82  ? -11.163 16.291  2.882   1.00 31.37 ? 78  ILE A C   1 
ATOM   503  O O   . ILE A 1 82  ? -10.268 17.102  2.742   1.00 32.22 ? 78  ILE A O   1 
ATOM   504  C CB  . ILE A 1 82  ? -10.708 14.555  1.025   1.00 30.64 ? 78  ILE A CB  1 
ATOM   505  C CG1 . ILE A 1 82  ? -11.540 13.630  0.096   1.00 30.06 ? 78  ILE A CG1 1 
ATOM   506  C CG2 . ILE A 1 82  ? -9.932  13.723  2.122   1.00 28.35 ? 78  ILE A CG2 1 
ATOM   507  C CD1 . ILE A 1 82  ? -10.791 12.931  -0.881  1.00 27.13 ? 78  ILE A CD1 1 
ATOM   508  N N   . THR A 1 83  ? -11.673 15.997  4.066   1.00 32.74 ? 79  THR A N   1 
ATOM   509  C CA  . THR A 1 83  ? -11.373 16.806  5.252   1.00 33.38 ? 79  THR A CA  1 
ATOM   510  C C   . THR A 1 83  ? -10.666 15.942  6.331   1.00 33.18 ? 79  THR A C   1 
ATOM   511  O O   . THR A 1 83  ? -10.183 16.455  7.369   1.00 32.23 ? 79  THR A O   1 
ATOM   512  C CB  . THR A 1 83  ? -12.689 17.378  5.771   1.00 33.62 ? 79  THR A CB  1 
ATOM   513  O OG1 . THR A 1 83  ? -13.552 16.298  6.112   1.00 33.02 ? 79  THR A OG1 1 
ATOM   514  C CG2 . THR A 1 83  ? -13.387 18.219  4.655   1.00 35.25 ? 79  THR A CG2 1 
ATOM   515  N N   . ARG A 1 84  ? -10.572 14.625  6.091   1.00 32.07 ? 80  ARG A N   1 
ATOM   516  C CA  . ARG A 1 84  ? -10.014 13.781  7.161   1.00 29.48 ? 80  ARG A CA  1 
ATOM   517  C C   . ARG A 1 84  ? -8.551  14.193  7.385   1.00 28.11 ? 80  ARG A C   1 
ATOM   518  O O   . ARG A 1 84  ? -7.869  14.633  6.466   1.00 27.60 ? 80  ARG A O   1 
ATOM   519  C CB  . ARG A 1 84  ? -10.149 12.270  6.850   1.00 30.58 ? 80  ARG A CB  1 
ATOM   520  C CG  . ARG A 1 84  ? -9.314  11.852  5.616   1.00 25.38 ? 80  ARG A CG  1 
ATOM   521  C CD  . ARG A 1 84  ? -9.412  10.353  5.467   1.00 24.51 ? 80  ARG A CD  1 
ATOM   522  N NE  . ARG A 1 84  ? -10.741 9.870   5.018   1.00 25.81 ? 80  ARG A NE  1 
ATOM   523  C CZ  . ARG A 1 84  ? -11.142 9.794   3.741   1.00 25.96 ? 80  ARG A CZ  1 
ATOM   524  N NH1 . ARG A 1 84  ? -10.344 10.223  2.754   1.00 20.55 ? 80  ARG A NH1 1 
ATOM   525  N NH2 . ARG A 1 84  ? -12.338 9.268   3.449   1.00 24.51 ? 80  ARG A NH2 1 
ATOM   526  N N   . THR A 1 85  ? -8.050  13.991  8.600   1.00 28.20 ? 81  THR A N   1 
ATOM   527  C CA  . THR A 1 85  ? -6.652  14.255  8.838   1.00 28.71 ? 81  THR A CA  1 
ATOM   528  C C   . THR A 1 85  ? -5.772  13.147  8.267   1.00 28.06 ? 81  THR A C   1 
ATOM   529  O O   . THR A 1 85  ? -6.242  12.022  8.046   1.00 26.48 ? 81  THR A O   1 
ATOM   530  C CB  . THR A 1 85  ? -6.408  14.437  10.352  1.00 27.98 ? 81  THR A CB  1 
ATOM   531  O OG1 . THR A 1 85  ? -6.570  13.192  11.053  1.00 31.30 ? 81  THR A OG1 1 
ATOM   532  C CG2 . THR A 1 85  ? -7.418  15.444  10.927  1.00 31.29 ? 81  THR A CG2 1 
ATOM   533  N N   . LYS A 1 86  ? -4.498  13.439  8.071   1.00 27.54 ? 82  LYS A N   1 
ATOM   534  C CA  . LYS A 1 86  ? -3.531  12.387  7.746   1.00 28.07 ? 82  LYS A CA  1 
ATOM   535  C C   . LYS A 1 86  ? -3.528  11.191  8.781   1.00 28.37 ? 82  LYS A C   1 
ATOM   536  O O   . LYS A 1 86  ? -3.363  10.008  8.417   1.00 27.04 ? 82  LYS A O   1 
ATOM   537  C CB  . LYS A 1 86  ? -2.137  13.018  7.521   1.00 28.20 ? 82  LYS A CB  1 
ATOM   538  C CG  . LYS A 1 86  ? -1.000  11.972  7.370   1.00 32.39 ? 82  LYS A CG  1 
ATOM   539  C CD  . LYS A 1 86  ? 0.390   12.644  7.377   1.00 34.25 ? 82  LYS A CD  1 
ATOM   540  C CE  . LYS A 1 86  ? 0.579   13.565  6.222   1.00 41.53 ? 82  LYS A CE  1 
ATOM   541  N NZ  . LYS A 1 86  ? 1.904   14.209  6.442   1.00 44.53 ? 82  LYS A NZ  1 
ATOM   542  N N   . GLU A 1 87  ? -3.758  11.485  10.064  1.00 28.04 ? 83  GLU A N   1 
ATOM   543  C CA  . GLU A 1 87  ? -3.742  10.421  11.075  1.00 26.77 ? 83  GLU A CA  1 
ATOM   544  C C   . GLU A 1 87  ? -4.959  9.529   10.942  1.00 25.62 ? 83  GLU A C   1 
ATOM   545  O O   . GLU A 1 87  ? -4.868  8.301   11.177  1.00 23.54 ? 83  GLU A O   1 
ATOM   546  C CB  . GLU A 1 87  ? -3.664  10.999  12.522  1.00 28.80 ? 83  GLU A CB  1 
ATOM   547  C CG  . GLU A 1 87  ? -4.057  9.954   13.601  1.00 37.73 ? 83  GLU A CG  1 
ATOM   548  C CD  . GLU A 1 87  ? -4.379  10.581  15.017  1.00 55.16 ? 83  GLU A CD  1 
ATOM   549  O OE1 . GLU A 1 87  ? -3.482  11.249  15.611  1.00 55.84 ? 83  GLU A OE1 1 
ATOM   550  O OE2 . GLU A 1 87  ? -5.542  10.417  15.522  1.00 62.69 ? 83  GLU A OE2 1 
ATOM   551  N N   . GLU A 1 88  ? -6.112  10.148  10.641  1.00 24.64 ? 84  GLU A N   1 
ATOM   552  C CA  . GLU A 1 88  ? -7.380  9.428   10.398  1.00 24.85 ? 84  GLU A CA  1 
ATOM   553  C C   . GLU A 1 88  ? -7.320  8.559   9.134   1.00 23.86 ? 84  GLU A C   1 
ATOM   554  O O   . GLU A 1 88  ? -7.922  7.486   9.086   1.00 24.91 ? 84  GLU A O   1 
ATOM   555  C CB  . GLU A 1 88  ? -8.577  10.379  10.247  1.00 22.39 ? 84  GLU A CB  1 
ATOM   556  C CG  . GLU A 1 88  ? -9.137  10.906  11.575  1.00 27.41 ? 84  GLU A CG  1 
ATOM   557  C CD  . GLU A 1 88  ? -9.909  12.229  11.443  1.00 32.29 ? 84  GLU A CD  1 
ATOM   558  O OE1 . GLU A 1 88  ? -10.542 12.597  12.435  1.00 35.72 ? 84  GLU A OE1 1 
ATOM   559  O OE2 . GLU A 1 88  ? -9.880  12.910  10.392  1.00 27.59 ? 84  GLU A OE2 1 
ATOM   560  N N   . ALA A 1 89  ? -6.651  9.048   8.122   1.00 24.19 ? 85  ALA A N   1 
ATOM   561  C CA  . ALA A 1 89  ? -6.398  8.339   6.889   1.00 24.07 ? 85  ALA A CA  1 
ATOM   562  C C   . ALA A 1 89  ? -5.536  7.100   7.149   1.00 24.54 ? 85  ALA A C   1 
ATOM   563  O O   . ALA A 1 89  ? -5.810  6.025   6.569   1.00 22.55 ? 85  ALA A O   1 
ATOM   564  C CB  . ALA A 1 89  ? -5.642  9.295   5.842   1.00 23.76 ? 85  ALA A CB  1 
ATOM   565  N N   . LEU A 1 90  ? -4.497  7.253   7.991   1.00 23.07 ? 86  LEU A N   1 
ATOM   566  C CA  . LEU A 1 90  ? -3.680  6.108   8.361   1.00 24.25 ? 86  LEU A CA  1 
ATOM   567  C C   . LEU A 1 90  ? -4.489  5.056   9.173   1.00 25.56 ? 86  LEU A C   1 
ATOM   568  O O   . LEU A 1 90  ? -4.289  3.838   8.956   1.00 25.57 ? 86  LEU A O   1 
ATOM   569  C CB  . LEU A 1 90  ? -2.435  6.584   9.128   1.00 24.00 ? 86  LEU A CB  1 
ATOM   570  C CG  . LEU A 1 90  ? -1.450  5.511   9.565   1.00 28.26 ? 86  LEU A CG  1 
ATOM   571  C CD1 . LEU A 1 90  ? -0.892  4.796   8.276   1.00 22.60 ? 86  LEU A CD1 1 
ATOM   572  C CD2 . LEU A 1 90  ? -0.333  6.207   10.440  1.00 27.93 ? 86  LEU A CD2 1 
ATOM   573  N N   . GLU A 1 91  ? -5.354  5.485   10.106  1.00 25.73 ? 87  GLU A N   1 
ATOM   574  C CA  . GLU A 1 91  ? -6.238  4.533   10.782  1.00 26.10 ? 87  GLU A CA  1 
ATOM   575  C C   . GLU A 1 91  ? -7.090  3.742   9.793   1.00 24.79 ? 87  GLU A C   1 
ATOM   576  O O   . GLU A 1 91  ? -7.253  2.521   9.983   1.00 25.33 ? 87  GLU A O   1 
ATOM   577  C CB  . GLU A 1 91  ? -7.159  5.174   11.848  1.00 27.74 ? 87  GLU A CB  1 
ATOM   578  C CG  . GLU A 1 91  ? -6.410  5.768   13.029  1.00 37.96 ? 87  GLU A CG  1 
ATOM   579  C CD  . GLU A 1 91  ? -7.304  6.704   13.953  1.00 52.84 ? 87  GLU A CD  1 
ATOM   580  O OE1 . GLU A 1 91  ? -8.488  7.077   13.584  1.00 56.40 ? 87  GLU A OE1 1 
ATOM   581  O OE2 . GLU A 1 91  ? -6.774  7.078   15.054  1.00 57.05 ? 87  GLU A OE2 1 
ATOM   582  N N   . LEU A 1 92  ? -7.651  4.413   8.777   1.00 21.29 ? 88  LEU A N   1 
ATOM   583  C CA  . LEU A 1 92  ? -8.495  3.761   7.780   1.00 21.68 ? 88  LEU A CA  1 
ATOM   584  C C   . LEU A 1 92  ? -7.666  2.749   7.011   1.00 22.21 ? 88  LEU A C   1 
ATOM   585  O O   . LEU A 1 92  ? -8.114  1.601   6.826   1.00 22.98 ? 88  LEU A O   1 
ATOM   586  C CB  . LEU A 1 92  ? -9.090  4.797   6.790   1.00 19.85 ? 88  LEU A CB  1 
ATOM   587  C CG  . LEU A 1 92  ? -10.288 5.612   7.378   1.00 23.36 ? 88  LEU A CG  1 
ATOM   588  C CD1 . LEU A 1 92  ? -10.656 6.881   6.539   1.00 23.26 ? 88  LEU A CD1 1 
ATOM   589  C CD2 . LEU A 1 92  ? -11.619 4.737   7.676   1.00 22.04 ? 88  LEU A CD2 1 
ATOM   590  N N   . ILE A 1 93  ? -6.486  3.176   6.542   1.00 19.68 ? 89  ILE A N   1 
ATOM   591  C CA  . ILE A 1 93  ? -5.524  2.285   5.854   1.00 20.30 ? 89  ILE A CA  1 
ATOM   592  C C   . ILE A 1 93  ? -5.204  1.005   6.697   1.00 20.60 ? 89  ILE A C   1 
ATOM   593  O O   . ILE A 1 93  ? -5.210  -0.150  6.205   1.00 21.25 ? 89  ILE A O   1 
ATOM   594  C CB  . ILE A 1 93  ? -4.255  3.098   5.441   1.00 18.66 ? 89  ILE A CB  1 
ATOM   595  C CG1 . ILE A 1 93  ? -4.580  4.028   4.252   1.00 19.31 ? 89  ILE A CG1 1 
ATOM   596  C CG2 . ILE A 1 93  ? -2.972  2.149   5.152   1.00 18.53 ? 89  ILE A CG2 1 
ATOM   597  C CD1 . ILE A 1 93  ? -4.401  3.282   2.828   1.00 16.34 ? 89  ILE A CD1 1 
ATOM   598  N N   . ASN A 1 94  ? -4.896  1.220   7.962   1.00 21.37 ? 90  ASN A N   1 
ATOM   599  C CA  . ASN A 1 94  ? -4.529  0.117   8.842   1.00 23.28 ? 90  ASN A CA  1 
ATOM   600  C C   . ASN A 1 94  ? -5.673  -0.862  9.023   1.00 22.38 ? 90  ASN A C   1 
ATOM   601  O O   . ASN A 1 94  ? -5.426  -2.032  9.022   1.00 23.23 ? 90  ASN A O   1 
ATOM   602  C CB  . ASN A 1 94  ? -4.051  0.649   10.193  1.00 24.59 ? 90  ASN A CB  1 
ATOM   603  C CG  . ASN A 1 94  ? -2.701  1.293   10.097  1.00 27.68 ? 90  ASN A CG  1 
ATOM   604  O OD1 . ASN A 1 94  ? -1.874  0.915   9.246   1.00 33.77 ? 90  ASN A OD1 1 
ATOM   605  N ND2 . ASN A 1 94  ? -2.448  2.251   10.962  1.00 31.30 ? 90  ASN A ND2 1 
ATOM   606  N N   . GLY A 1 95  ? -6.914  -0.383  9.171   1.00 21.50 ? 91  GLY A N   1 
ATOM   607  C CA  . GLY A 1 95  ? -8.085  -1.272  9.243   1.00 22.14 ? 91  GLY A CA  1 
ATOM   608  C C   . GLY A 1 95  ? -8.234  -2.067  7.935   1.00 23.63 ? 91  GLY A C   1 
ATOM   609  O O   . GLY A 1 95  ? -8.566  -3.255  7.969   1.00 25.22 ? 91  GLY A O   1 
ATOM   610  N N   . TYR A 1 96  ? -8.018  -1.442  6.771   1.00 21.39 ? 92  TYR A N   1 
ATOM   611  C CA  . TYR A 1 96  ? -8.171  -2.179  5.497   1.00 19.32 ? 92  TYR A CA  1 
ATOM   612  C C   . TYR A 1 96  ? -7.112  -3.235  5.361   1.00 18.58 ? 92  TYR A C   1 
ATOM   613  O O   . TYR A 1 96  ? -7.404  -4.291  4.872   1.00 15.80 ? 92  TYR A O   1 
ATOM   614  C CB  . TYR A 1 96  ? -8.043  -1.248  4.273   1.00 18.83 ? 92  TYR A CB  1 
ATOM   615  C CG  . TYR A 1 96  ? -9.107  -0.207  4.226   1.00 20.34 ? 92  TYR A CG  1 
ATOM   616  C CD1 . TYR A 1 96  ? -8.831  1.077   3.716   1.00 22.65 ? 92  TYR A CD1 1 
ATOM   617  C CD2 . TYR A 1 96  ? -10.392 -0.487  4.677   1.00 21.76 ? 92  TYR A CD2 1 
ATOM   618  C CE1 . TYR A 1 96  ? -9.830  2.064   3.622   1.00 22.08 ? 92  TYR A CE1 1 
ATOM   619  C CE2 . TYR A 1 96  ? -11.425 0.508   4.595   1.00 24.95 ? 92  TYR A CE2 1 
ATOM   620  C CZ  . TYR A 1 96  ? -11.115 1.777   4.054   1.00 21.57 ? 92  TYR A CZ  1 
ATOM   621  O OH  . TYR A 1 96  ? -12.078 2.812   4.006   1.00 23.74 ? 92  TYR A OH  1 
ATOM   622  N N   . ILE A 1 97  ? -5.880  -2.924  5.786   1.00 18.15 ? 93  ILE A N   1 
ATOM   623  C CA  . ILE A 1 97  ? -4.798  -3.892  5.783   1.00 19.88 ? 93  ILE A CA  1 
ATOM   624  C C   . ILE A 1 97  ? -5.157  -5.074  6.711   1.00 21.09 ? 93  ILE A C   1 
ATOM   625  O O   . ILE A 1 97  ? -4.915  -6.259  6.349   1.00 21.01 ? 93  ILE A O   1 
ATOM   626  C CB  . ILE A 1 97  ? -3.461  -3.192  6.212   1.00 18.93 ? 93  ILE A CB  1 
ATOM   627  C CG1 . ILE A 1 97  ? -3.002  -2.227  5.079   1.00 20.28 ? 93  ILE A CG1 1 
ATOM   628  C CG2 . ILE A 1 97  ? -2.314  -4.277  6.512   1.00 20.45 ? 93  ILE A CG2 1 
ATOM   629  C CD1 . ILE A 1 97  ? -1.674  -1.423  5.521   1.00 20.31 ? 93  ILE A CD1 1 
ATOM   630  N N   . GLN A 1 98  ? -5.737  -4.802  7.872   1.00 21.30 ? 94  GLN A N   1 
ATOM   631  C CA  . GLN A 1 98  ? -6.051  -5.897  8.809   1.00 23.85 ? 94  GLN A CA  1 
ATOM   632  C C   . GLN A 1 98  ? -7.074  -6.797  8.146   1.00 24.52 ? 94  GLN A C   1 
ATOM   633  O O   . GLN A 1 98  ? -6.912  -8.003  8.169   1.00 24.52 ? 94  GLN A O   1 
ATOM   634  C CB  . GLN A 1 98  ? -6.701  -5.383  10.093  1.00 24.78 ? 94  GLN A CB  1 
ATOM   635  C CG  . GLN A 1 98  ? -5.703  -4.870  11.099  1.00 31.88 ? 94  GLN A CG  1 
ATOM   636  C CD  . GLN A 1 98  ? -6.422  -4.229  12.307  1.00 45.04 ? 94  GLN A CD  1 
ATOM   637  O OE1 . GLN A 1 98  ? -6.211  -3.022  12.594  1.00 50.24 ? 94  GLN A OE1 1 
ATOM   638  N NE2 . GLN A 1 98  ? -7.290  -5.017  13.010  1.00 46.69 ? 94  GLN A NE2 1 
ATOM   639  N N   . LYS A 1 99  ? -8.162  -6.200  7.604   1.00 24.32 ? 95  LYS A N   1 
ATOM   640  C CA  . LYS A 1 99  ? -9.176  -6.986  6.916   1.00 24.03 ? 95  LYS A CA  1 
ATOM   641  C C   . LYS A 1 99  ? -8.724  -7.737  5.713   1.00 23.97 ? 95  LYS A C   1 
ATOM   642  O O   . LYS A 1 99  ? -9.266  -8.839  5.405   1.00 25.58 ? 95  LYS A O   1 
ATOM   643  C CB  . LYS A 1 99  ? -10.353 -6.139  6.505   1.00 25.71 ? 95  LYS A CB  1 
ATOM   644  C CG  . LYS A 1 99  ? -11.125 -5.613  7.701   1.00 30.08 ? 95  LYS A CG  1 
ATOM   645  C CD  . LYS A 1 99  ? -12.448 -5.104  7.190   1.00 36.43 ? 95  LYS A CD  1 
ATOM   646  C CE  . LYS A 1 99  ? -13.547 -5.273  8.248   1.00 45.14 ? 95  LYS A CE  1 
ATOM   647  N NZ  . LYS A 1 99  ? -13.647 -4.264  9.341   1.00 45.15 ? 95  LYS A NZ  1 
ATOM   648  N N   . ILE A 1 100 ? -7.774  -7.185  4.987   1.00 21.67 ? 96  ILE A N   1 
ATOM   649  C CA  . ILE A 1 100 ? -7.313  -7.907  3.837   1.00 21.94 ? 96  ILE A CA  1 
ATOM   650  C C   . ILE A 1 100 ? -6.410  -9.071  4.323   1.00 21.98 ? 96  ILE A C   1 
ATOM   651  O O   . ILE A 1 100 ? -6.415  -10.150 3.729   1.00 22.68 ? 96  ILE A O   1 
ATOM   652  C CB  . ILE A 1 100 ? -6.458  -7.007  2.913   1.00 21.34 ? 96  ILE A CB  1 
ATOM   653  C CG1 . ILE A 1 100 ? -7.350  -5.983  2.190   1.00 21.72 ? 96  ILE A CG1 1 
ATOM   654  C CG2 . ILE A 1 100 ? -5.651  -7.873  1.962   1.00 19.65 ? 96  ILE A CG2 1 
ATOM   655  C CD1 . ILE A 1 100 ? -6.480  -4.833  1.489   1.00 24.22 ? 96  ILE A CD1 1 
ATOM   656  N N   . LYS A 1 101 ? -5.593  -8.851  5.350   1.00 21.54 ? 97  LYS A N   1 
ATOM   657  C CA  . LYS A 1 101 ? -4.658  -9.938  5.810   1.00 22.65 ? 97  LYS A CA  1 
ATOM   658  C C   . LYS A 1 101 ? -5.405  -11.111 6.467   1.00 22.32 ? 97  LYS A C   1 
ATOM   659  O O   . LYS A 1 101 ? -4.988  -12.289 6.373   1.00 24.86 ? 97  LYS A O   1 
ATOM   660  C CB  . LYS A 1 101 ? -3.632  -9.365  6.817   1.00 21.45 ? 97  LYS A CB  1 
ATOM   661  C CG  . LYS A 1 101 ? -2.633  -8.449  6.214   1.00 21.09 ? 97  LYS A CG  1 
ATOM   662  C CD  . LYS A 1 101 ? -1.405  -8.475  7.089   1.00 26.45 ? 97  LYS A CD  1 
ATOM   663  C CE  . LYS A 1 101 ? -0.203  -7.787  6.408   1.00 27.55 ? 97  LYS A CE  1 
ATOM   664  N NZ  . LYS A 1 101 ? 1.064   -8.057  7.206   1.00 24.65 ? 97  LYS A NZ  1 
ATOM   665  N N   . SER A 1 102 ? -6.477  -10.769 7.160   1.00 23.36 ? 98  SER A N   1 
ATOM   666  C CA  . SER A 1 102 ? -7.369  -11.740 7.751   1.00 24.45 ? 98  SER A CA  1 
ATOM   667  C C   . SER A 1 102 ? -8.210  -12.545 6.692   1.00 25.11 ? 98  SER A C   1 
ATOM   668  O O   . SER A 1 102 ? -8.698  -13.657 6.997   1.00 25.53 ? 98  SER A O   1 
ATOM   669  C CB  . SER A 1 102 ? -8.257  -11.065 8.807   1.00 24.97 ? 98  SER A CB  1 
ATOM   670  O OG  . SER A 1 102 ? -9.355  -10.408 8.198   1.00 26.93 ? 98  SER A OG  1 
ATOM   671  N N   . GLY A 1 103 ? -8.411  -12.005 5.476   1.00 25.52 ? 99  GLY A N   1 
ATOM   672  C CA  . GLY A 1 103 ? -9.258  -12.708 4.478   1.00 23.99 ? 99  GLY A CA  1 
ATOM   673  C C   . GLY A 1 103 ? -10.710 -12.314 4.672   1.00 26.45 ? 99  GLY A C   1 
ATOM   674  O O   . GLY A 1 103 ? -11.592 -12.692 3.890   1.00 25.93 ? 99  GLY A O   1 
ATOM   675  N N   . GLU A 1 104 ? -10.981 -11.492 5.664   1.00 27.16 ? 100 GLU A N   1 
ATOM   676  C CA  . GLU A 1 104 ? -12.307 -10.993 5.851   1.00 29.76 ? 100 GLU A CA  1 
ATOM   677  C C   . GLU A 1 104 ? -12.800 -10.214 4.573   1.00 31.14 ? 100 GLU A C   1 
ATOM   678  O O   . GLU A 1 104 ? -13.954 -10.386 4.131   1.00 30.82 ? 100 GLU A O   1 
ATOM   679  C CB  . GLU A 1 104 ? -12.332 -10.114 7.088   1.00 30.23 ? 100 GLU A CB  1 
ATOM   680  C CG  . GLU A 1 104 ? -13.720 -9.528  7.367   1.00 38.89 ? 100 GLU A CG  1 
ATOM   681  C CD  . GLU A 1 104 ? -13.841 -8.974  8.823   1.00 47.40 ? 100 GLU A CD  1 
ATOM   682  O OE1 . GLU A 1 104 ? -12.971 -9.302  9.690   1.00 49.23 ? 100 GLU A OE1 1 
ATOM   683  O OE2 . GLU A 1 104 ? -14.795 -8.182  9.067   1.00 49.24 ? 100 GLU A OE2 1 
ATOM   684  N N   . GLU A 1 105 ? -11.919 -9.408  3.952   1.00 30.92 ? 101 GLU A N   1 
ATOM   685  C CA  . GLU A 1 105 ? -12.272 -8.707  2.701   1.00 31.85 ? 101 GLU A CA  1 
ATOM   686  C C   . GLU A 1 105 ? -11.166 -8.904  1.743   1.00 31.00 ? 101 GLU A C   1 
ATOM   687  O O   . GLU A 1 105 ? -10.020 -9.136  2.157   1.00 32.59 ? 101 GLU A O   1 
ATOM   688  C CB  . GLU A 1 105 ? -12.461 -7.213  2.901   1.00 32.86 ? 101 GLU A CB  1 
ATOM   689  C CG  . GLU A 1 105 ? -13.441 -6.852  3.950   1.00 38.39 ? 101 GLU A CG  1 
ATOM   690  C CD  . GLU A 1 105 ? -14.897 -7.136  3.542   1.00 46.84 ? 101 GLU A CD  1 
ATOM   691  O OE1 . GLU A 1 105 ? -15.764 -7.063  4.450   1.00 52.99 ? 101 GLU A OE1 1 
ATOM   692  O OE2 . GLU A 1 105 ? -15.174 -7.444  2.357   1.00 49.97 ? 101 GLU A OE2 1 
ATOM   693  N N   . ASP A 1 106 ? -11.451 -8.841  0.461   1.00 28.09 ? 102 ASP A N   1 
ATOM   694  C CA  . ASP A 1 106 ? -10.324 -8.864  -0.385  1.00 28.16 ? 102 ASP A CA  1 
ATOM   695  C C   . ASP A 1 106 ? -9.951  -7.471  -0.892  1.00 24.99 ? 102 ASP A C   1 
ATOM   696  O O   . ASP A 1 106 ? -10.719 -6.500  -0.752  1.00 22.48 ? 102 ASP A O   1 
ATOM   697  C CB  . ASP A 1 106 ? -10.400 -9.987  -1.437  1.00 31.75 ? 102 ASP A CB  1 
ATOM   698  C CG  . ASP A 1 106 ? -11.645 -9.953  -2.212  1.00 39.57 ? 102 ASP A CG  1 
ATOM   699  O OD1 . ASP A 1 106 ? -12.367 -10.999 -2.259  1.00 49.07 ? 102 ASP A OD1 1 
ATOM   700  O OD2 . ASP A 1 106 ? -11.906 -8.868  -2.762  1.00 45.13 ? 102 ASP A OD2 1 
ATOM   701  N N   . PHE A 1 107 ? -8.704  -7.374  -1.305  1.00 24.62 ? 103 PHE A N   1 
ATOM   702  C CA  . PHE A 1 107 ? -8.093  -6.099  -1.673  1.00 23.40 ? 103 PHE A CA  1 
ATOM   703  C C   . PHE A 1 107 ? -9.004  -5.405  -2.711  1.00 24.24 ? 103 PHE A C   1 
ATOM   704  O O   . PHE A 1 107 ? -9.307  -4.251  -2.611  1.00 22.94 ? 103 PHE A O   1 
ATOM   705  C CB  . PHE A 1 107 ? -6.704  -6.366  -2.280  1.00 25.02 ? 103 PHE A CB  1 
ATOM   706  C CG  . PHE A 1 107 ? -6.041  -5.127  -2.803  1.00 25.24 ? 103 PHE A CG  1 
ATOM   707  C CD1 . PHE A 1 107 ? -5.247  -4.345  -1.959  1.00 28.47 ? 103 PHE A CD1 1 
ATOM   708  C CD2 . PHE A 1 107 ? -6.297  -4.680  -4.129  1.00 28.97 ? 103 PHE A CD2 1 
ATOM   709  C CE1 . PHE A 1 107 ? -4.680  -3.129  -2.451  1.00 25.99 ? 103 PHE A CE1 1 
ATOM   710  C CE2 . PHE A 1 107 ? -5.759  -3.455  -4.595  1.00 24.52 ? 103 PHE A CE2 1 
ATOM   711  C CZ  . PHE A 1 107 ? -4.972  -2.702  -3.722  1.00 23.22 ? 103 PHE A CZ  1 
ATOM   712  N N   . GLU A 1 108 ? -9.427  -6.158  -3.727  1.00 24.30 ? 104 GLU A N   1 
ATOM   713  C CA  . GLU A 1 108 ? -10.126 -5.565  -4.911  1.00 25.02 ? 104 GLU A CA  1 
ATOM   714  C C   . GLU A 1 108 ? -11.438 -4.952  -4.468  1.00 24.46 ? 104 GLU A C   1 
ATOM   715  O O   . GLU A 1 108 ? -11.896 -3.943  -4.973  1.00 24.17 ? 104 GLU A O   1 
ATOM   716  C CB  . GLU A 1 108 ? -10.464 -6.724  -5.878  1.00 25.86 ? 104 GLU A CB  1 
ATOM   717  C CG  . GLU A 1 108 ? -9.242  -7.226  -6.602  1.00 29.25 ? 104 GLU A CG  1 
ATOM   718  C CD  . GLU A 1 108 ? -8.449  -8.330  -5.875  1.00 32.81 ? 104 GLU A CD  1 
ATOM   719  O OE1 . GLU A 1 108 ? -8.625  -8.601  -4.638  1.00 31.01 ? 104 GLU A OE1 1 
ATOM   720  O OE2 . GLU A 1 108 ? -7.635  -8.932  -6.617  1.00 34.50 ? 104 GLU A OE2 1 
ATOM   721  N N   . SER A 1 109 ? -12.058 -5.622  -3.515  1.00 23.84 ? 105 SER A N   1 
ATOM   722  C CA  . SER A 1 109 ? -13.339 -5.209  -3.039  1.00 24.86 ? 105 SER A CA  1 
ATOM   723  C C   . SER A 1 109 ? -13.225 -3.860  -2.233  1.00 23.05 ? 105 SER A C   1 
ATOM   724  O O   . SER A 1 109 ? -13.997 -2.899  -2.417  1.00 24.23 ? 105 SER A O   1 
ATOM   725  C CB  . SER A 1 109 ? -13.835 -6.304  -2.115  1.00 25.24 ? 105 SER A CB  1 
ATOM   726  O OG  . SER A 1 109 ? -15.038 -5.856  -1.526  1.00 29.54 ? 105 SER A OG  1 
ATOM   727  N N   . LEU A 1 110 ? -12.258 -3.801  -1.329  1.00 22.42 ? 106 LEU A N   1 
ATOM   728  C CA  . LEU A 1 110 ? -11.964 -2.554  -0.569  1.00 21.43 ? 106 LEU A CA  1 
ATOM   729  C C   . LEU A 1 110 ? -11.511 -1.481  -1.543  1.00 20.14 ? 106 LEU A C   1 
ATOM   730  O O   . LEU A 1 110 ? -11.895 -0.331  -1.389  1.00 21.01 ? 106 LEU A O   1 
ATOM   731  C CB  . LEU A 1 110 ? -10.886 -2.827  0.494   1.00 19.74 ? 106 LEU A CB  1 
ATOM   732  C CG  . LEU A 1 110 ? -11.327 -3.855  1.594   1.00 23.80 ? 106 LEU A CG  1 
ATOM   733  C CD1 . LEU A 1 110 ? -10.367 -3.923  2.836   1.00 17.78 ? 106 LEU A CD1 1 
ATOM   734  C CD2 . LEU A 1 110 ? -12.702 -3.367  2.088   1.00 19.92 ? 106 LEU A CD2 1 
ATOM   735  N N   . ALA A 1 111 ? -10.683 -1.813  -2.543  1.00 21.39 ? 107 ALA A N   1 
ATOM   736  C CA  . ALA A 1 111 ? -10.221 -0.750  -3.478  1.00 22.13 ? 107 ALA A CA  1 
ATOM   737  C C   . ALA A 1 111 ? -11.418 -0.162  -4.210  1.00 24.33 ? 107 ALA A C   1 
ATOM   738  O O   . ALA A 1 111 ? -11.526 1.108   -4.321  1.00 22.94 ? 107 ALA A O   1 
ATOM   739  C CB  . ALA A 1 111 ? -9.193  -1.287  -4.466  1.00 22.38 ? 107 ALA A CB  1 
ATOM   740  N N   . SER A 1 112 ? -12.351 -1.057  -4.676  1.00 23.39 ? 108 SER A N   1 
ATOM   741  C CA  . SER A 1 112 ? -13.545 -0.622  -5.444  1.00 23.03 ? 108 SER A CA  1 
ATOM   742  C C   . SER A 1 112 ? -14.458 0.285   -4.628  1.00 23.07 ? 108 SER A C   1 
ATOM   743  O O   . SER A 1 112 ? -14.986 1.260   -5.130  1.00 24.57 ? 108 SER A O   1 
ATOM   744  C CB  . SER A 1 112 ? -14.395 -1.821  -5.937  1.00 20.40 ? 108 SER A CB  1 
ATOM   745  O OG  . SER A 1 112 ? -13.562 -2.672  -6.695  1.00 27.88 ? 108 SER A OG  1 
ATOM   746  N N   . GLN A 1 113 ? -14.647 -0.057  -3.378  1.00 22.35 ? 109 GLN A N   1 
ATOM   747  C CA  . GLN A 1 113 ? -15.473 0.731   -2.493  1.00 22.76 ? 109 GLN A CA  1 
ATOM   748  C C   . GLN A 1 113 ? -14.846 1.999   -1.955  1.00 22.78 ? 109 GLN A C   1 
ATOM   749  O O   . GLN A 1 113 ? -15.511 2.985   -1.867  1.00 23.90 ? 109 GLN A O   1 
ATOM   750  C CB  . GLN A 1 113 ? -15.897 -0.167  -1.354  1.00 23.09 ? 109 GLN A CB  1 
ATOM   751  C CG  . GLN A 1 113 ? -16.886 -1.245  -1.761  1.00 25.30 ? 109 GLN A CG  1 
ATOM   752  C CD  . GLN A 1 113 ? -17.157 -2.199  -0.602  1.00 28.32 ? 109 GLN A CD  1 
ATOM   753  O OE1 . GLN A 1 113 ? -16.553 -3.261  -0.470  1.00 34.71 ? 109 GLN A OE1 1 
ATOM   754  N NE2 . GLN A 1 113 ? -18.049 -1.820  0.206   1.00 24.76 ? 109 GLN A NE2 1 
ATOM   755  N N   . PHE A 1 114 ? -13.581 1.971   -1.572  1.00 22.72 ? 110 PHE A N   1 
ATOM   756  C CA  . PHE A 1 114 ? -13.069 2.943   -0.636  1.00 23.32 ? 110 PHE A CA  1 
ATOM   757  C C   . PHE A 1 114 ? -11.853 3.743   -1.150  1.00 23.14 ? 110 PHE A C   1 
ATOM   758  O O   . PHE A 1 114 ? -11.484 4.694   -0.496  1.00 24.45 ? 110 PHE A O   1 
ATOM   759  C CB  . PHE A 1 114 ? -12.794 2.304   0.741   1.00 22.40 ? 110 PHE A CB  1 
ATOM   760  C CG  . PHE A 1 114 ? -14.001 1.679   1.372   1.00 23.14 ? 110 PHE A CG  1 
ATOM   761  C CD1 . PHE A 1 114 ? -13.985 0.315   1.736   1.00 25.88 ? 110 PHE A CD1 1 
ATOM   762  C CD2 . PHE A 1 114 ? -15.155 2.403   1.575   1.00 22.10 ? 110 PHE A CD2 1 
ATOM   763  C CE1 . PHE A 1 114 ? -15.123 -0.321  2.314   1.00 28.85 ? 110 PHE A CE1 1 
ATOM   764  C CE2 . PHE A 1 114 ? -16.286 1.796   2.143   1.00 22.73 ? 110 PHE A CE2 1 
ATOM   765  C CZ  . PHE A 1 114 ? -16.265 0.429   2.526   1.00 25.99 ? 110 PHE A CZ  1 
ATOM   766  N N   . SER A 1 115 ? -11.277 3.400   -2.303  1.00 21.97 ? 111 SER A N   1 
ATOM   767  C CA  . SER A 1 115 ? -10.072 4.081   -2.764  1.00 21.67 ? 111 SER A CA  1 
ATOM   768  C C   . SER A 1 115 ? -10.494 5.469   -3.311  1.00 23.48 ? 111 SER A C   1 
ATOM   769  O O   . SER A 1 115 ? -11.460 5.575   -4.050  1.00 21.69 ? 111 SER A O   1 
ATOM   770  C CB  . SER A 1 115 ? -9.368  3.279   -3.858  1.00 19.53 ? 111 SER A CB  1 
ATOM   771  O OG  . SER A 1 115 ? -8.213  3.990   -4.294  1.00 20.47 ? 111 SER A OG  1 
ATOM   772  N N   . ASP A 1 116 ? -9.754  6.499   -2.918  1.00 24.41 ? 112 ASP A N   1 
ATOM   773  C CA  . ASP A 1 116 ? -9.989  7.892   -3.375  1.00 25.23 ? 112 ASP A CA  1 
ATOM   774  C C   . ASP A 1 116 ? -9.297  8.097   -4.705  1.00 27.01 ? 112 ASP A C   1 
ATOM   775  O O   . ASP A 1 116 ? -8.999  9.204   -5.073  1.00 28.55 ? 112 ASP A O   1 
ATOM   776  C CB  . ASP A 1 116 ? -9.447  8.880   -2.336  1.00 23.03 ? 112 ASP A CB  1 
ATOM   777  C CG  . ASP A 1 116 ? -10.356 9.042   -1.145  1.00 25.39 ? 112 ASP A CG  1 
ATOM   778  O OD1 . ASP A 1 116 ? -11.555 9.262   -1.361  1.00 27.78 ? 112 ASP A OD1 1 
ATOM   779  O OD2 . ASP A 1 116 ? -9.884  8.982   0.009   1.00 26.24 ? 112 ASP A OD2 1 
ATOM   780  N N   . CYS A 1 117 ? -9.015  7.024   -5.433  1.00 27.87 ? 113 CYS A N   1 
ATOM   781  C CA  . CYS A 1 117 ? -8.392  7.168   -6.750  1.00 27.12 ? 113 CYS A CA  1 
ATOM   782  C C   . CYS A 1 117 ? -9.405  6.731   -7.811  1.00 26.95 ? 113 CYS A C   1 
ATOM   783  O O   . CYS A 1 117 ? -10.207 5.885   -7.523  1.00 26.39 ? 113 CYS A O   1 
ATOM   784  C CB  . CYS A 1 117 ? -7.178  6.276   -6.801  1.00 25.81 ? 113 CYS A CB  1 
ATOM   785  S SG  . CYS A 1 117 ? -6.339  6.193   -8.414  1.00 27.43 ? 113 CYS A SG  1 
ATOM   786  N N   . SER A 1 118 ? -9.388  7.325   -9.009  1.00 26.87 ? 114 SER A N   1 
ATOM   787  C CA  . SER A 1 118 ? -10.299 6.951   -10.084 1.00 27.54 ? 114 SER A CA  1 
ATOM   788  C C   . SER A 1 118 ? -10.086 5.465   -10.503 1.00 27.12 ? 114 SER A C   1 
ATOM   789  O O   . SER A 1 118 ? -10.992 4.825   -11.108 1.00 25.89 ? 114 SER A O   1 
ATOM   790  C CB  . SER A 1 118 ? -10.108 7.908   -11.279 1.00 28.56 ? 114 SER A CB  1 
ATOM   791  O OG  . SER A 1 118 ? -8.707  8.059   -11.621 1.00 35.88 ? 114 SER A OG  1 
ATOM   792  N N   . SER A 1 119 ? -8.920  4.897   -10.148 1.00 25.63 ? 115 SER A N   1 
ATOM   793  C CA  . SER A 1 119 ? -8.640  3.482   -10.477 1.00 24.35 ? 115 SER A CA  1 
ATOM   794  C C   . SER A 1 119 ? -9.482  2.563   -9.633  1.00 23.42 ? 115 SER A C   1 
ATOM   795  O O   . SER A 1 119 ? -9.493  1.399   -9.918  1.00 23.89 ? 115 SER A O   1 
ATOM   796  C CB  . SER A 1 119 ? -7.190  3.150   -10.270 1.00 23.07 ? 115 SER A CB  1 
ATOM   797  O OG  . SER A 1 119 ? -6.905  3.439   -8.920  1.00 27.30 ? 115 SER A OG  1 
ATOM   798  N N   . ALA A 1 120 ? -10.220 3.075   -8.635  1.00 22.81 ? 116 ALA A N   1 
ATOM   799  C CA  . ALA A 1 120 ? -11.173 2.253   -7.858  1.00 21.89 ? 116 ALA A CA  1 
ATOM   800  C C   . ALA A 1 120 ? -12.119 1.471   -8.789  1.00 22.13 ? 116 ALA A C   1 
ATOM   801  O O   . ALA A 1 120 ? -12.395 0.304   -8.522  1.00 19.77 ? 116 ALA A O   1 
ATOM   802  C CB  . ALA A 1 120 ? -11.990 3.124   -6.957  1.00 22.96 ? 116 ALA A CB  1 
ATOM   803  N N   . LYS A 1 121 ? -12.551 2.124   -9.889  1.00 20.41 ? 117 LYS A N   1 
ATOM   804  C CA  . LYS A 1 121 ? -13.480 1.539   -10.890 1.00 22.63 ? 117 LYS A CA  1 
ATOM   805  C C   . LYS A 1 121 ? -12.878 0.301   -11.540 1.00 21.33 ? 117 LYS A C   1 
ATOM   806  O O   . LYS A 1 121 ? -13.608 -0.517  -12.111 1.00 19.79 ? 117 LYS A O   1 
ATOM   807  C CB  . LYS A 1 121 ? -13.685 2.521   -12.081 1.00 22.70 ? 117 LYS A CB  1 
ATOM   808  C CG  . LYS A 1 121 ? -14.407 3.796   -11.715 1.00 33.57 ? 117 LYS A CG  1 
ATOM   809  C CD  . LYS A 1 121 ? -15.720 3.466   -11.056 1.00 41.97 ? 117 LYS A CD  1 
ATOM   810  C CE  . LYS A 1 121 ? -16.923 4.385   -11.542 1.00 46.83 ? 117 LYS A CE  1 
ATOM   811  N NZ  . LYS A 1 121 ? -16.820 5.736   -10.876 1.00 47.95 ? 117 LYS A NZ  1 
ATOM   812  N N   . ALA A 1 122 ? -11.550 0.269   -11.597 1.00 18.46 ? 118 ALA A N   1 
ATOM   813  C CA  . ALA A 1 122 ? -10.848 -0.898  -12.086 1.00 20.92 ? 118 ALA A CA  1 
ATOM   814  C C   . ALA A 1 122 ? -10.262 -1.791  -10.976 1.00 21.16 ? 118 ALA A C   1 
ATOM   815  O O   . ALA A 1 122 ? -9.203  -2.374  -11.214 1.00 21.24 ? 118 ALA A O   1 
ATOM   816  C CB  . ALA A 1 122 ? -9.761  -0.467  -12.997 1.00 20.24 ? 118 ALA A CB  1 
ATOM   817  N N   . ARG A 1 123 ? -10.919 -1.875  -9.812  1.00 21.40 ? 119 ARG A N   1 
ATOM   818  C CA  . ARG A 1 123 ? -10.420 -2.684  -8.636  1.00 20.84 ? 119 ARG A CA  1 
ATOM   819  C C   . ARG A 1 123 ? -9.003  -2.250  -8.188  1.00 21.03 ? 119 ARG A C   1 
ATOM   820  O O   . ARG A 1 123 ? -8.260  -3.060  -7.651  1.00 20.73 ? 119 ARG A O   1 
ATOM   821  C CB  . ARG A 1 123 ? -10.420 -4.188  -8.896  1.00 22.40 ? 119 ARG A CB  1 
ATOM   822  C CG  . ARG A 1 123 ? -11.832 -4.740  -9.279  1.00 23.80 ? 119 ARG A CG  1 
ATOM   823  C CD  . ARG A 1 123 ? -11.781 -6.246  -9.785  1.00 23.05 ? 119 ARG A CD  1 
ATOM   824  N NE  . ARG A 1 123 ? -13.211 -6.647  -9.681  1.00 34.70 ? 119 ARG A NE  1 
ATOM   825  C CZ  . ARG A 1 123 ? -13.726 -7.760  -9.082  1.00 41.12 ? 119 ARG A CZ  1 
ATOM   826  N NH1 . ARG A 1 123 ? -12.903 -8.688  -8.488  1.00 37.84 ? 119 ARG A NH1 1 
ATOM   827  N NH2 . ARG A 1 123 ? -15.088 -7.932  -9.062  1.00 39.23 ? 119 ARG A NH2 1 
ATOM   828  N N   . GLY A 1 124 ? -8.660  -0.983  -8.421  1.00 21.78 ? 120 GLY A N   1 
ATOM   829  C CA  . GLY A 1 124 ? -7.357  -0.400  -8.021  1.00 21.44 ? 120 GLY A CA  1 
ATOM   830  C C   . GLY A 1 124 ? -6.249  -0.600  -9.015  1.00 22.54 ? 120 GLY A C   1 
ATOM   831  O O   . GLY A 1 124 ? -5.157  -0.069  -8.836  1.00 22.86 ? 120 GLY A O   1 
ATOM   832  N N   . ASP A 1 125 ? -6.496  -1.364  -10.079 1.00 22.49 ? 121 ASP A N   1 
ATOM   833  C CA  . ASP A 1 125 ? -5.429  -1.681  -11.062 1.00 23.57 ? 121 ASP A CA  1 
ATOM   834  C C   . ASP A 1 125 ? -4.899  -0.461  -11.842 1.00 24.44 ? 121 ASP A C   1 
ATOM   835  O O   . ASP A 1 125 ? -5.667  0.233   -12.457 1.00 23.36 ? 121 ASP A O   1 
ATOM   836  C CB  . ASP A 1 125 ? -5.914  -2.784  -12.047 1.00 24.51 ? 121 ASP A CB  1 
ATOM   837  C CG  . ASP A 1 125 ? -4.885  -3.098  -13.111 1.00 28.01 ? 121 ASP A CG  1 
ATOM   838  O OD1 . ASP A 1 125 ? -3.673  -3.159  -12.835 1.00 25.99 ? 121 ASP A OD1 1 
ATOM   839  O OD2 . ASP A 1 125 ? -5.308  -3.286  -14.287 1.00 33.21 ? 121 ASP A OD2 1 
ATOM   840  N N   . LEU A 1 126 ? -3.577  -0.239  -11.789 1.00 23.28 ? 122 LEU A N   1 
ATOM   841  C CA  . LEU A 1 126 ? -2.924  0.905   -12.464 1.00 24.00 ? 122 LEU A CA  1 
ATOM   842  C C   . LEU A 1 126 ? -2.283  0.448   -13.774 1.00 25.08 ? 122 LEU A C   1 
ATOM   843  O O   . LEU A 1 126 ? -1.775  1.264   -14.510 1.00 26.37 ? 122 LEU A O   1 
ATOM   844  C CB  . LEU A 1 126 ? -1.836  1.579   -11.562 1.00 23.29 ? 122 LEU A CB  1 
ATOM   845  C CG  . LEU A 1 126 ? -2.360  2.122   -10.223 1.00 22.60 ? 122 LEU A CG  1 
ATOM   846  C CD1 . LEU A 1 126 ? -1.233  2.651   -9.317  1.00 26.99 ? 122 LEU A CD1 1 
ATOM   847  C CD2 . LEU A 1 126 ? -3.440  3.225   -10.443 1.00 21.20 ? 122 LEU A CD2 1 
ATOM   848  N N   . GLY A 1 127 ? -2.304  -0.855  -14.071 1.00 25.93 ? 123 GLY A N   1 
ATOM   849  C CA  . GLY A 1 127 ? -1.520  -1.396  -15.200 1.00 23.54 ? 123 GLY A CA  1 
ATOM   850  C C   . GLY A 1 127 ? -0.018  -1.427  -14.931 1.00 25.58 ? 123 GLY A C   1 
ATOM   851  O O   . GLY A 1 127 ? 0.447   -1.237  -13.782 1.00 24.81 ? 123 GLY A O   1 
ATOM   852  N N   . ALA A 1 128 ? 0.747   -1.718  -15.970 1.00 23.91 ? 124 ALA A N   1 
ATOM   853  C CA  . ALA A 1 128 ? 2.200   -1.999  -15.862 1.00 27.43 ? 124 ALA A CA  1 
ATOM   854  C C   . ALA A 1 128 ? 2.911   -0.658  -16.007 1.00 27.96 ? 124 ALA A C   1 
ATOM   855  O O   . ALA A 1 128 ? 2.370   0.230   -16.612 1.00 30.83 ? 124 ALA A O   1 
ATOM   856  C CB  . ALA A 1 128 ? 2.656   -2.998  -16.929 1.00 26.47 ? 124 ALA A CB  1 
ATOM   857  N N   . PHE A 1 129 ? 4.051   -0.470  -15.359 1.00 28.92 ? 125 PHE A N   1 
ATOM   858  C CA  . PHE A 1 129 ? 4.781   0.801   -15.459 1.00 30.37 ? 125 PHE A CA  1 
ATOM   859  C C   . PHE A 1 129 ? 6.225   0.486   -15.255 1.00 30.84 ? 125 PHE A C   1 
ATOM   860  O O   . PHE A 1 129 ? 6.595   -0.588  -14.751 1.00 31.81 ? 125 PHE A O   1 
ATOM   861  C CB  . PHE A 1 129 ? 4.273   1.897   -14.477 1.00 30.50 ? 125 PHE A CB  1 
ATOM   862  C CG  . PHE A 1 129 ? 4.172   1.435   -13.005 1.00 30.39 ? 125 PHE A CG  1 
ATOM   863  C CD1 . PHE A 1 129 ? 5.308   1.470   -12.153 1.00 28.87 ? 125 PHE A CD1 1 
ATOM   864  C CD2 . PHE A 1 129 ? 2.958   0.938   -12.492 1.00 28.84 ? 125 PHE A CD2 1 
ATOM   865  C CE1 . PHE A 1 129 ? 5.231   0.999   -10.762 1.00 30.83 ? 125 PHE A CE1 1 
ATOM   866  C CE2 . PHE A 1 129 ? 2.867   0.485   -11.142 1.00 32.46 ? 125 PHE A CE2 1 
ATOM   867  C CZ  . PHE A 1 129 ? 4.029   0.527   -10.271 1.00 27.40 ? 125 PHE A CZ  1 
ATOM   868  N N   . SER A 1 130 ? 7.090   1.389   -15.650 1.00 32.34 ? 126 SER A N   1 
ATOM   869  C CA  . SER A 1 130 ? 8.496   1.044   -15.436 1.00 33.45 ? 126 SER A CA  1 
ATOM   870  C C   . SER A 1 130 ? 9.003   2.125   -14.500 1.00 32.95 ? 126 SER A C   1 
ATOM   871  O O   . SER A 1 130 ? 8.259   3.067   -14.151 1.00 32.16 ? 126 SER A O   1 
ATOM   872  C CB  . SER A 1 130 ? 9.226   1.023   -16.783 1.00 34.58 ? 126 SER A CB  1 
ATOM   873  O OG  . SER A 1 130 ? 9.327   2.369   -17.154 1.00 35.09 ? 126 SER A OG  1 
ATOM   874  N N   . ARG A 1 131 ? 10.263  2.036   -14.093 1.00 33.93 ? 127 ARG A N   1 
ATOM   875  C CA  . ARG A 1 131 ? 10.816  3.177   -13.308 1.00 34.19 ? 127 ARG A CA  1 
ATOM   876  C C   . ARG A 1 131 ? 10.854  4.476   -14.138 1.00 36.35 ? 127 ARG A C   1 
ATOM   877  O O   . ARG A 1 131 ? 10.983  4.431   -15.373 1.00 36.96 ? 127 ARG A O   1 
ATOM   878  C CB  . ARG A 1 131 ? 12.171  2.847   -12.690 1.00 34.46 ? 127 ARG A CB  1 
ATOM   879  C CG  . ARG A 1 131 ? 12.103  1.900   -11.482 1.00 31.67 ? 127 ARG A CG  1 
ATOM   880  C CD  . ARG A 1 131 ? 13.408  1.944   -10.796 1.00 31.70 ? 127 ARG A CD  1 
ATOM   881  N NE  . ARG A 1 131 ? 13.577  0.954   -9.725  1.00 32.58 ? 127 ARG A NE  1 
ATOM   882  C CZ  . ARG A 1 131 ? 13.315  1.170   -8.432  1.00 29.73 ? 127 ARG A CZ  1 
ATOM   883  N NH1 . ARG A 1 131 ? 12.824  2.324   -8.039  1.00 26.00 ? 127 ARG A NH1 1 
ATOM   884  N NH2 . ARG A 1 131 ? 13.538  0.202   -7.546  1.00 29.33 ? 127 ARG A NH2 1 
ATOM   885  N N   . GLY A 1 132 ? 10.712  5.603   -13.455 1.00 35.83 ? 128 GLY A N   1 
ATOM   886  C CA  . GLY A 1 132 ? 10.669  6.896   -14.062 1.00 38.03 ? 128 GLY A CA  1 
ATOM   887  C C   . GLY A 1 132 ? 9.270   7.482   -14.234 1.00 40.20 ? 128 GLY A C   1 
ATOM   888  O O   . GLY A 1 132 ? 9.137   8.536   -14.845 1.00 40.68 ? 128 GLY A O   1 
ATOM   889  N N   . GLN A 1 133 ? 8.210   6.819   -13.743 1.00 40.60 ? 129 GLN A N   1 
ATOM   890  C CA  . GLN A 1 133 ? 6.813   7.309   -13.998 1.00 41.10 ? 129 GLN A CA  1 
ATOM   891  C C   . GLN A 1 133 ? 5.976   7.739   -12.814 1.00 41.75 ? 129 GLN A C   1 
ATOM   892  O O   . GLN A 1 133 ? 5.146   8.631   -12.990 1.00 42.41 ? 129 GLN A O   1 
ATOM   893  C CB  . GLN A 1 133 ? 5.947   6.280   -14.710 1.00 41.09 ? 129 GLN A CB  1 
ATOM   894  C CG  . GLN A 1 133 ? 6.540   5.626   -15.942 1.00 43.08 ? 129 GLN A CG  1 
ATOM   895  C CD  . GLN A 1 133 ? 5.508   4.667   -16.557 1.00 41.98 ? 129 GLN A CD  1 
ATOM   896  O OE1 . GLN A 1 133 ? 5.853   3.609   -17.096 1.00 34.76 ? 129 GLN A OE1 1 
ATOM   897  N NE2 . GLN A 1 133 ? 4.222   5.032   -16.431 1.00 48.08 ? 129 GLN A NE2 1 
ATOM   898  N N   . MET A 1 134 ? 6.111   7.067   -11.654 1.00 40.61 ? 130 MET A N   1 
ATOM   899  C CA  . MET A 1 134 ? 5.196   7.272   -10.521 1.00 39.90 ? 130 MET A CA  1 
ATOM   900  C C   . MET A 1 134 ? 5.922   8.161   -9.507  1.00 38.65 ? 130 MET A C   1 
ATOM   901  O O   . MET A 1 134 ? 7.118   8.258   -9.578  1.00 37.46 ? 130 MET A O   1 
ATOM   902  C CB  . MET A 1 134 ? 4.825   5.886   -9.870  1.00 40.77 ? 130 MET A CB  1 
ATOM   903  C CG  . MET A 1 134 ? 4.011   4.870   -10.747 1.00 40.97 ? 130 MET A CG  1 
ATOM   904  S SD  . MET A 1 134 ? 2.381   5.511   -11.318 1.00 45.62 ? 130 MET A SD  1 
ATOM   905  C CE  . MET A 1 134 ? 1.724   4.345   -12.555 1.00 47.64 ? 130 MET A CE  1 
ATOM   906  N N   . GLN A 1 135 ? 5.244   8.764   -8.531  1.00 37.20 ? 131 GLN A N   1 
ATOM   907  C CA  . GLN A 1 135 ? 6.031   9.342   -7.425  1.00 37.45 ? 131 GLN A CA  1 
ATOM   908  C C   . GLN A 1 135 ? 6.987   8.303   -6.819  1.00 35.56 ? 131 GLN A C   1 
ATOM   909  O O   . GLN A 1 135 ? 6.662   7.131   -6.709  1.00 35.05 ? 131 GLN A O   1 
ATOM   910  C CB  . GLN A 1 135 ? 5.152   9.864   -6.287  1.00 39.15 ? 131 GLN A CB  1 
ATOM   911  C CG  . GLN A 1 135 ? 3.899   10.628  -6.707  1.00 42.68 ? 131 GLN A CG  1 
ATOM   912  C CD  . GLN A 1 135 ? 3.381   11.583  -5.601  1.00 50.10 ? 131 GLN A CD  1 
ATOM   913  O OE1 . GLN A 1 135 ? 4.151   11.960  -4.649  1.00 51.69 ? 131 GLN A OE1 1 
ATOM   914  N NE2 . GLN A 1 135 ? 2.093   11.975  -5.708  1.00 41.73 ? 131 GLN A NE2 1 
ATOM   915  N N   . LYS A 1 136 ? 8.139   8.754   -6.339  1.00 34.46 ? 132 LYS A N   1 
ATOM   916  C CA  . LYS A 1 136 ? 9.204   7.857   -5.929  1.00 31.97 ? 132 LYS A CA  1 
ATOM   917  C C   . LYS A 1 136 ? 8.855   6.870   -4.773  1.00 30.95 ? 132 LYS A C   1 
ATOM   918  O O   . LYS A 1 136 ? 9.262   5.670   -4.821  1.00 31.37 ? 132 LYS A O   1 
ATOM   919  C CB  . LYS A 1 136 ? 10.479  8.701   -5.655  1.00 33.10 ? 132 LYS A CB  1 
ATOM   920  C CG  . LYS A 1 136 ? 11.786  7.932   -5.820  1.00 34.55 ? 132 LYS A CG  1 
ATOM   921  C CD  . LYS A 1 136 ? 12.020  7.303   -7.200  1.00 40.41 ? 132 LYS A CD  1 
ATOM   922  C CE  . LYS A 1 136 ? 12.652  8.229   -8.265  1.00 44.05 ? 132 LYS A CE  1 
ATOM   923  N NZ  . LYS A 1 136 ? 12.993  7.395   -9.519  1.00 44.47 ? 132 LYS A NZ  1 
ATOM   924  N N   . PRO A 1 137 ? 8.132   7.340   -3.722  1.00 28.12 ? 133 PRO A N   1 
ATOM   925  C CA  . PRO A 1 137 ? 7.901   6.342   -2.700  1.00 27.66 ? 133 PRO A CA  1 
ATOM   926  C C   . PRO A 1 137 ? 7.002   5.186   -3.207  1.00 26.99 ? 133 PRO A C   1 
ATOM   927  O O   . PRO A 1 137 ? 7.215   4.046   -2.803  1.00 26.75 ? 133 PRO A O   1 
ATOM   928  C CB  . PRO A 1 137 ? 7.151   7.117   -1.602  1.00 28.12 ? 133 PRO A CB  1 
ATOM   929  C CG  . PRO A 1 137 ? 7.483   8.572   -1.824  1.00 29.39 ? 133 PRO A CG  1 
ATOM   930  C CD  . PRO A 1 137 ? 7.535   8.643   -3.369  1.00 29.22 ? 133 PRO A CD  1 
ATOM   931  N N   . PHE A 1 138 ? 6.024   5.527   -4.048  1.00 25.15 ? 134 PHE A N   1 
ATOM   932  C CA  . PHE A 1 138 ? 5.146   4.570   -4.696  1.00 23.22 ? 134 PHE A CA  1 
ATOM   933  C C   . PHE A 1 138 ? 5.970   3.641   -5.581  1.00 24.00 ? 134 PHE A C   1 
ATOM   934  O O   . PHE A 1 138 ? 5.849   2.403   -5.487  1.00 22.32 ? 134 PHE A O   1 
ATOM   935  C CB  . PHE A 1 138 ? 4.046   5.283   -5.496  1.00 21.91 ? 134 PHE A CB  1 
ATOM   936  C CG  . PHE A 1 138 ? 2.969   4.342   -5.971  1.00 21.25 ? 134 PHE A CG  1 
ATOM   937  C CD1 . PHE A 1 138 ? 1.759   4.239   -5.272  1.00 20.96 ? 134 PHE A CD1 1 
ATOM   938  C CD2 . PHE A 1 138 ? 3.187   3.497   -7.061  1.00 20.74 ? 134 PHE A CD2 1 
ATOM   939  C CE1 . PHE A 1 138 ? 0.727   3.332   -5.728  1.00 21.14 ? 134 PHE A CE1 1 
ATOM   940  C CE2 . PHE A 1 138 ? 2.173   2.581   -7.461  1.00 18.67 ? 134 PHE A CE2 1 
ATOM   941  C CZ  . PHE A 1 138 ? 0.970   2.506   -6.763  1.00 17.20 ? 134 PHE A CZ  1 
ATOM   942  N N   . GLU A 1 139 ? 6.846   4.221   -6.413  1.00 23.83 ? 135 GLU A N   1 
ATOM   943  C CA  . GLU A 1 139 ? 7.633   3.410   -7.316  1.00 24.11 ? 135 GLU A CA  1 
ATOM   944  C C   . GLU A 1 139 ? 8.593   2.499   -6.575  1.00 24.48 ? 135 GLU A C   1 
ATOM   945  O O   . GLU A 1 139 ? 8.779   1.320   -6.933  1.00 23.65 ? 135 GLU A O   1 
ATOM   946  C CB  . GLU A 1 139 ? 8.501   4.318   -8.193  1.00 22.91 ? 135 GLU A CB  1 
ATOM   947  C CG  . GLU A 1 139 ? 9.496   3.588   -9.065  1.00 26.26 ? 135 GLU A CG  1 
ATOM   948  C CD  . GLU A 1 139 ? 10.419  4.602   -9.780  1.00 29.31 ? 135 GLU A CD  1 
ATOM   949  O OE1 . GLU A 1 139 ? 9.863   5.501   -10.474 1.00 30.94 ? 135 GLU A OE1 1 
ATOM   950  O OE2 . GLU A 1 139 ? 11.667  4.570   -9.521  1.00 28.52 ? 135 GLU A OE2 1 
ATOM   951  N N   . ASP A 1 140 ? 9.342   3.064   -5.620  1.00 23.06 ? 136 ASP A N   1 
ATOM   952  C CA  . ASP A 1 140 ? 10.247  2.217   -4.874  1.00 23.14 ? 136 ASP A CA  1 
ATOM   953  C C   . ASP A 1 140 ? 9.513   1.079   -4.202  1.00 21.85 ? 136 ASP A C   1 
ATOM   954  O O   . ASP A 1 140 ? 9.958   -0.064  -4.218  1.00 21.65 ? 136 ASP A O   1 
ATOM   955  C CB  . ASP A 1 140 ? 11.030  3.025   -3.806  1.00 23.96 ? 136 ASP A CB  1 
ATOM   956  C CG  . ASP A 1 140 ? 12.113  3.933   -4.439  1.00 28.40 ? 136 ASP A CG  1 
ATOM   957  O OD1 . ASP A 1 140 ? 12.558  3.732   -5.607  1.00 27.45 ? 136 ASP A OD1 1 
ATOM   958  O OD2 . ASP A 1 140 ? 12.505  4.854   -3.730  1.00 31.34 ? 136 ASP A OD2 1 
ATOM   959  N N   . ALA A 1 141 ? 8.423   1.369   -3.543  1.00 22.07 ? 137 ALA A N   1 
ATOM   960  C CA  . ALA A 1 141 ? 7.719   0.248   -2.898  1.00 20.76 ? 137 ALA A CA  1 
ATOM   961  C C   . ALA A 1 141 ? 7.256   -0.800  -3.966  1.00 21.29 ? 137 ALA A C   1 
ATOM   962  O O   . ALA A 1 141 ? 7.402   -2.029  -3.753  1.00 22.81 ? 137 ALA A O   1 
ATOM   963  C CB  . ALA A 1 141 ? 6.470   0.826   -2.157  1.00 20.16 ? 137 ALA A CB  1 
ATOM   964  N N   . SER A 1 142 ? 6.682   -0.326  -5.096  1.00 22.19 ? 138 SER A N   1 
ATOM   965  C CA  . SER A 1 142 ? 6.240   -1.252  -6.183  1.00 22.93 ? 138 SER A CA  1 
ATOM   966  C C   . SER A 1 142 ? 7.349   -2.181  -6.614  1.00 24.60 ? 138 SER A C   1 
ATOM   967  O O   . SER A 1 142 ? 7.140   -3.414  -6.713  1.00 24.05 ? 138 SER A O   1 
ATOM   968  C CB  . SER A 1 142 ? 5.733   -0.442  -7.375  1.00 20.81 ? 138 SER A CB  1 
ATOM   969  O OG  . SER A 1 142 ? 4.549   0.270   -6.965  1.00 19.75 ? 138 SER A OG  1 
ATOM   970  N N   . PHE A 1 143 ? 8.547   -1.619  -6.827  1.00 25.48 ? 139 PHE A N   1 
ATOM   971  C CA  . PHE A 1 143 ? 9.636   -2.455  -7.322  1.00 26.63 ? 139 PHE A CA  1 
ATOM   972  C C   . PHE A 1 143 ? 10.259  -3.381  -6.281  1.00 28.26 ? 139 PHE A C   1 
ATOM   973  O O   . PHE A 1 143 ? 10.956  -4.348  -6.646  1.00 31.01 ? 139 PHE A O   1 
ATOM   974  C CB  . PHE A 1 143 ? 10.699  -1.608  -8.079  1.00 27.12 ? 139 PHE A CB  1 
ATOM   975  C CG  . PHE A 1 143 ? 10.241  -1.226  -9.492  1.00 27.11 ? 139 PHE A CG  1 
ATOM   976  C CD1 . PHE A 1 143 ? 9.404   -0.164  -9.677  1.00 26.95 ? 139 PHE A CD1 1 
ATOM   977  C CD2 . PHE A 1 143 ? 10.557  -2.039  -10.582 1.00 26.88 ? 139 PHE A CD2 1 
ATOM   978  C CE1 . PHE A 1 143 ? 8.914   0.187   -10.973 1.00 28.05 ? 139 PHE A CE1 1 
ATOM   979  C CE2 . PHE A 1 143 ? 10.077  -1.740  -11.891 1.00 29.40 ? 139 PHE A CE2 1 
ATOM   980  C CZ  . PHE A 1 143 ? 9.253   -0.610  -12.085 1.00 27.90 ? 139 PHE A CZ  1 
ATOM   981  N N   . ALA A 1 144 ? 10.046  -3.099  -5.001  1.00 27.43 ? 140 ALA A N   1 
ATOM   982  C CA  . ALA A 1 144 ? 10.622  -3.930  -3.922  1.00 26.39 ? 140 ALA A CA  1 
ATOM   983  C C   . ALA A 1 144 ? 9.665   -5.047  -3.467  1.00 25.47 ? 140 ALA A C   1 
ATOM   984  O O   . ALA A 1 144 ? 10.067  -5.959  -2.753  1.00 25.63 ? 140 ALA A O   1 
ATOM   985  C CB  . ALA A 1 144 ? 11.060  -3.034  -2.739  1.00 25.75 ? 140 ALA A CB  1 
ATOM   986  N N   . LEU A 1 145 ? 8.411   -4.990  -3.892  1.00 25.63 ? 141 LEU A N   1 
ATOM   987  C CA  . LEU A 1 145 ? 7.435   -6.040  -3.584  1.00 25.76 ? 141 LEU A CA  1 
ATOM   988  C C   . LEU A 1 145 ? 7.716   -7.220  -4.510  1.00 27.96 ? 141 LEU A C   1 
ATOM   989  O O   . LEU A 1 145 ? 8.205   -7.038  -5.638  1.00 29.18 ? 141 LEU A O   1 
ATOM   990  C CB  . LEU A 1 145 ? 6.016   -5.580  -3.866  1.00 25.22 ? 141 LEU A CB  1 
ATOM   991  C CG  . LEU A 1 145 ? 5.397   -4.566  -2.907  1.00 23.36 ? 141 LEU A CG  1 
ATOM   992  C CD1 . LEU A 1 145 ? 4.100   -3.905  -3.538  1.00 22.18 ? 141 LEU A CD1 1 
ATOM   993  C CD2 . LEU A 1 145 ? 5.111   -5.249  -1.583  1.00 20.21 ? 141 LEU A CD2 1 
ATOM   994  N N   . ARG A 1 146 ? 7.470   -8.413  -4.008  1.00 27.87 ? 142 ARG A N   1 
ATOM   995  C CA  . ARG A 1 146 ? 7.491   -9.623  -4.823  1.00 30.32 ? 142 ARG A CA  1 
ATOM   996  C C   . ARG A 1 146 ? 6.113   -9.758  -5.526  1.00 29.87 ? 142 ARG A C   1 
ATOM   997  O O   . ARG A 1 146 ? 5.121   -9.179  -5.067  1.00 27.81 ? 142 ARG A O   1 
ATOM   998  C CB  . ARG A 1 146 ? 7.765   -10.818 -3.892  1.00 29.47 ? 142 ARG A CB  1 
ATOM   999  C CG  . ARG A 1 146 ? 9.157   -10.722 -3.175  1.00 36.21 ? 142 ARG A CG  1 
ATOM   1000 C CD  . ARG A 1 146 ? 9.146   -11.736 -2.038  1.00 48.00 ? 142 ARG A CD  1 
ATOM   1001 N NE  . ARG A 1 146 ? 8.407   -11.198 -0.881  1.00 57.27 ? 142 ARG A NE  1 
ATOM   1002 C CZ  . ARG A 1 146 ? 8.097   -11.861 0.240   1.00 60.43 ? 142 ARG A CZ  1 
ATOM   1003 N NH1 . ARG A 1 146 ? 8.384   -13.164 0.381   1.00 63.78 ? 142 ARG A NH1 1 
ATOM   1004 N NH2 . ARG A 1 146 ? 7.459   -11.229 1.219   1.00 56.87 ? 142 ARG A NH2 1 
ATOM   1005 N N   . THR A 1 147 ? 6.038   -10.509 -6.631  1.00 31.15 ? 143 THR A N   1 
ATOM   1006 C CA  . THR A 1 147 ? 4.768   -10.673 -7.312  1.00 31.84 ? 143 THR A CA  1 
ATOM   1007 C C   . THR A 1 147 ? 3.782   -11.246 -6.310  1.00 31.83 ? 143 THR A C   1 
ATOM   1008 O O   . THR A 1 147 ? 4.106   -12.223 -5.632  1.00 32.33 ? 143 THR A O   1 
ATOM   1009 C CB  . THR A 1 147 ? 4.951   -11.668 -8.432  1.00 33.93 ? 143 THR A CB  1 
ATOM   1010 O OG1 . THR A 1 147 ? 5.802   -11.062 -9.379  1.00 36.12 ? 143 THR A OG1 1 
ATOM   1011 C CG2 . THR A 1 147 ? 3.622   -12.010 -9.075  1.00 34.34 ? 143 THR A CG2 1 
ATOM   1012 N N   . GLY A 1 148 ? 2.598   -10.637 -6.175  1.00 29.93 ? 144 GLY A N   1 
ATOM   1013 C CA  . GLY A 1 148 ? 1.568   -11.159 -5.223  1.00 27.97 ? 144 GLY A CA  1 
ATOM   1014 C C   . GLY A 1 148 ? 1.610   -10.509 -3.857  1.00 28.07 ? 144 GLY A C   1 
ATOM   1015 O O   . GLY A 1 148 ? 0.672   -10.662 -3.073  1.00 28.51 ? 144 GLY A O   1 
ATOM   1016 N N   . GLU A 1 149 ? 2.701   -9.749  -3.576  1.00 26.42 ? 145 GLU A N   1 
ATOM   1017 C CA  . GLU A 1 149 ? 2.924   -9.223  -2.237  1.00 25.91 ? 145 GLU A CA  1 
ATOM   1018 C C   . GLU A 1 149 ? 2.288   -7.831  -2.089  1.00 24.29 ? 145 GLU A C   1 
ATOM   1019 O O   . GLU A 1 149 ? 2.132   -7.083  -3.040  1.00 22.16 ? 145 GLU A O   1 
ATOM   1020 C CB  . GLU A 1 149 ? 4.432   -9.248  -1.891  1.00 25.18 ? 145 GLU A CB  1 
ATOM   1021 C CG  . GLU A 1 149 ? 4.686   -8.819  -0.503  1.00 31.55 ? 145 GLU A CG  1 
ATOM   1022 C CD  . GLU A 1 149 ? 6.148   -8.535  -0.221  1.00 36.54 ? 145 GLU A CD  1 
ATOM   1023 O OE1 . GLU A 1 149 ? 7.000   -8.659  -1.169  1.00 37.31 ? 145 GLU A OE1 1 
ATOM   1024 O OE2 . GLU A 1 149 ? 6.427   -8.188  0.971   1.00 37.41 ? 145 GLU A OE2 1 
ATOM   1025 N N   . MET A 1 150 ? 1.809   -7.547  -0.890  1.00 23.93 ? 146 MET A N   1 
ATOM   1026 C CA  . MET A 1 150 ? 1.142   -6.298  -0.571  1.00 22.35 ? 146 MET A CA  1 
ATOM   1027 C C   . MET A 1 150 ? 2.033   -5.411  0.357   1.00 21.32 ? 146 MET A C   1 
ATOM   1028 O O   . MET A 1 150 ? 2.747   -5.940  1.279   1.00 19.96 ? 146 MET A O   1 
ATOM   1029 C CB  . MET A 1 150 ? -0.201  -6.624  0.105   1.00 22.39 ? 146 MET A CB  1 
ATOM   1030 C CG  . MET A 1 150 ? -1.082  -5.406  0.352   1.00 23.71 ? 146 MET A CG  1 
ATOM   1031 S SD  . MET A 1 150 ? -2.656  -5.773  1.060   1.00 23.70 ? 146 MET A SD  1 
ATOM   1032 C CE  . MET A 1 150 ? -2.295  -6.151  2.758   1.00 24.06 ? 146 MET A CE  1 
ATOM   1033 N N   . SER A 1 151 ? 1.965   -4.082  0.165   1.00 19.45 ? 147 SER A N   1 
ATOM   1034 C CA  . SER A 1 151 ? 2.786   -3.170  0.966   1.00 18.91 ? 147 SER A CA  1 
ATOM   1035 C C   . SER A 1 151 ? 2.105   -2.915  2.300   1.00 20.15 ? 147 SER A C   1 
ATOM   1036 O O   . SER A 1 151 ? 0.934   -3.250  2.452   1.00 21.30 ? 147 SER A O   1 
ATOM   1037 C CB  . SER A 1 151 ? 2.979   -1.812  0.219   1.00 18.01 ? 147 SER A CB  1 
ATOM   1038 O OG  . SER A 1 151 ? 1.744   -1.151  0.224   1.00 15.50 ? 147 SER A OG  1 
ATOM   1039 N N   . GLY A 1 152 ? 2.797   -2.283  3.251   1.00 19.45 ? 148 GLY A N   1 
ATOM   1040 C CA  . GLY A 1 152 ? 2.062   -1.622  4.335   1.00 19.43 ? 148 GLY A CA  1 
ATOM   1041 C C   . GLY A 1 152 ? 1.685   -0.228  3.807   1.00 21.48 ? 148 GLY A C   1 
ATOM   1042 O O   . GLY A 1 152 ? 1.700   0.032   2.591   1.00 20.21 ? 148 GLY A O   1 
ATOM   1043 N N   . PRO A 1 153 ? 1.371   0.697   4.726   1.00 21.87 ? 149 PRO A N   1 
ATOM   1044 C CA  . PRO A 1 153 ? 1.008   2.055   4.298   1.00 20.53 ? 149 PRO A CA  1 
ATOM   1045 C C   . PRO A 1 153 ? 2.213   2.759   3.634   1.00 21.48 ? 149 PRO A C   1 
ATOM   1046 O O   . PRO A 1 153 ? 3.331   2.778   4.211   1.00 22.63 ? 149 PRO A O   1 
ATOM   1047 C CB  . PRO A 1 153 ? 0.595   2.793   5.598   1.00 22.06 ? 149 PRO A CB  1 
ATOM   1048 C CG  . PRO A 1 153 ? 0.303   1.705   6.638   1.00 23.05 ? 149 PRO A CG  1 
ATOM   1049 C CD  . PRO A 1 153 ? 1.280   0.479   6.189   1.00 21.55 ? 149 PRO A CD  1 
ATOM   1050 N N   . VAL A 1 154 ? 1.967   3.371   2.474   1.00 20.47 ? 150 VAL A N   1 
ATOM   1051 C CA  . VAL A 1 154 ? 3.017   4.031   1.676   1.00 20.96 ? 150 VAL A CA  1 
ATOM   1052 C C   . VAL A 1 154 ? 2.515   5.480   1.474   1.00 22.32 ? 150 VAL A C   1 
ATOM   1053 O O   . VAL A 1 154 ? 1.423   5.712   0.963   1.00 21.17 ? 150 VAL A O   1 
ATOM   1054 C CB  . VAL A 1 154 ? 3.261   3.355   0.363   1.00 19.14 ? 150 VAL A CB  1 
ATOM   1055 C CG1 . VAL A 1 154 ? 4.130   4.321   -0.613  1.00 20.66 ? 150 VAL A CG1 1 
ATOM   1056 C CG2 . VAL A 1 154 ? 3.887   1.979   0.600   1.00 20.08 ? 150 VAL A CG2 1 
ATOM   1057 N N   . PHE A 1 155 ? 3.319   6.459   1.912   1.00 23.32 ? 151 PHE A N   1 
ATOM   1058 C CA  . PHE A 1 155 ? 2.855   7.822   1.902   1.00 22.74 ? 151 PHE A CA  1 
ATOM   1059 C C   . PHE A 1 155 ? 3.396   8.510   0.632   1.00 22.38 ? 151 PHE A C   1 
ATOM   1060 O O   . PHE A 1 155 ? 4.597   8.348   0.295   1.00 24.09 ? 151 PHE A O   1 
ATOM   1061 C CB  . PHE A 1 155 ? 3.462   8.510   3.134   1.00 22.83 ? 151 PHE A CB  1 
ATOM   1062 C CG  . PHE A 1 155 ? 2.940   8.031   4.391   1.00 20.45 ? 151 PHE A CG  1 
ATOM   1063 C CD1 . PHE A 1 155 ? 3.357   6.823   4.914   1.00 21.74 ? 151 PHE A CD1 1 
ATOM   1064 C CD2 . PHE A 1 155 ? 2.046   8.808   5.113   1.00 23.32 ? 151 PHE A CD2 1 
ATOM   1065 C CE1 . PHE A 1 155 ? 2.846   6.356   6.123   1.00 23.00 ? 151 PHE A CE1 1 
ATOM   1066 C CE2 . PHE A 1 155 ? 1.520   8.312   6.319   1.00 20.00 ? 151 PHE A CE2 1 
ATOM   1067 C CZ  . PHE A 1 155 ? 1.948   7.121   6.817   1.00 18.57 ? 151 PHE A CZ  1 
ATOM   1068 N N   . THR A 1 156 ? 2.557   9.251   -0.101  1.00 22.01 ? 152 THR A N   1 
ATOM   1069 C CA  . THR A 1 156 ? 3.064   10.069  -1.195  1.00 22.82 ? 152 THR A CA  1 
ATOM   1070 C C   . THR A 1 156 ? 2.413   11.451  -1.010  1.00 23.85 ? 152 THR A C   1 
ATOM   1071 O O   . THR A 1 156 ? 1.490   11.593  -0.164  1.00 22.66 ? 152 THR A O   1 
ATOM   1072 C CB  . THR A 1 156 ? 2.580   9.542   -2.550  1.00 24.00 ? 152 THR A CB  1 
ATOM   1073 O OG1 . THR A 1 156 ? 1.154   9.673   -2.594  1.00 19.67 ? 152 THR A OG1 1 
ATOM   1074 C CG2 . THR A 1 156 ? 2.997   8.037   -2.824  1.00 25.08 ? 152 THR A CG2 1 
ATOM   1075 N N   . ASP A 1 157 ? 2.714   12.419  -1.900  1.00 26.02 ? 153 ASP A N   1 
ATOM   1076 C CA  . ASP A 1 157 ? 1.934   13.669  -1.870  1.00 28.27 ? 153 ASP A CA  1 
ATOM   1077 C C   . ASP A 1 157 ? 0.441   13.529  -2.103  1.00 29.25 ? 153 ASP A C   1 
ATOM   1078 O O   . ASP A 1 157 ? -0.302  14.480  -1.834  1.00 30.02 ? 153 ASP A O   1 
ATOM   1079 C CB  . ASP A 1 157 ? 2.511   14.726  -2.813  1.00 29.90 ? 153 ASP A CB  1 
ATOM   1080 C CG  . ASP A 1 157 ? 3.885   15.165  -2.356  1.00 37.29 ? 153 ASP A CG  1 
ATOM   1081 O OD1 . ASP A 1 157 ? 4.209   14.923  -1.136  1.00 39.15 ? 153 ASP A OD1 1 
ATOM   1082 O OD2 . ASP A 1 157 ? 4.663   15.645  -3.211  1.00 45.15 ? 153 ASP A OD2 1 
ATOM   1083 N N   . SER A 1 158 ? 0.014   12.401  -2.688  1.00 27.52 ? 154 SER A N   1 
ATOM   1084 C CA  . SER A 1 158 ? -1.419  12.145  -2.918  1.00 26.84 ? 154 SER A CA  1 
ATOM   1085 C C   . SER A 1 158 ? -2.187  11.617  -1.742  1.00 25.54 ? 154 SER A C   1 
ATOM   1086 O O   . SER A 1 158 ? -3.393  11.801  -1.687  1.00 24.28 ? 154 SER A O   1 
ATOM   1087 C CB  . SER A 1 158 ? -1.586  11.102  -4.014  1.00 27.71 ? 154 SER A CB  1 
ATOM   1088 O OG  . SER A 1 158 ? -1.139  11.711  -5.191  1.00 31.63 ? 154 SER A OG  1 
ATOM   1089 N N   . GLY A 1 159 ? -1.529  10.851  -0.854  1.00 24.61 ? 155 GLY A N   1 
ATOM   1090 C CA  . GLY A 1 159 ? -2.186  10.413  0.338   1.00 23.43 ? 155 GLY A CA  1 
ATOM   1091 C C   . GLY A 1 159 ? -1.459  9.204   0.843   1.00 22.71 ? 155 GLY A C   1 
ATOM   1092 O O   . GLY A 1 159 ? -0.236  9.152   0.823   1.00 24.35 ? 155 GLY A O   1 
ATOM   1093 N N   . ILE A 1 160 ? -2.212  8.220   1.299   1.00 21.56 ? 156 ILE A N   1 
ATOM   1094 C CA  . ILE A 1 160 ? -1.607  6.982   1.840   1.00 21.16 ? 156 ILE A CA  1 
ATOM   1095 C C   . ILE A 1 160 ? -2.114  5.851   0.952   1.00 21.11 ? 156 ILE A C   1 
ATOM   1096 O O   . ILE A 1 160 ? -3.338  5.731   0.761   1.00 21.79 ? 156 ILE A O   1 
ATOM   1097 C CB  . ILE A 1 160 ? -1.951  6.775   3.334   1.00 20.19 ? 156 ILE A CB  1 
ATOM   1098 C CG1 . ILE A 1 160 ? -1.570  8.070   4.183   1.00 23.71 ? 156 ILE A CG1 1 
ATOM   1099 C CG2 . ILE A 1 160 ? -1.268  5.589   3.911   1.00 20.07 ? 156 ILE A CG2 1 
ATOM   1100 C CD1 . ILE A 1 160 ? -1.993  8.026   5.651   1.00 22.79 ? 156 ILE A CD1 1 
ATOM   1101 N N   . HIS A 1 161 ? -1.205  4.960   0.558   1.00 19.16 ? 157 HIS A N   1 
ATOM   1102 C CA  . HIS A 1 161 ? -1.527  3.873   -0.422  1.00 19.74 ? 157 HIS A CA  1 
ATOM   1103 C C   . HIS A 1 161 ? -1.295  2.470   0.249   1.00 19.33 ? 157 HIS A C   1 
ATOM   1104 O O   . HIS A 1 161 ? -0.482  2.351   1.137   1.00 17.68 ? 157 HIS A O   1 
ATOM   1105 C CB  . HIS A 1 161 ? -0.615  3.922   -1.651  1.00 17.21 ? 157 HIS A CB  1 
ATOM   1106 C CG  . HIS A 1 161 ? -0.579  5.242   -2.343  1.00 21.25 ? 157 HIS A CG  1 
ATOM   1107 N ND1 . HIS A 1 161 ? -1.153  5.441   -3.586  1.00 16.08 ? 157 HIS A ND1 1 
ATOM   1108 C CD2 . HIS A 1 161 ? 0.053   6.406   -2.028  1.00 21.55 ? 157 HIS A CD2 1 
ATOM   1109 C CE1 . HIS A 1 161 ? -0.925  6.680   -3.987  1.00 22.17 ? 157 HIS A CE1 1 
ATOM   1110 N NE2 . HIS A 1 161 ? -0.168  7.281   -3.077  1.00 21.22 ? 157 HIS A NE2 1 
ATOM   1111 N N   . ILE A 1 162 ? -2.137  1.494   -0.118  1.00 20.81 ? 158 ILE A N   1 
ATOM   1112 C CA  . ILE A 1 162 ? -1.795  0.084   0.041   1.00 19.80 ? 158 ILE A CA  1 
ATOM   1113 C C   . ILE A 1 162 ? -1.584  -0.352  -1.354  1.00 19.90 ? 158 ILE A C   1 
ATOM   1114 O O   . ILE A 1 162 ? -2.458  -0.109  -2.209  1.00 18.65 ? 158 ILE A O   1 
ATOM   1115 C CB  . ILE A 1 162 ? -2.953  -0.766  0.644   1.00 21.62 ? 158 ILE A CB  1 
ATOM   1116 C CG1 . ILE A 1 162 ? -3.446  -0.242  2.000   1.00 21.88 ? 158 ILE A CG1 1 
ATOM   1117 C CG2 . ILE A 1 162 ? -2.511  -2.217  0.790   1.00 18.81 ? 158 ILE A CG2 1 
ATOM   1118 C CD1 . ILE A 1 162 ? -4.893  -0.808  2.349   1.00 22.72 ? 158 ILE A CD1 1 
ATOM   1119 N N   . ILE A 1 163 ? -0.457  -1.017  -1.615  1.00 19.52 ? 159 ILE A N   1 
ATOM   1120 C CA  . ILE A 1 163 ? -0.037  -1.337  -2.999  1.00 20.44 ? 159 ILE A CA  1 
ATOM   1121 C C   . ILE A 1 163 ? 0.013   -2.891  -3.120  1.00 20.91 ? 159 ILE A C   1 
ATOM   1122 O O   . ILE A 1 163 ? 0.536   -3.540  -2.220  1.00 20.98 ? 159 ILE A O   1 
ATOM   1123 C CB  . ILE A 1 163 ? 1.378   -0.754  -3.343  1.00 18.41 ? 159 ILE A CB  1 
ATOM   1124 C CG1 . ILE A 1 163 ? 1.391   0.787   -3.176  1.00 19.84 ? 159 ILE A CG1 1 
ATOM   1125 C CG2 . ILE A 1 163 ? 1.777   -1.133  -4.757  1.00 18.97 ? 159 ILE A CG2 1 
ATOM   1126 C CD1 . ILE A 1 163 ? 2.793   1.451   -3.259  1.00 17.41 ? 159 ILE A CD1 1 
ATOM   1127 N N   . LEU A 1 164 ? -0.617  -3.451  -4.161  1.00 20.35 ? 160 LEU A N   1 
ATOM   1128 C CA  . LEU A 1 164 ? -0.519  -4.889  -4.392  1.00 20.12 ? 160 LEU A CA  1 
ATOM   1129 C C   . LEU A 1 164 ? 0.233   -5.064  -5.669  1.00 20.49 ? 160 LEU A C   1 
ATOM   1130 O O   . LEU A 1 164 ? -0.191  -4.559  -6.702  1.00 21.24 ? 160 LEU A O   1 
ATOM   1131 C CB  . LEU A 1 164 ? -1.907  -5.493  -4.564  1.00 20.02 ? 160 LEU A CB  1 
ATOM   1132 C CG  . LEU A 1 164 ? -1.996  -6.999  -4.918  1.00 21.22 ? 160 LEU A CG  1 
ATOM   1133 C CD1 . LEU A 1 164 ? -1.320  -7.878  -3.775  1.00 21.20 ? 160 LEU A CD1 1 
ATOM   1134 C CD2 . LEU A 1 164 ? -3.438  -7.435  -5.136  1.00 20.86 ? 160 LEU A CD2 1 
ATOM   1135 N N   . ARG A 1 165 ? 1.349   -5.791  -5.641  1.00 21.52 ? 161 ARG A N   1 
ATOM   1136 C CA  . ARG A 1 165 ? 2.082   -6.047  -6.883  1.00 22.93 ? 161 ARG A CA  1 
ATOM   1137 C C   . ARG A 1 165 ? 1.463   -7.269  -7.579  1.00 23.78 ? 161 ARG A C   1 
ATOM   1138 O O   . ARG A 1 165 ? 1.412   -8.366  -6.992  1.00 25.69 ? 161 ARG A O   1 
ATOM   1139 C CB  . ARG A 1 165 ? 3.579   -6.241  -6.671  1.00 21.62 ? 161 ARG A CB  1 
ATOM   1140 C CG  . ARG A 1 165 ? 4.173   -6.720  -7.963  1.00 26.16 ? 161 ARG A CG  1 
ATOM   1141 C CD  . ARG A 1 165 ? 5.679   -6.542  -8.026  1.00 27.18 ? 161 ARG A CD  1 
ATOM   1142 N NE  . ARG A 1 165 ? 6.169   -7.251  -9.185  1.00 31.79 ? 161 ARG A NE  1 
ATOM   1143 C CZ  . ARG A 1 165 ? 7.352   -7.910  -9.251  1.00 33.67 ? 161 ARG A CZ  1 
ATOM   1144 N NH1 . ARG A 1 165 ? 8.236   -7.952  -8.250  1.00 30.79 ? 161 ARG A NH1 1 
ATOM   1145 N NH2 . ARG A 1 165 ? 7.664   -8.530  -10.364 1.00 31.55 ? 161 ARG A NH2 1 
ATOM   1146 N N   . THR A 1 166 ? 0.987   -7.076  -8.813  1.00 25.62 ? 162 THR A N   1 
ATOM   1147 C CA  . THR A 1 166 ? 0.277   -8.165  -9.427  1.00 26.71 ? 162 THR A CA  1 
ATOM   1148 C C   . THR A 1 166 ? 1.097   -8.876  -10.507 1.00 27.72 ? 162 THR A C   1 
ATOM   1149 O O   . THR A 1 166 ? 0.752   -9.992  -10.858 1.00 27.53 ? 162 THR A O   1 
ATOM   1150 C CB  . THR A 1 166 ? -1.065  -7.768  -9.946  1.00 26.36 ? 162 THR A CB  1 
ATOM   1151 O OG1 . THR A 1 166 ? -0.913  -6.725  -10.880 1.00 29.50 ? 162 THR A OG1 1 
ATOM   1152 C CG2 . THR A 1 166 ? -2.034  -7.305  -8.775  1.00 29.26 ? 162 THR A CG2 1 
ATOM   1153 N N   . GLU A 1 167 ? 2.147   -8.250  -11.059 1.00 26.39 ? 163 GLU A N   1 
ATOM   1154 C CA  . GLU A 1 167 ? 2.992   -8.890  -12.069 1.00 28.51 ? 163 GLU A CA  1 
ATOM   1155 C C   . GLU A 1 167 ? 4.320   -8.248  -11.898 1.00 29.70 ? 163 GLU A C   1 
ATOM   1156 O O   . GLU A 1 167 ? 4.333   -7.090  -11.463 1.00 29.66 ? 163 GLU A O   1 
ATOM   1157 C CB  . GLU A 1 167 ? 2.497   -8.545  -13.480 1.00 28.61 ? 163 GLU A CB  1 
ATOM   1158 C CG  . GLU A 1 167 ? 1.189   -9.215  -13.811 1.00 31.81 ? 163 GLU A CG  1 
ATOM   1159 C CD  . GLU A 1 167 ? 0.640   -8.843  -15.210 1.00 36.92 ? 163 GLU A CD  1 
ATOM   1160 O OE1 . GLU A 1 167 ? 1.361   -8.161  -16.010 1.00 37.05 ? 163 GLU A OE1 1 
ATOM   1161 O OE2 . GLU A 1 167 ? -0.544  -9.204  -15.436 1.00 35.76 ? 163 GLU A OE2 1 
ATOM   1162 O OXT . GLU A 1 167 ? 5.364   -8.826  -12.215 1.00 30.98 ? 163 GLU A OXT 1 
HETATM 1163 C C32 . 12P B 2 .   ? 0.899   -5.087  4.815   1.00 40.53 ? 164 12P A C32 1 
HETATM 1164 O O31 . 12P B 2 .   ? 2.044   -5.611  5.565   1.00 42.70 ? 164 12P A O31 1 
HETATM 1165 C C30 . 12P B 2 .   ? 2.175   -4.737  6.689   1.00 43.15 ? 164 12P A C30 1 
HETATM 1166 C C29 . 12P B 2 .   ? 0.826   -4.430  7.321   1.00 37.84 ? 164 12P A C29 1 
HETATM 1167 O O28 . 12P B 2 .   ? 0.821   -4.556  8.756   1.00 45.71 ? 164 12P A O28 1 
HETATM 1168 C C27 . 12P B 2 .   ? -0.254  -5.299  9.374   1.00 38.48 ? 164 12P A C27 1 
HETATM 1169 C C26 . 12P B 2 .   ? 0.222   -6.706  9.494   1.00 38.30 ? 164 12P A C26 1 
HETATM 1170 O O25 . 12P B 2 .   ? -0.625  -7.421  10.382  1.00 46.52 ? 164 12P A O25 1 
HETATM 1171 C C24 . 12P B 2 .   ? -0.221  -8.804  10.615  1.00 46.71 ? 164 12P A C24 1 
HETATM 1172 C C23 . 12P B 2 .   ? 1.168   -8.851  11.203  1.00 45.85 ? 164 12P A C23 1 
HETATM 1173 O O22 . 12P B 2 .   ? 1.894   -10.034 10.885  1.00 49.04 ? 164 12P A O22 1 
HETATM 1174 C C21 . 12P B 2 .   ? 3.300   -9.905  11.200  1.00 45.33 ? 164 12P A C21 1 
HETATM 1175 C C20 . 12P B 2 .   ? 3.439   -9.365  12.608  1.00 45.35 ? 164 12P A C20 1 
HETATM 1176 O O19 . 12P B 2 .   ? 4.774   -8.968  12.888  1.00 50.59 ? 164 12P A O19 1 
HETATM 1177 C C18 . 12P B 2 .   ? 4.802   -8.063  13.994  1.00 50.24 ? 164 12P A C18 1 
HETATM 1178 C C17 . 12P B 2 .   ? 4.009   -6.831  13.635  1.00 52.86 ? 164 12P A C17 1 
HETATM 1179 O O16 . 12P B 2 .   ? 4.403   -5.697  14.408  1.00 58.12 ? 164 12P A O16 1 
HETATM 1180 C C15 . 12P B 2 .   ? 4.848   -4.619  13.547  1.00 56.58 ? 164 12P A C15 1 
HETATM 1181 C C14 . 12P B 2 .   ? 3.745   -3.631  13.275  1.00 52.11 ? 164 12P A C14 1 
HETATM 1182 C C1  . 4FI C 3 .   ? -1.657  6.644   -8.502  1.00 42.58 ? 165 4FI A C1  1 
HETATM 1183 C C2  . 4FI C 3 .   ? -2.989  8.480   -7.692  1.00 44.16 ? 165 4FI A C2  1 
HETATM 1184 C C3  . 4FI C 3 .   ? -1.848  9.076   -7.168  1.00 44.02 ? 165 4FI A C3  1 
HETATM 1185 C C4  . 4FI C 3 .   ? -4.350  9.161   -7.535  1.00 43.55 ? 165 4FI A C4  1 
HETATM 1186 C C5  . 4FI C 3 .   ? -4.845  9.712   -8.874  1.00 48.28 ? 165 4FI A C5  1 
HETATM 1187 C C6  . 4FI C 3 .   ? -6.179  10.431  -8.667  1.00 50.94 ? 165 4FI A C6  1 
HETATM 1188 N N7  . 4FI C 3 .   ? -5.025  8.605   -9.823  1.00 50.02 ? 165 4FI A N7  1 
HETATM 1189 O O8  . 4FI C 3 .   ? -7.216  9.966   -9.137  1.00 46.25 ? 165 4FI A O8  1 
HETATM 1190 O O9  . 4FI C 3 .   ? -6.228  11.483  -8.031  1.00 53.67 ? 165 4FI A O9  1 
HETATM 1191 C C10 . 4FI C 3 .   ? -4.307  8.510   -10.939 1.00 50.72 ? 165 4FI A C10 1 
HETATM 1192 C C11 . 4FI C 3 .   ? -2.893  7.264   -8.359  1.00 43.34 ? 165 4FI A C11 1 
HETATM 1193 O O12 . 4FI C 3 .   ? -3.444  9.320   -11.273 1.00 57.31 ? 165 4FI A O12 1 
HETATM 1194 C C13 . 4FI C 3 .   ? -4.627  7.294   -11.811 1.00 49.59 ? 165 4FI A C13 1 
HETATM 1195 N N14 . 4FI C 3 .   ? -3.741  6.549   -12.456 1.00 50.97 ? 165 4FI A N14 1 
HETATM 1196 N N15 . 4FI C 3 .   ? -4.316  5.648   -13.067 1.00 49.52 ? 165 4FI A N15 1 
HETATM 1197 C C16 . 4FI C 3 .   ? -5.631  5.763   -12.850 1.00 48.72 ? 165 4FI A C16 1 
HETATM 1198 C C17 . 4FI C 3 .   ? -5.835  6.809   -12.051 1.00 47.23 ? 165 4FI A C17 1 
HETATM 1199 C C18 . 4FI C 3 .   ? -6.616  4.931   -13.370 1.00 44.32 ? 165 4FI A C18 1 
HETATM 1200 C C19 . 4FI C 3 .   ? -7.934  5.368   -13.428 1.00 40.68 ? 165 4FI A C19 1 
HETATM 1201 C C20 . 4FI C 3 .   ? -8.920  4.537   -13.948 1.00 43.22 ? 165 4FI A C20 1 
HETATM 1202 C C21 . 4FI C 3 .   ? -8.587  3.269   -14.409 1.00 41.24 ? 165 4FI A C21 1 
HETATM 1203 C C22 . 4FI C 3 .   ? -7.268  2.831   -14.352 1.00 41.45 ? 165 4FI A C22 1 
HETATM 1204 C C23 . 4FI C 3 .   ? -6.283  3.663   -13.832 1.00 42.79 ? 165 4FI A C23 1 
HETATM 1205 C C24 . 4FI C 3 .   ? -2.277  6.767   -12.440 1.00 45.59 ? 165 4FI A C24 1 
HETATM 1206 C C25 . 4FI C 3 .   ? -0.516  7.242   -7.978  1.00 45.27 ? 165 4FI A C25 1 
HETATM 1207 C C26 . 4FI C 3 .   ? -0.612  8.458   -7.312  1.00 45.69 ? 165 4FI A C26 1 
HETATM 1208 C C27 . 4FI C 3 .   ? 0.529   9.054   -6.788  1.00 46.02 ? 165 4FI A C27 1 
HETATM 1209 C C28 . 4FI C 3 .   ? 1.766   8.435   -6.930  1.00 44.71 ? 165 4FI A C28 1 
HETATM 1210 C C29 . 4FI C 3 .   ? 1.861   7.219   -7.597  1.00 43.36 ? 165 4FI A C29 1 
HETATM 1211 C C30 . 4FI C 3 .   ? 0.720   6.622   -8.121  1.00 45.71 ? 165 4FI A C30 1 
HETATM 1212 O O   . HOH D 4 .   ? -7.701  2.513   -6.382  1.00 22.42 ? 166 HOH A O   1 
HETATM 1213 O O   . HOH D 4 .   ? 8.014   -6.031  1.113   1.00 23.92 ? 167 HOH A O   1 
HETATM 1214 O O   . HOH D 4 .   ? 1.738   -10.651 7.535   1.00 32.63 ? 168 HOH A O   1 
HETATM 1215 O O   . HOH D 4 .   ? 6.883   -16.618 13.721  1.00 39.31 ? 169 HOH A O   1 
HETATM 1216 O O   . HOH D 4 .   ? 5.619   11.582  -2.972  1.00 45.70 ? 170 HOH A O   1 
HETATM 1217 O O   . HOH D 4 .   ? -3.959  13.961  -4.190  1.00 25.94 ? 171 HOH A O   1 
HETATM 1218 O O   . HOH D 4 .   ? -2.853  -4.848  -10.878 1.00 24.34 ? 172 HOH A O   1 
HETATM 1219 O O   . HOH D 4 .   ? 7.522   4.789   -11.676 1.00 29.66 ? 173 HOH A O   1 
HETATM 1220 O O   . HOH D 4 .   ? 15.653  -9.447  16.413  1.00 52.75 ? 174 HOH A O   1 
HETATM 1221 O O   . HOH D 4 .   ? -10.726 -9.099  9.914   1.00 42.91 ? 175 HOH A O   1 
HETATM 1222 O O   . HOH D 4 .   ? -3.450  6.744   12.731  1.00 45.40 ? 176 HOH A O   1 
HETATM 1223 O O   . HOH D 4 .   ? 7.004   8.274   1.527   1.00 28.50 ? 177 HOH A O   1 
HETATM 1224 O O   . HOH D 4 .   ? 2.648   -6.148  11.526  1.00 41.98 ? 178 HOH A O   1 
HETATM 1225 O O   . HOH D 4 .   ? 12.622  -0.401  -5.051  1.00 29.42 ? 179 HOH A O   1 
HETATM 1226 O O   . HOH D 4 .   ? -3.936  16.203  7.768   1.00 44.37 ? 180 HOH A O   1 
HETATM 1227 O O   . HOH D 4 .   ? -11.517 10.116  -7.929  1.00 30.32 ? 181 HOH A O   1 
HETATM 1228 O O   . HOH D 4 .   ? -10.598 0.915   8.024   1.00 25.96 ? 182 HOH A O   1 
HETATM 1229 O O   . HOH D 4 .   ? 1.549   -3.529  12.126  1.00 59.95 ? 183 HOH A O   1 
HETATM 1230 O O   . HOH D 4 .   ? 9.534   2.948   5.846   1.00 23.33 ? 184 HOH A O   1 
HETATM 1231 O O   . HOH D 4 .   ? -2.578  -3.000  9.813   1.00 28.83 ? 185 HOH A O   1 
HETATM 1232 O O   . HOH D 4 .   ? -19.232 14.885  -1.718  1.00 36.92 ? 186 HOH A O   1 
HETATM 1233 O O   . HOH D 4 .   ? 9.393   -7.573  -0.771  1.00 22.72 ? 187 HOH A O   1 
HETATM 1234 O O   . HOH D 4 .   ? -12.743 13.120  4.427   1.00 30.62 ? 188 HOH A O   1 
HETATM 1235 O O   . HOH D 4 .   ? -6.799  -4.857  -8.723  1.00 25.40 ? 189 HOH A O   1 
HETATM 1236 O O   . HOH D 4 .   ? -11.042 6.770   1.211   1.00 23.96 ? 190 HOH A O   1 
HETATM 1237 O O   . HOH D 4 .   ? -2.899  14.015  11.216  1.00 33.44 ? 191 HOH A O   1 
HETATM 1238 O O   . HOH D 4 .   ? 11.687  9.632   -16.557 1.00 41.09 ? 192 HOH A O   1 
HETATM 1239 O O   . HOH D 4 .   ? -10.030 7.031   10.723  1.00 26.32 ? 193 HOH A O   1 
HETATM 1240 O O   . HOH D 4 .   ? 8.865   3.531   -0.556  1.00 25.07 ? 194 HOH A O   1 
HETATM 1241 O O   . HOH D 4 .   ? -15.750 2.015   -7.609  1.00 26.27 ? 195 HOH A O   1 
HETATM 1242 O O   . HOH D 4 .   ? -6.722  13.277  13.768  1.00 35.70 ? 196 HOH A O   1 
HETATM 1243 O O   . HOH D 4 .   ? -19.426 0.646   -0.067  1.00 29.60 ? 197 HOH A O   1 
HETATM 1244 O O   . HOH D 4 .   ? -2.533  -12.709 5.902   1.00 30.30 ? 198 HOH A O   1 
HETATM 1245 O O   . HOH D 4 .   ? 12.161  0.181   -14.641 1.00 37.18 ? 199 HOH A O   1 
HETATM 1246 O O   . HOH D 4 .   ? 8.618   -11.720 -7.636  1.00 41.03 ? 200 HOH A O   1 
HETATM 1247 O O   . HOH D 4 .   ? 11.228  -15.685 17.549  1.00 49.69 ? 201 HOH A O   1 
HETATM 1248 O O   . HOH D 4 .   ? 6.061   5.738   2.711   1.00 25.40 ? 202 HOH A O   1 
HETATM 1249 O O   . HOH D 4 .   ? 8.413   5.226   1.751   1.00 22.69 ? 203 HOH A O   1 
HETATM 1250 O O   . HOH D 4 .   ? -9.134  11.036  -6.992  1.00 34.89 ? 204 HOH A O   1 
HETATM 1251 O O   . HOH D 4 .   ? -14.125 -2.290  -9.458  1.00 27.79 ? 205 HOH A O   1 
HETATM 1252 O O   . HOH D 4 .   ? -11.723 5.643   3.319   1.00 34.77 ? 206 HOH A O   1 
HETATM 1253 O O   . HOH D 4 .   ? 3.916   -2.798  8.516   1.00 31.16 ? 207 HOH A O   1 
HETATM 1254 O O   . HOH D 4 .   ? -13.269 9.830   0.703   1.00 23.13 ? 208 HOH A O   1 
HETATM 1255 O O   . HOH D 4 .   ? -0.304  -11.799 14.967  1.00 26.64 ? 209 HOH A O   1 
HETATM 1256 O O   . HOH D 4 .   ? -14.394 2.662   5.308   1.00 33.44 ? 210 HOH A O   1 
HETATM 1257 O O   . HOH D 4 .   ? -0.614  -1.610  8.705   1.00 35.16 ? 211 HOH A O   1 
HETATM 1258 O O   . HOH D 4 .   ? 4.994   12.051  1.480   1.00 44.57 ? 212 HOH A O   1 
HETATM 1259 O O   . HOH D 4 .   ? 4.201   -3.969  -19.880 1.00 55.86 ? 213 HOH A O   1 
HETATM 1260 O O   . HOH D 4 .   ? 1.381   -9.768  1.106   1.00 40.48 ? 214 HOH A O   1 
HETATM 1261 O O   . HOH D 4 .   ? 1.250   -8.170  14.000  1.00 51.12 ? 215 HOH A O   1 
HETATM 1262 O O   . HOH D 4 .   ? 7.959   -1.590  12.250  1.00 43.52 ? 216 HOH A O   1 
HETATM 1263 O O   . HOH D 4 .   ? 13.043  -6.507  -2.368  1.00 36.60 ? 217 HOH A O   1 
HETATM 1264 O O   . HOH D 4 .   ? -16.574 16.787  2.863   1.00 50.56 ? 218 HOH A O   1 
HETATM 1265 O O   . HOH D 4 .   ? -10.797 1.873   10.357  1.00 36.95 ? 219 HOH A O   1 
HETATM 1266 O O   . HOH D 4 .   ? -1.831  -11.483 2.933   1.00 55.19 ? 220 HOH A O   1 
HETATM 1267 O O   . HOH D 4 .   ? -18.973 20.864  -7.928  1.00 38.03 ? 221 HOH A O   1 
HETATM 1268 O O   . HOH D 4 .   ? -13.959 6.572   4.466   1.00 39.94 ? 222 HOH A O   1 
HETATM 1269 O O   . HOH D 4 .   ? 6.302   -15.095 24.151  1.00 49.24 ? 223 HOH A O   1 
HETATM 1270 O O   . HOH D 4 .   ? -11.690 -1.410  7.791   1.00 41.90 ? 224 HOH A O   1 
HETATM 1271 O O   . HOH D 4 .   ? -8.331  -11.054 -3.104  1.00 36.11 ? 225 HOH A O   1 
HETATM 1272 O O   . HOH D 4 .   ? -3.930  13.224  -6.480  1.00 47.86 ? 226 HOH A O   1 
HETATM 1273 O O   . HOH D 4 .   ? -12.807 13.981  -7.742  1.00 57.21 ? 227 HOH A O   1 
HETATM 1274 O O   . HOH D 4 .   ? 1.180   -13.951 16.177  1.00 27.37 ? 228 HOH A O   1 
HETATM 1275 O O   . HOH D 4 .   ? 1.357   -16.266 12.707  1.00 30.16 ? 229 HOH A O   1 
HETATM 1276 O O   . HOH D 4 .   ? 3.431   -16.940 11.055  1.00 38.55 ? 230 HOH A O   1 
HETATM 1277 O O   . HOH D 4 .   ? 9.184   -15.433 13.063  1.00 33.75 ? 231 HOH A O   1 
HETATM 1278 O O   . HOH D 4 .   ? 12.061  4.088   2.268   1.00 42.07 ? 232 HOH A O   1 
HETATM 1279 O O   . HOH D 4 .   ? 3.186   -12.863 8.419   1.00 39.63 ? 233 HOH A O   1 
HETATM 1280 O O   . HOH D 4 .   ? 0.438   11.255  2.786   1.00 28.93 ? 234 HOH A O   1 
HETATM 1281 O O   . HOH D 4 .   ? 3.644   12.139  6.393   1.00 35.00 ? 235 HOH A O   1 
HETATM 1282 O O   . HOH D 4 .   ? -9.902  -7.009  11.141  1.00 37.96 ? 236 HOH A O   1 
HETATM 1283 O O   . HOH D 4 .   ? 2.217   -15.676 14.886  1.00 48.51 ? 237 HOH A O   1 
HETATM 1284 O O   . HOH D 4 .   ? 14.230  -2.663  7.016   1.00 37.91 ? 238 HOH A O   1 
HETATM 1285 O O   . HOH D 4 .   ? 16.253  -0.132  9.988   1.00 33.43 ? 239 HOH A O   1 
HETATM 1286 O O   . HOH D 4 .   ? 15.442  -14.420 -0.474  1.00 62.57 ? 240 HOH A O   1 
HETATM 1287 O O   . HOH D 4 .   ? -15.689 9.412   1.376   1.00 33.42 ? 241 HOH A O   1 
HETATM 1288 O O   . HOH D 4 .   ? 18.908  -7.200  -0.242  1.00 43.54 ? 242 HOH A O   1 
HETATM 1289 O O   . HOH D 4 .   ? -12.855 9.595   6.864   1.00 39.82 ? 243 HOH A O   1 
HETATM 1290 O O   . HOH D 4 .   ? -14.192 12.331  6.140   1.00 47.46 ? 244 HOH A O   1 
HETATM 1291 O O   . HOH D 4 .   ? 9.756   -2.813  12.671  1.00 36.74 ? 245 HOH A O   1 
HETATM 1292 O O   . HOH D 4 .   ? 5.144   -9.223  3.281   1.00 35.33 ? 246 HOH A O   1 
HETATM 1293 O O   . HOH D 4 .   ? 1.365   16.083  4.758   1.00 55.22 ? 247 HOH A O   1 
HETATM 1294 O O   . HOH D 4 .   ? -11.057 4.425   11.300  1.00 40.86 ? 248 HOH A O   1 
HETATM 1295 O O   . HOH D 4 .   ? 6.864   -7.613  -14.219 1.00 34.35 ? 249 HOH A O   1 
HETATM 1296 O O   . HOH D 4 .   ? 0.126   10.234  10.832  1.00 39.00 ? 250 HOH A O   1 
HETATM 1297 O O   . HOH D 4 .   ? -20.201 17.637  -3.036  1.00 37.30 ? 251 HOH A O   1 
HETATM 1298 O O   . HOH D 4 .   ? -15.520 20.539  -6.569  1.00 41.61 ? 252 HOH A O   1 
HETATM 1299 O O   . HOH D 4 .   ? 20.405  -13.396 5.339   1.00 56.93 ? 253 HOH A O   1 
HETATM 1300 O O   . HOH D 4 .   ? 14.001  3.171   -1.819  1.00 32.90 ? 254 HOH A O   1 
HETATM 1301 O O   . HOH D 4 .   ? 14.580  1.292   -3.344  1.00 35.99 ? 255 HOH A O   1 
HETATM 1302 O O   . HOH D 4 .   ? 13.651  -1.639  -13.193 1.00 42.48 ? 256 HOH A O   1 
HETATM 1303 O O   . HOH D 4 .   ? -14.256 -1.922  5.925   1.00 43.72 ? 257 HOH A O   1 
HETATM 1304 O O   . HOH D 4 .   ? 3.077   12.113  3.441   1.00 46.18 ? 258 HOH A O   1 
HETATM 1305 O O   . HOH D 4 .   ? -15.975 4.564   -8.547  1.00 35.01 ? 259 HOH A O   1 
HETATM 1306 O O   . HOH D 4 .   ? -4.649  8.746   -15.242 1.00 49.68 ? 260 HOH A O   1 
HETATM 1307 O O   . HOH D 4 .   ? 16.809  -10.751 6.516   1.00 52.16 ? 261 HOH A O   1 
HETATM 1308 O O   . HOH D 4 .   ? 5.425   -4.423  17.454  1.00 42.85 ? 262 HOH A O   1 
HETATM 1309 O O   . HOH D 4 .   ? 16.346  2.765   1.647   1.00 45.77 ? 263 HOH A O   1 
HETATM 1310 O O   . HOH D 4 .   ? -4.091  -7.142  -12.107 1.00 40.43 ? 264 HOH A O   1 
HETATM 1311 O O   . HOH D 4 .   ? 11.300  -7.084  -5.910  1.00 38.44 ? 265 HOH A O   1 
HETATM 1312 O O   . HOH D 4 .   ? -15.908 -6.458  6.912   1.00 52.18 ? 266 HOH A O   1 
HETATM 1313 O O   . HOH D 4 .   ? -14.744 -8.325  0.454   1.00 46.80 ? 267 HOH A O   1 
HETATM 1314 O O   . HOH D 4 .   ? -1.760  -4.083  -17.569 1.00 48.77 ? 268 HOH A O   1 
HETATM 1315 O O   . HOH D 4 .   ? -4.292  19.991  0.213   1.00 41.20 ? 269 HOH A O   1 
HETATM 1316 O O   . HOH D 4 .   ? 2.669   -7.907  3.322   1.00 32.00 ? 270 HOH A O   1 
HETATM 1317 O O   . HOH D 4 .   ? 0.811   2.437   10.569  1.00 45.45 ? 271 HOH A O   1 
HETATM 1318 O O   . HOH D 4 .   ? -10.840 7.721   -14.882 1.00 43.82 ? 272 HOH A O   1 
HETATM 1319 O O   . HOH D 4 .   ? 1.210   7.157   -14.377 1.00 51.56 ? 273 HOH A O   1 
HETATM 1320 O O   . HOH D 4 .   ? 9.493   8.156   -10.501 1.00 41.77 ? 274 HOH A O   1 
HETATM 1321 O O   . HOH D 4 .   ? -15.189 -11.722 2.390   1.00 51.56 ? 275 HOH A O   1 
HETATM 1322 O O   . HOH D 4 .   ? 2.428   -9.065  17.315  1.00 45.82 ? 276 HOH A O   1 
HETATM 1323 O O   . HOH D 4 .   ? -12.839 5.149   -13.563 1.00 58.09 ? 277 HOH A O   1 
HETATM 1324 O O   . HOH D 4 .   ? -13.806 -8.263  -5.340  1.00 45.41 ? 278 HOH A O   1 
HETATM 1325 O O   . HOH D 4 .   ? 1.283   16.218  -0.010  1.00 45.90 ? 279 HOH A O   1 
HETATM 1326 O O   . HOH D 4 .   ? -19.663 8.440   -1.816  1.00 46.08 ? 280 HOH A O   1 
HETATM 1327 O O   . HOH D 4 .   ? 17.870  -1.748  11.763  1.00 45.71 ? 281 HOH A O   1 
# 
loop_
_pdbx_poly_seq_scheme.asym_id 
_pdbx_poly_seq_scheme.entity_id 
_pdbx_poly_seq_scheme.seq_id 
_pdbx_poly_seq_scheme.mon_id 
_pdbx_poly_seq_scheme.ndb_seq_num 
_pdbx_poly_seq_scheme.pdb_seq_num 
_pdbx_poly_seq_scheme.auth_seq_num 
_pdbx_poly_seq_scheme.pdb_mon_id 
_pdbx_poly_seq_scheme.auth_mon_id 
_pdbx_poly_seq_scheme.pdb_strand_id 
_pdbx_poly_seq_scheme.pdb_ins_code 
_pdbx_poly_seq_scheme.hetero 
A 1 1   GLY 1   -3  ?   ?   ?   A . n 
A 1 2   SER 2   -2  ?   ?   ?   A . n 
A 1 3   HIS 3   -1  ?   ?   ?   A . n 
A 1 4   GLY 4   0   ?   ?   ?   A . n 
A 1 5   MET 5   1   ?   ?   ?   A . n 
A 1 6   ALA 6   2   ?   ?   ?   A . n 
A 1 7   ASP 7   3   ?   ?   ?   A . n 
A 1 8   GLU 8   4   ?   ?   ?   A . n 
A 1 9   GLU 9   5   ?   ?   ?   A . n 
A 1 10  LYS 10  6   ?   ?   ?   A . n 
A 1 11  LEU 11  7   7   LEU LEU A . n 
A 1 12  PRO 12  8   8   PRO PRO A . n 
A 1 13  PRO 13  9   9   PRO PRO A . n 
A 1 14  GLY 14  10  10  GLY GLY A . n 
A 1 15  TRP 15  11  11  TRP TRP A . n 
A 1 16  GLU 16  12  12  GLU GLU A . n 
A 1 17  LYS 17  13  13  LYS LYS A . n 
A 1 18  ALA 18  14  14  ALA ALA A . n 
A 1 19  MET 19  15  15  MET MET A . n 
A 1 20  SER 20  16  16  SER SER A . n 
A 1 21  ARG 21  17  17  ARG ARG A . n 
A 1 22  SER 22  18  18  SER SER A . n 
A 1 23  SER 23  19  19  SER SER A . n 
A 1 24  GLY 24  20  20  GLY GLY A . n 
A 1 25  ARG 25  21  21  ARG ARG A . n 
A 1 26  VAL 26  22  22  VAL VAL A . n 
A 1 27  TYR 27  23  23  TYR TYR A . n 
A 1 28  TYR 28  24  24  TYR TYR A . n 
A 1 29  PHE 29  25  25  PHE PHE A . n 
A 1 30  ASN 30  26  26  ASN ASN A . n 
A 1 31  HIS 31  27  27  HIS HIS A . n 
A 1 32  ILE 32  28  28  ILE ILE A . n 
A 1 33  THR 33  29  29  THR THR A . n 
A 1 34  ASN 34  30  30  ASN ASN A . n 
A 1 35  ALA 35  31  31  ALA ALA A . n 
A 1 36  SER 36  32  32  SER SER A . n 
A 1 37  GLN 37  33  33  GLN GLN A . n 
A 1 38  TRP 38  34  34  TRP TRP A . n 
A 1 39  GLU 39  35  35  GLU GLU A . n 
A 1 40  ARG 40  36  36  ARG ARG A . n 
A 1 41  PRO 41  37  37  PRO PRO A . n 
A 1 42  SER 42  38  38  SER SER A . n 
A 1 43  GLY 43  39  ?   ?   ?   A . n 
A 1 44  ASN 44  40  ?   ?   ?   A . n 
A 1 45  SER 45  41  ?   ?   ?   A . n 
A 1 46  SER 46  42  ?   ?   ?   A . n 
A 1 47  SER 47  43  ?   ?   ?   A . n 
A 1 48  GLY 48  44  ?   ?   ?   A . n 
A 1 49  GLY 49  45  ?   ?   ?   A . n 
A 1 50  LYS 50  46  ?   ?   ?   A . n 
A 1 51  ASN 51  47  ?   ?   ?   A . n 
A 1 52  GLY 52  48  ?   ?   ?   A . n 
A 1 53  GLN 53  49  ?   ?   ?   A . n 
A 1 54  GLY 54  50  ?   ?   ?   A . n 
A 1 55  GLU 55  51  51  GLU GLU A . n 
A 1 56  PRO 56  52  52  PRO PRO A . n 
A 1 57  ALA 57  53  53  ALA ALA A . n 
A 1 58  ARG 58  54  54  ARG ARG A . n 
A 1 59  VAL 59  55  55  VAL VAL A . n 
A 1 60  ARG 60  56  56  ARG ARG A . n 
A 1 61  CYS 61  57  57  CYS CYS A . n 
A 1 62  SER 62  58  58  SER SER A . n 
A 1 63  HIS 63  59  59  HIS HIS A . n 
A 1 64  LEU 64  60  60  LEU LEU A . n 
A 1 65  LEU 65  61  61  LEU LEU A . n 
A 1 66  VAL 66  62  62  VAL VAL A . n 
A 1 67  LYS 67  63  63  LYS LYS A . n 
A 1 68  HIS 68  64  64  HIS HIS A . n 
A 1 69  SER 69  65  65  SER SER A . n 
A 1 70  GLN 70  66  66  GLN GLN A . n 
A 1 71  SER 71  67  67  SER SER A . n 
A 1 72  ARG 72  68  68  ARG ARG A . n 
A 1 73  ARG 73  69  69  ARG ARG A . n 
A 1 74  PRO 74  70  70  PRO PRO A . n 
A 1 75  SER 75  71  71  SER SER A . n 
A 1 76  SER 76  72  72  SER SER A . n 
A 1 77  TRP 77  73  73  TRP TRP A . n 
A 1 78  ARG 78  74  74  ARG ARG A . n 
A 1 79  GLN 79  75  75  GLN GLN A . n 
A 1 80  GLU 80  76  76  GLU GLU A . n 
A 1 81  LYS 81  77  77  LYS LYS A . n 
A 1 82  ILE 82  78  78  ILE ILE A . n 
A 1 83  THR 83  79  79  THR THR A . n 
A 1 84  ARG 84  80  80  ARG ARG A . n 
A 1 85  THR 85  81  81  THR THR A . n 
A 1 86  LYS 86  82  82  LYS LYS A . n 
A 1 87  GLU 87  83  83  GLU GLU A . n 
A 1 88  GLU 88  84  84  GLU GLU A . n 
A 1 89  ALA 89  85  85  ALA ALA A . n 
A 1 90  LEU 90  86  86  LEU LEU A . n 
A 1 91  GLU 91  87  87  GLU GLU A . n 
A 1 92  LEU 92  88  88  LEU LEU A . n 
A 1 93  ILE 93  89  89  ILE ILE A . n 
A 1 94  ASN 94  90  90  ASN ASN A . n 
A 1 95  GLY 95  91  91  GLY GLY A . n 
A 1 96  TYR 96  92  92  TYR TYR A . n 
A 1 97  ILE 97  93  93  ILE ILE A . n 
A 1 98  GLN 98  94  94  GLN GLN A . n 
A 1 99  LYS 99  95  95  LYS LYS A . n 
A 1 100 ILE 100 96  96  ILE ILE A . n 
A 1 101 LYS 101 97  97  LYS LYS A . n 
A 1 102 SER 102 98  98  SER SER A . n 
A 1 103 GLY 103 99  99  GLY GLY A . n 
A 1 104 GLU 104 100 100 GLU GLU A . n 
A 1 105 GLU 105 101 101 GLU GLU A . n 
A 1 106 ASP 106 102 102 ASP ASP A . n 
A 1 107 PHE 107 103 103 PHE PHE A . n 
A 1 108 GLU 108 104 104 GLU GLU A . n 
A 1 109 SER 109 105 105 SER SER A . n 
A 1 110 LEU 110 106 106 LEU LEU A . n 
A 1 111 ALA 111 107 107 ALA ALA A . n 
A 1 112 SER 112 108 108 SER SER A . n 
A 1 113 GLN 113 109 109 GLN GLN A . n 
A 1 114 PHE 114 110 110 PHE PHE A . n 
A 1 115 SER 115 111 111 SER SER A . n 
A 1 116 ASP 116 112 112 ASP ASP A . n 
A 1 117 CYS 117 113 113 CYS CYS A . n 
A 1 118 SER 118 114 114 SER SER A . n 
A 1 119 SER 119 115 115 SER SER A . n 
A 1 120 ALA 120 116 116 ALA ALA A . n 
A 1 121 LYS 121 117 117 LYS LYS A . n 
A 1 122 ALA 122 118 118 ALA ALA A . n 
A 1 123 ARG 123 119 119 ARG ARG A . n 
A 1 124 GLY 124 120 120 GLY GLY A . n 
A 1 125 ASP 125 121 121 ASP ASP A . n 
A 1 126 LEU 126 122 122 LEU LEU A . n 
A 1 127 GLY 127 123 123 GLY GLY A . n 
A 1 128 ALA 128 124 124 ALA ALA A . n 
A 1 129 PHE 129 125 125 PHE PHE A . n 
A 1 130 SER 130 126 126 SER SER A . n 
A 1 131 ARG 131 127 127 ARG ARG A . n 
A 1 132 GLY 132 128 128 GLY GLY A . n 
A 1 133 GLN 133 129 129 GLN GLN A . n 
A 1 134 MET 134 130 130 MET MET A . n 
A 1 135 GLN 135 131 131 GLN GLN A . n 
A 1 136 LYS 136 132 132 LYS LYS A . n 
A 1 137 PRO 137 133 133 PRO PRO A . n 
A 1 138 PHE 138 134 134 PHE PHE A . n 
A 1 139 GLU 139 135 135 GLU GLU A . n 
A 1 140 ASP 140 136 136 ASP ASP A . n 
A 1 141 ALA 141 137 137 ALA ALA A . n 
A 1 142 SER 142 138 138 SER SER A . n 
A 1 143 PHE 143 139 139 PHE PHE A . n 
A 1 144 ALA 144 140 140 ALA ALA A . n 
A 1 145 LEU 145 141 141 LEU LEU A . n 
A 1 146 ARG 146 142 142 ARG ARG A . n 
A 1 147 THR 147 143 143 THR THR A . n 
A 1 148 GLY 148 144 144 GLY GLY A . n 
A 1 149 GLU 149 145 145 GLU GLU A . n 
A 1 150 MET 150 146 146 MET MET A . n 
A 1 151 SER 151 147 147 SER SER A . n 
A 1 152 GLY 152 148 148 GLY GLY A . n 
A 1 153 PRO 153 149 149 PRO PRO A . n 
A 1 154 VAL 154 150 150 VAL VAL A . n 
A 1 155 PHE 155 151 151 PHE PHE A . n 
A 1 156 THR 156 152 152 THR THR A . n 
A 1 157 ASP 157 153 153 ASP ASP A . n 
A 1 158 SER 158 154 154 SER SER A . n 
A 1 159 GLY 159 155 155 GLY GLY A . n 
A 1 160 ILE 160 156 156 ILE ILE A . n 
A 1 161 HIS 161 157 157 HIS HIS A . n 
A 1 162 ILE 162 158 158 ILE ILE A . n 
A 1 163 ILE 163 159 159 ILE ILE A . n 
A 1 164 LEU 164 160 160 LEU LEU A . n 
A 1 165 ARG 165 161 161 ARG ARG A . n 
A 1 166 THR 166 162 162 THR THR A . n 
A 1 167 GLU 167 163 163 GLU GLU A . n 
# 
loop_
_pdbx_nonpoly_scheme.asym_id 
_pdbx_nonpoly_scheme.entity_id 
_pdbx_nonpoly_scheme.mon_id 
_pdbx_nonpoly_scheme.ndb_seq_num 
_pdbx_nonpoly_scheme.pdb_seq_num 
_pdbx_nonpoly_scheme.auth_seq_num 
_pdbx_nonpoly_scheme.pdb_mon_id 
_pdbx_nonpoly_scheme.auth_mon_id 
_pdbx_nonpoly_scheme.pdb_strand_id 
_pdbx_nonpoly_scheme.pdb_ins_code 
B 2 12P 1   164 1   12P 12P A . 
C 3 4FI 1   165 1   4FI 4FI A . 
D 4 HOH 1   166 1   HOH HOH A . 
D 4 HOH 2   167 2   HOH HOH A . 
D 4 HOH 3   168 3   HOH HOH A . 
D 4 HOH 4   169 4   HOH HOH A . 
D 4 HOH 5   170 5   HOH HOH A . 
D 4 HOH 6   171 6   HOH HOH A . 
D 4 HOH 7   172 7   HOH HOH A . 
D 4 HOH 8   173 8   HOH HOH A . 
D 4 HOH 9   174 9   HOH HOH A . 
D 4 HOH 10  175 10  HOH HOH A . 
D 4 HOH 11  176 11  HOH HOH A . 
D 4 HOH 12  177 12  HOH HOH A . 
D 4 HOH 13  178 13  HOH HOH A . 
D 4 HOH 14  179 14  HOH HOH A . 
D 4 HOH 15  180 15  HOH HOH A . 
D 4 HOH 16  181 16  HOH HOH A . 
D 4 HOH 17  182 17  HOH HOH A . 
D 4 HOH 18  183 18  HOH HOH A . 
D 4 HOH 19  184 19  HOH HOH A . 
D 4 HOH 20  185 20  HOH HOH A . 
D 4 HOH 21  186 21  HOH HOH A . 
D 4 HOH 22  187 22  HOH HOH A . 
D 4 HOH 23  188 23  HOH HOH A . 
D 4 HOH 24  189 24  HOH HOH A . 
D 4 HOH 25  190 28  HOH HOH A . 
D 4 HOH 26  191 30  HOH HOH A . 
D 4 HOH 27  192 31  HOH HOH A . 
D 4 HOH 28  193 32  HOH HOH A . 
D 4 HOH 29  194 33  HOH HOH A . 
D 4 HOH 30  195 34  HOH HOH A . 
D 4 HOH 31  196 35  HOH HOH A . 
D 4 HOH 32  197 36  HOH HOH A . 
D 4 HOH 33  198 37  HOH HOH A . 
D 4 HOH 34  199 38  HOH HOH A . 
D 4 HOH 35  200 39  HOH HOH A . 
D 4 HOH 36  201 40  HOH HOH A . 
D 4 HOH 37  202 41  HOH HOH A . 
D 4 HOH 38  203 42  HOH HOH A . 
D 4 HOH 39  204 43  HOH HOH A . 
D 4 HOH 40  205 44  HOH HOH A . 
D 4 HOH 41  206 45  HOH HOH A . 
D 4 HOH 42  207 46  HOH HOH A . 
D 4 HOH 43  208 48  HOH HOH A . 
D 4 HOH 44  209 49  HOH HOH A . 
D 4 HOH 45  210 50  HOH HOH A . 
D 4 HOH 46  211 51  HOH HOH A . 
D 4 HOH 47  212 52  HOH HOH A . 
D 4 HOH 48  213 54  HOH HOH A . 
D 4 HOH 49  214 55  HOH HOH A . 
D 4 HOH 50  215 57  HOH HOH A . 
D 4 HOH 51  216 59  HOH HOH A . 
D 4 HOH 52  217 63  HOH HOH A . 
D 4 HOH 53  218 66  HOH HOH A . 
D 4 HOH 54  219 69  HOH HOH A . 
D 4 HOH 55  220 70  HOH HOH A . 
D 4 HOH 56  221 71  HOH HOH A . 
D 4 HOH 57  222 73  HOH HOH A . 
D 4 HOH 58  223 75  HOH HOH A . 
D 4 HOH 59  224 78  HOH HOH A . 
D 4 HOH 60  225 79  HOH HOH A . 
D 4 HOH 61  226 83  HOH HOH A . 
D 4 HOH 62  227 84  HOH HOH A . 
D 4 HOH 63  228 85  HOH HOH A . 
D 4 HOH 64  229 86  HOH HOH A . 
D 4 HOH 65  230 87  HOH HOH A . 
D 4 HOH 66  231 88  HOH HOH A . 
D 4 HOH 67  232 89  HOH HOH A . 
D 4 HOH 68  233 90  HOH HOH A . 
D 4 HOH 69  234 91  HOH HOH A . 
D 4 HOH 70  235 92  HOH HOH A . 
D 4 HOH 71  236 93  HOH HOH A . 
D 4 HOH 72  237 94  HOH HOH A . 
D 4 HOH 73  238 95  HOH HOH A . 
D 4 HOH 74  239 96  HOH HOH A . 
D 4 HOH 75  240 97  HOH HOH A . 
D 4 HOH 76  241 98  HOH HOH A . 
D 4 HOH 77  242 99  HOH HOH A . 
D 4 HOH 78  243 100 HOH HOH A . 
D 4 HOH 79  244 101 HOH HOH A . 
D 4 HOH 80  245 102 HOH HOH A . 
D 4 HOH 81  246 103 HOH HOH A . 
D 4 HOH 82  247 104 HOH HOH A . 
D 4 HOH 83  248 105 HOH HOH A . 
D 4 HOH 84  249 106 HOH HOH A . 
D 4 HOH 85  250 107 HOH HOH A . 
D 4 HOH 86  251 108 HOH HOH A . 
D 4 HOH 87  252 109 HOH HOH A . 
D 4 HOH 88  253 110 HOH HOH A . 
D 4 HOH 89  254 111 HOH HOH A . 
D 4 HOH 90  255 112 HOH HOH A . 
D 4 HOH 91  256 113 HOH HOH A . 
D 4 HOH 92  257 114 HOH HOH A . 
D 4 HOH 93  258 115 HOH HOH A . 
D 4 HOH 94  259 116 HOH HOH A . 
D 4 HOH 95  260 117 HOH HOH A . 
D 4 HOH 96  261 118 HOH HOH A . 
D 4 HOH 97  262 119 HOH HOH A . 
D 4 HOH 98  263 120 HOH HOH A . 
D 4 HOH 99  264 121 HOH HOH A . 
D 4 HOH 100 265 122 HOH HOH A . 
D 4 HOH 101 266 123 HOH HOH A . 
D 4 HOH 102 267 124 HOH HOH A . 
D 4 HOH 103 268 125 HOH HOH A . 
D 4 HOH 104 269 126 HOH HOH A . 
D 4 HOH 105 270 127 HOH HOH A . 
D 4 HOH 106 271 128 HOH HOH A . 
D 4 HOH 107 272 129 HOH HOH A . 
D 4 HOH 108 273 130 HOH HOH A . 
D 4 HOH 109 274 131 HOH HOH A . 
D 4 HOH 110 275 132 HOH HOH A . 
D 4 HOH 111 276 133 HOH HOH A . 
D 4 HOH 112 277 134 HOH HOH A . 
D 4 HOH 113 278 135 HOH HOH A . 
D 4 HOH 114 279 136 HOH HOH A . 
D 4 HOH 115 280 137 HOH HOH A . 
D 4 HOH 116 281 138 HOH HOH A . 
# 
_pdbx_struct_assembly.id                   1 
_pdbx_struct_assembly.details              author_and_software_defined_assembly 
_pdbx_struct_assembly.method_details       PISA 
_pdbx_struct_assembly.oligomeric_details   monomeric 
_pdbx_struct_assembly.oligomeric_count     1 
# 
_pdbx_struct_assembly_gen.assembly_id       1 
_pdbx_struct_assembly_gen.oper_expression   1 
_pdbx_struct_assembly_gen.asym_id_list      A,B,C,D 
# 
_pdbx_struct_oper_list.id                   1 
_pdbx_struct_oper_list.type                 'identity operation' 
_pdbx_struct_oper_list.name                 1_555 
_pdbx_struct_oper_list.symmetry_operation   x,y,z 
_pdbx_struct_oper_list.matrix[1][1]         1.0000000000 
_pdbx_struct_oper_list.matrix[1][2]         0.0000000000 
_pdbx_struct_oper_list.matrix[1][3]         0.0000000000 
_pdbx_struct_oper_list.vector[1]            0.0000000000 
_pdbx_struct_oper_list.matrix[2][1]         0.0000000000 
_pdbx_struct_oper_list.matrix[2][2]         1.0000000000 
_pdbx_struct_oper_list.matrix[2][3]         0.0000000000 
_pdbx_struct_oper_list.vector[2]            0.0000000000 
_pdbx_struct_oper_list.matrix[3][1]         0.0000000000 
_pdbx_struct_oper_list.matrix[3][2]         0.0000000000 
_pdbx_struct_oper_list.matrix[3][3]         1.0000000000 
_pdbx_struct_oper_list.vector[3]            0.0000000000 
# 
loop_
_pdbx_audit_revision_history.ordinal 
_pdbx_audit_revision_history.data_content_type 
_pdbx_audit_revision_history.major_revision 
_pdbx_audit_revision_history.minor_revision 
_pdbx_audit_revision_history.revision_date 
1 'Structure model' 1 0 2009-12-22 
2 'Structure model' 1 1 2011-07-13 
3 'Structure model' 1 2 2021-11-10 
4 'Structure model' 1 3 2023-11-01 
# 
_pdbx_audit_revision_details.ordinal             1 
_pdbx_audit_revision_details.revision_ordinal    1 
_pdbx_audit_revision_details.data_content_type   'Structure model' 
_pdbx_audit_revision_details.provider            repository 
_pdbx_audit_revision_details.type                'Initial release' 
_pdbx_audit_revision_details.description         ? 
_pdbx_audit_revision_details.details             ? 
# 
loop_
_pdbx_audit_revision_group.ordinal 
_pdbx_audit_revision_group.revision_ordinal 
_pdbx_audit_revision_group.data_content_type 
_pdbx_audit_revision_group.group 
1 2 'Structure model' 'Version format compliance' 
2 3 'Structure model' 'Database references'       
3 3 'Structure model' 'Derived calculations'      
4 4 'Structure model' 'Data collection'           
5 4 'Structure model' 'Refinement description'    
# 
loop_
_pdbx_audit_revision_category.ordinal 
_pdbx_audit_revision_category.revision_ordinal 
_pdbx_audit_revision_category.data_content_type 
_pdbx_audit_revision_category.category 
1 3 'Structure model' database_2                    
2 3 'Structure model' struct_ref_seq_dif            
3 3 'Structure model' struct_site                   
4 4 'Structure model' chem_comp_atom                
5 4 'Structure model' chem_comp_bond                
6 4 'Structure model' pdbx_initial_refinement_model 
# 
loop_
_pdbx_audit_revision_item.ordinal 
_pdbx_audit_revision_item.revision_ordinal 
_pdbx_audit_revision_item.data_content_type 
_pdbx_audit_revision_item.item 
1 3 'Structure model' '_database_2.pdbx_DOI'                
2 3 'Structure model' '_database_2.pdbx_database_accession' 
3 3 'Structure model' '_struct_ref_seq_dif.details'         
4 3 'Structure model' '_struct_site.pdbx_auth_asym_id'      
5 3 'Structure model' '_struct_site.pdbx_auth_comp_id'      
6 3 'Structure model' '_struct_site.pdbx_auth_seq_id'       
# 
loop_
_software.name 
_software.classification 
_software.version 
_software.citation_id 
_software.pdbx_ordinal 
CrystalClear 'data collection' .        ? 1 
AMoRE        phasing           .        ? 2 
REFMAC       refinement        5.5.0072 ? 3 
d*TREK       'data reduction'  .        ? 4 
d*TREK       'data scaling'    .        ? 5 
# 
_pdbx_validate_close_contact.id               1 
_pdbx_validate_close_contact.PDB_model_num    1 
_pdbx_validate_close_contact.auth_atom_id_1   OE2 
_pdbx_validate_close_contact.auth_asym_id_1   A 
_pdbx_validate_close_contact.auth_comp_id_1   GLU 
_pdbx_validate_close_contact.auth_seq_id_1    101 
_pdbx_validate_close_contact.PDB_ins_code_1   ? 
_pdbx_validate_close_contact.label_alt_id_1   ? 
_pdbx_validate_close_contact.auth_atom_id_2   O 
_pdbx_validate_close_contact.auth_asym_id_2   A 
_pdbx_validate_close_contact.auth_comp_id_2   HOH 
_pdbx_validate_close_contact.auth_seq_id_2    267 
_pdbx_validate_close_contact.PDB_ins_code_2   ? 
_pdbx_validate_close_contact.label_alt_id_2   ? 
_pdbx_validate_close_contact.dist             2.14 
# 
loop_
_pdbx_validate_rmsd_angle.id 
_pdbx_validate_rmsd_angle.PDB_model_num 
_pdbx_validate_rmsd_angle.auth_atom_id_1 
_pdbx_validate_rmsd_angle.auth_asym_id_1 
_pdbx_validate_rmsd_angle.auth_comp_id_1 
_pdbx_validate_rmsd_angle.auth_seq_id_1 
_pdbx_validate_rmsd_angle.PDB_ins_code_1 
_pdbx_validate_rmsd_angle.label_alt_id_1 
_pdbx_validate_rmsd_angle.auth_atom_id_2 
_pdbx_validate_rmsd_angle.auth_asym_id_2 
_pdbx_validate_rmsd_angle.auth_comp_id_2 
_pdbx_validate_rmsd_angle.auth_seq_id_2 
_pdbx_validate_rmsd_angle.PDB_ins_code_2 
_pdbx_validate_rmsd_angle.label_alt_id_2 
_pdbx_validate_rmsd_angle.auth_atom_id_3 
_pdbx_validate_rmsd_angle.auth_asym_id_3 
_pdbx_validate_rmsd_angle.auth_comp_id_3 
_pdbx_validate_rmsd_angle.auth_seq_id_3 
_pdbx_validate_rmsd_angle.PDB_ins_code_3 
_pdbx_validate_rmsd_angle.label_alt_id_3 
_pdbx_validate_rmsd_angle.angle_value 
_pdbx_validate_rmsd_angle.angle_target_value 
_pdbx_validate_rmsd_angle.angle_deviation 
_pdbx_validate_rmsd_angle.angle_standard_deviation 
_pdbx_validate_rmsd_angle.linker_flag 
1 1 C  A LEU 7   ? ? N  A PRO 8   ? ? CA  A PRO 8   ? ? 128.62 119.30 9.32  1.50 Y 
2 1 NE A ARG 21  ? ? CZ A ARG 21  ? ? NH2 A ARG 21  ? ? 116.16 120.30 -4.14 0.50 N 
3 1 NE A ARG 161 ? ? CZ A ARG 161 ? ? NH1 A ARG 161 ? ? 123.80 120.30 3.50  0.50 N 
# 
loop_
_pdbx_validate_torsion.id 
_pdbx_validate_torsion.PDB_model_num 
_pdbx_validate_torsion.auth_comp_id 
_pdbx_validate_torsion.auth_asym_id 
_pdbx_validate_torsion.auth_seq_id 
_pdbx_validate_torsion.PDB_ins_code 
_pdbx_validate_torsion.label_alt_id 
_pdbx_validate_torsion.phi 
_pdbx_validate_torsion.psi 
1 1 PRO A 8  ? ? -35.71 162.28 
2 1 PRO A 9  ? ? -41.86 103.30 
3 1 PRO A 70 ? ? -69.66 51.25  
# 
loop_
_pdbx_unobs_or_zero_occ_atoms.id 
_pdbx_unobs_or_zero_occ_atoms.PDB_model_num 
_pdbx_unobs_or_zero_occ_atoms.polymer_flag 
_pdbx_unobs_or_zero_occ_atoms.occupancy_flag 
_pdbx_unobs_or_zero_occ_atoms.auth_asym_id 
_pdbx_unobs_or_zero_occ_atoms.auth_comp_id 
_pdbx_unobs_or_zero_occ_atoms.auth_seq_id 
_pdbx_unobs_or_zero_occ_atoms.PDB_ins_code 
_pdbx_unobs_or_zero_occ_atoms.auth_atom_id 
_pdbx_unobs_or_zero_occ_atoms.label_alt_id 
_pdbx_unobs_or_zero_occ_atoms.label_asym_id 
_pdbx_unobs_or_zero_occ_atoms.label_comp_id 
_pdbx_unobs_or_zero_occ_atoms.label_seq_id 
_pdbx_unobs_or_zero_occ_atoms.label_atom_id 
1  1 N 1 A 12P 164 ? O37 ? B 12P 1 O37 
2  1 N 1 A 12P 164 ? C36 ? B 12P 1 C36 
3  1 N 1 A 12P 164 ? C35 ? B 12P 1 C35 
4  1 N 1 A 12P 164 ? O34 ? B 12P 1 O34 
5  1 N 1 A 12P 164 ? C33 ? B 12P 1 C33 
6  1 N 1 A 12P 164 ? O13 ? B 12P 1 O13 
7  1 N 1 A 12P 164 ? C12 ? B 12P 1 C12 
8  1 N 1 A 12P 164 ? C11 ? B 12P 1 C11 
9  1 N 1 A 12P 164 ? O10 ? B 12P 1 O10 
10 1 N 1 A 12P 164 ? C9  ? B 12P 1 C9  
11 1 N 1 A 12P 164 ? C8  ? B 12P 1 C8  
12 1 N 1 A 12P 164 ? O7  ? B 12P 1 O7  
13 1 N 1 A 12P 164 ? C6  ? B 12P 1 C6  
14 1 N 1 A 12P 164 ? C5  ? B 12P 1 C5  
15 1 N 1 A 12P 164 ? O4  ? B 12P 1 O4  
16 1 N 1 A 12P 164 ? C3  ? B 12P 1 C3  
17 1 N 1 A 12P 164 ? C2  ? B 12P 1 C2  
18 1 N 1 A 12P 164 ? O1  ? B 12P 1 O1  
# 
loop_
_pdbx_unobs_or_zero_occ_residues.id 
_pdbx_unobs_or_zero_occ_residues.PDB_model_num 
_pdbx_unobs_or_zero_occ_residues.polymer_flag 
_pdbx_unobs_or_zero_occ_residues.occupancy_flag 
_pdbx_unobs_or_zero_occ_residues.auth_asym_id 
_pdbx_unobs_or_zero_occ_residues.auth_comp_id 
_pdbx_unobs_or_zero_occ_residues.auth_seq_id 
_pdbx_unobs_or_zero_occ_residues.PDB_ins_code 
_pdbx_unobs_or_zero_occ_residues.label_asym_id 
_pdbx_unobs_or_zero_occ_residues.label_comp_id 
_pdbx_unobs_or_zero_occ_residues.label_seq_id 
1  1 Y 1 A GLY -3 ? A GLY 1  
2  1 Y 1 A SER -2 ? A SER 2  
3  1 Y 1 A HIS -1 ? A HIS 3  
4  1 Y 1 A GLY 0  ? A GLY 4  
5  1 Y 1 A MET 1  ? A MET 5  
6  1 Y 1 A ALA 2  ? A ALA 6  
7  1 Y 1 A ASP 3  ? A ASP 7  
8  1 Y 1 A GLU 4  ? A GLU 8  
9  1 Y 1 A GLU 5  ? A GLU 9  
10 1 Y 1 A LYS 6  ? A LYS 10 
11 1 Y 1 A GLY 39 ? A GLY 43 
12 1 Y 1 A ASN 40 ? A ASN 44 
13 1 Y 1 A SER 41 ? A SER 45 
14 1 Y 1 A SER 42 ? A SER 46 
15 1 Y 1 A SER 43 ? A SER 47 
16 1 Y 1 A GLY 44 ? A GLY 48 
17 1 Y 1 A GLY 45 ? A GLY 49 
18 1 Y 1 A LYS 46 ? A LYS 50 
19 1 Y 1 A ASN 47 ? A ASN 51 
20 1 Y 1 A GLY 48 ? A GLY 52 
21 1 Y 1 A GLN 49 ? A GLN 53 
22 1 Y 1 A GLY 50 ? A GLY 54 
# 
loop_
_chem_comp_atom.comp_id 
_chem_comp_atom.atom_id 
_chem_comp_atom.type_symbol 
_chem_comp_atom.pdbx_aromatic_flag 
_chem_comp_atom.pdbx_stereo_config 
_chem_comp_atom.pdbx_ordinal 
12P O37  O N N 1   
12P C36  C N N 2   
12P C35  C N N 3   
12P O34  O N N 4   
12P C33  C N N 5   
12P C32  C N N 6   
12P O31  O N N 7   
12P C30  C N N 8   
12P C29  C N N 9   
12P O28  O N N 10  
12P C27  C N N 11  
12P C26  C N N 12  
12P O25  O N N 13  
12P C24  C N N 14  
12P C23  C N N 15  
12P O22  O N N 16  
12P C21  C N N 17  
12P C20  C N N 18  
12P O19  O N N 19  
12P C18  C N N 20  
12P C17  C N N 21  
12P O16  O N N 22  
12P C15  C N N 23  
12P C14  C N N 24  
12P O13  O N N 25  
12P C12  C N N 26  
12P C11  C N N 27  
12P O10  O N N 28  
12P C9   C N N 29  
12P C8   C N N 30  
12P O7   O N N 31  
12P C6   C N N 32  
12P C5   C N N 33  
12P O4   O N N 34  
12P C3   C N N 35  
12P C2   C N N 36  
12P O1   O N N 37  
12P H37  H N N 38  
12P H361 H N N 39  
12P H362 H N N 40  
12P H351 H N N 41  
12P H352 H N N 42  
12P H331 H N N 43  
12P H332 H N N 44  
12P H321 H N N 45  
12P H322 H N N 46  
12P H301 H N N 47  
12P H302 H N N 48  
12P H291 H N N 49  
12P H292 H N N 50  
12P H271 H N N 51  
12P H272 H N N 52  
12P H261 H N N 53  
12P H262 H N N 54  
12P H241 H N N 55  
12P H242 H N N 56  
12P H231 H N N 57  
12P H232 H N N 58  
12P H211 H N N 59  
12P H212 H N N 60  
12P H201 H N N 61  
12P H202 H N N 62  
12P H181 H N N 63  
12P H182 H N N 64  
12P H171 H N N 65  
12P H172 H N N 66  
12P H151 H N N 67  
12P H152 H N N 68  
12P H141 H N N 69  
12P H142 H N N 70  
12P H121 H N N 71  
12P H122 H N N 72  
12P H111 H N N 73  
12P H112 H N N 74  
12P H91  H N N 75  
12P H92  H N N 76  
12P H81  H N N 77  
12P H82  H N N 78  
12P H61  H N N 79  
12P H62  H N N 80  
12P H51  H N N 81  
12P H52  H N N 82  
12P H31  H N N 83  
12P H32  H N N 84  
12P H21  H N N 85  
12P H22  H N N 86  
12P HO1  H N N 87  
4FI C1   C Y N 88  
4FI C2   C Y N 89  
4FI C3   C Y N 90  
4FI C4   C N N 91  
4FI C5   C N R 92  
4FI C6   C N N 93  
4FI N7   N N N 94  
4FI O8   O N N 95  
4FI O9   O N N 96  
4FI C10  C N N 97  
4FI C11  C Y N 98  
4FI O12  O N N 99  
4FI C13  C Y N 100 
4FI N14  N Y N 101 
4FI N15  N Y N 102 
4FI C16  C Y N 103 
4FI C17  C Y N 104 
4FI C18  C Y N 105 
4FI C19  C Y N 106 
4FI C20  C Y N 107 
4FI C21  C Y N 108 
4FI C22  C Y N 109 
4FI C23  C Y N 110 
4FI C24  C N N 111 
4FI C25  C Y N 112 
4FI C26  C Y N 113 
4FI C27  C Y N 114 
4FI C28  C Y N 115 
4FI C29  C Y N 116 
4FI C30  C Y N 117 
4FI H1   H N N 118 
4FI H3   H N N 119 
4FI H4   H N N 120 
4FI H4A  H N N 121 
4FI H5   H N N 122 
4FI HN7  H N N 123 
4FI HO9  H N N 124 
4FI H11  H N N 125 
4FI H17  H N N 126 
4FI H19  H N N 127 
4FI H20  H N N 128 
4FI H21  H N N 129 
4FI H22  H N N 130 
4FI H23  H N N 131 
4FI H24  H N N 132 
4FI H24A H N N 133 
4FI H24B H N N 134 
4FI H27  H N N 135 
4FI H28  H N N 136 
4FI H29  H N N 137 
4FI H30  H N N 138 
ALA N    N N N 139 
ALA CA   C N S 140 
ALA C    C N N 141 
ALA O    O N N 142 
ALA CB   C N N 143 
ALA OXT  O N N 144 
ALA H    H N N 145 
ALA H2   H N N 146 
ALA HA   H N N 147 
ALA HB1  H N N 148 
ALA HB2  H N N 149 
ALA HB3  H N N 150 
ALA HXT  H N N 151 
ARG N    N N N 152 
ARG CA   C N S 153 
ARG C    C N N 154 
ARG O    O N N 155 
ARG CB   C N N 156 
ARG CG   C N N 157 
ARG CD   C N N 158 
ARG NE   N N N 159 
ARG CZ   C N N 160 
ARG NH1  N N N 161 
ARG NH2  N N N 162 
ARG OXT  O N N 163 
ARG H    H N N 164 
ARG H2   H N N 165 
ARG HA   H N N 166 
ARG HB2  H N N 167 
ARG HB3  H N N 168 
ARG HG2  H N N 169 
ARG HG3  H N N 170 
ARG HD2  H N N 171 
ARG HD3  H N N 172 
ARG HE   H N N 173 
ARG HH11 H N N 174 
ARG HH12 H N N 175 
ARG HH21 H N N 176 
ARG HH22 H N N 177 
ARG HXT  H N N 178 
ASN N    N N N 179 
ASN CA   C N S 180 
ASN C    C N N 181 
ASN O    O N N 182 
ASN CB   C N N 183 
ASN CG   C N N 184 
ASN OD1  O N N 185 
ASN ND2  N N N 186 
ASN OXT  O N N 187 
ASN H    H N N 188 
ASN H2   H N N 189 
ASN HA   H N N 190 
ASN HB2  H N N 191 
ASN HB3  H N N 192 
ASN HD21 H N N 193 
ASN HD22 H N N 194 
ASN HXT  H N N 195 
ASP N    N N N 196 
ASP CA   C N S 197 
ASP C    C N N 198 
ASP O    O N N 199 
ASP CB   C N N 200 
ASP CG   C N N 201 
ASP OD1  O N N 202 
ASP OD2  O N N 203 
ASP OXT  O N N 204 
ASP H    H N N 205 
ASP H2   H N N 206 
ASP HA   H N N 207 
ASP HB2  H N N 208 
ASP HB3  H N N 209 
ASP HD2  H N N 210 
ASP HXT  H N N 211 
CYS N    N N N 212 
CYS CA   C N R 213 
CYS C    C N N 214 
CYS O    O N N 215 
CYS CB   C N N 216 
CYS SG   S N N 217 
CYS OXT  O N N 218 
CYS H    H N N 219 
CYS H2   H N N 220 
CYS HA   H N N 221 
CYS HB2  H N N 222 
CYS HB3  H N N 223 
CYS HG   H N N 224 
CYS HXT  H N N 225 
GLN N    N N N 226 
GLN CA   C N S 227 
GLN C    C N N 228 
GLN O    O N N 229 
GLN CB   C N N 230 
GLN CG   C N N 231 
GLN CD   C N N 232 
GLN OE1  O N N 233 
GLN NE2  N N N 234 
GLN OXT  O N N 235 
GLN H    H N N 236 
GLN H2   H N N 237 
GLN HA   H N N 238 
GLN HB2  H N N 239 
GLN HB3  H N N 240 
GLN HG2  H N N 241 
GLN HG3  H N N 242 
GLN HE21 H N N 243 
GLN HE22 H N N 244 
GLN HXT  H N N 245 
GLU N    N N N 246 
GLU CA   C N S 247 
GLU C    C N N 248 
GLU O    O N N 249 
GLU CB   C N N 250 
GLU CG   C N N 251 
GLU CD   C N N 252 
GLU OE1  O N N 253 
GLU OE2  O N N 254 
GLU OXT  O N N 255 
GLU H    H N N 256 
GLU H2   H N N 257 
GLU HA   H N N 258 
GLU HB2  H N N 259 
GLU HB3  H N N 260 
GLU HG2  H N N 261 
GLU HG3  H N N 262 
GLU HE2  H N N 263 
GLU HXT  H N N 264 
GLY N    N N N 265 
GLY CA   C N N 266 
GLY C    C N N 267 
GLY O    O N N 268 
GLY OXT  O N N 269 
GLY H    H N N 270 
GLY H2   H N N 271 
GLY HA2  H N N 272 
GLY HA3  H N N 273 
GLY HXT  H N N 274 
HIS N    N N N 275 
HIS CA   C N S 276 
HIS C    C N N 277 
HIS O    O N N 278 
HIS CB   C N N 279 
HIS CG   C Y N 280 
HIS ND1  N Y N 281 
HIS CD2  C Y N 282 
HIS CE1  C Y N 283 
HIS NE2  N Y N 284 
HIS OXT  O N N 285 
HIS H    H N N 286 
HIS H2   H N N 287 
HIS HA   H N N 288 
HIS HB2  H N N 289 
HIS HB3  H N N 290 
HIS HD1  H N N 291 
HIS HD2  H N N 292 
HIS HE1  H N N 293 
HIS HE2  H N N 294 
HIS HXT  H N N 295 
HOH O    O N N 296 
HOH H1   H N N 297 
HOH H2   H N N 298 
ILE N    N N N 299 
ILE CA   C N S 300 
ILE C    C N N 301 
ILE O    O N N 302 
ILE CB   C N S 303 
ILE CG1  C N N 304 
ILE CG2  C N N 305 
ILE CD1  C N N 306 
ILE OXT  O N N 307 
ILE H    H N N 308 
ILE H2   H N N 309 
ILE HA   H N N 310 
ILE HB   H N N 311 
ILE HG12 H N N 312 
ILE HG13 H N N 313 
ILE HG21 H N N 314 
ILE HG22 H N N 315 
ILE HG23 H N N 316 
ILE HD11 H N N 317 
ILE HD12 H N N 318 
ILE HD13 H N N 319 
ILE HXT  H N N 320 
LEU N    N N N 321 
LEU CA   C N S 322 
LEU C    C N N 323 
LEU O    O N N 324 
LEU CB   C N N 325 
LEU CG   C N N 326 
LEU CD1  C N N 327 
LEU CD2  C N N 328 
LEU OXT  O N N 329 
LEU H    H N N 330 
LEU H2   H N N 331 
LEU HA   H N N 332 
LEU HB2  H N N 333 
LEU HB3  H N N 334 
LEU HG   H N N 335 
LEU HD11 H N N 336 
LEU HD12 H N N 337 
LEU HD13 H N N 338 
LEU HD21 H N N 339 
LEU HD22 H N N 340 
LEU HD23 H N N 341 
LEU HXT  H N N 342 
LYS N    N N N 343 
LYS CA   C N S 344 
LYS C    C N N 345 
LYS O    O N N 346 
LYS CB   C N N 347 
LYS CG   C N N 348 
LYS CD   C N N 349 
LYS CE   C N N 350 
LYS NZ   N N N 351 
LYS OXT  O N N 352 
LYS H    H N N 353 
LYS H2   H N N 354 
LYS HA   H N N 355 
LYS HB2  H N N 356 
LYS HB3  H N N 357 
LYS HG2  H N N 358 
LYS HG3  H N N 359 
LYS HD2  H N N 360 
LYS HD3  H N N 361 
LYS HE2  H N N 362 
LYS HE3  H N N 363 
LYS HZ1  H N N 364 
LYS HZ2  H N N 365 
LYS HZ3  H N N 366 
LYS HXT  H N N 367 
MET N    N N N 368 
MET CA   C N S 369 
MET C    C N N 370 
MET O    O N N 371 
MET CB   C N N 372 
MET CG   C N N 373 
MET SD   S N N 374 
MET CE   C N N 375 
MET OXT  O N N 376 
MET H    H N N 377 
MET H2   H N N 378 
MET HA   H N N 379 
MET HB2  H N N 380 
MET HB3  H N N 381 
MET HG2  H N N 382 
MET HG3  H N N 383 
MET HE1  H N N 384 
MET HE2  H N N 385 
MET HE3  H N N 386 
MET HXT  H N N 387 
PHE N    N N N 388 
PHE CA   C N S 389 
PHE C    C N N 390 
PHE O    O N N 391 
PHE CB   C N N 392 
PHE CG   C Y N 393 
PHE CD1  C Y N 394 
PHE CD2  C Y N 395 
PHE CE1  C Y N 396 
PHE CE2  C Y N 397 
PHE CZ   C Y N 398 
PHE OXT  O N N 399 
PHE H    H N N 400 
PHE H2   H N N 401 
PHE HA   H N N 402 
PHE HB2  H N N 403 
PHE HB3  H N N 404 
PHE HD1  H N N 405 
PHE HD2  H N N 406 
PHE HE1  H N N 407 
PHE HE2  H N N 408 
PHE HZ   H N N 409 
PHE HXT  H N N 410 
PRO N    N N N 411 
PRO CA   C N S 412 
PRO C    C N N 413 
PRO O    O N N 414 
PRO CB   C N N 415 
PRO CG   C N N 416 
PRO CD   C N N 417 
PRO OXT  O N N 418 
PRO H    H N N 419 
PRO HA   H N N 420 
PRO HB2  H N N 421 
PRO HB3  H N N 422 
PRO HG2  H N N 423 
PRO HG3  H N N 424 
PRO HD2  H N N 425 
PRO HD3  H N N 426 
PRO HXT  H N N 427 
SER N    N N N 428 
SER CA   C N S 429 
SER C    C N N 430 
SER O    O N N 431 
SER CB   C N N 432 
SER OG   O N N 433 
SER OXT  O N N 434 
SER H    H N N 435 
SER H2   H N N 436 
SER HA   H N N 437 
SER HB2  H N N 438 
SER HB3  H N N 439 
SER HG   H N N 440 
SER HXT  H N N 441 
THR N    N N N 442 
THR CA   C N S 443 
THR C    C N N 444 
THR O    O N N 445 
THR CB   C N R 446 
THR OG1  O N N 447 
THR CG2  C N N 448 
THR OXT  O N N 449 
THR H    H N N 450 
THR H2   H N N 451 
THR HA   H N N 452 
THR HB   H N N 453 
THR HG1  H N N 454 
THR HG21 H N N 455 
THR HG22 H N N 456 
THR HG23 H N N 457 
THR HXT  H N N 458 
TRP N    N N N 459 
TRP CA   C N S 460 
TRP C    C N N 461 
TRP O    O N N 462 
TRP CB   C N N 463 
TRP CG   C Y N 464 
TRP CD1  C Y N 465 
TRP CD2  C Y N 466 
TRP NE1  N Y N 467 
TRP CE2  C Y N 468 
TRP CE3  C Y N 469 
TRP CZ2  C Y N 470 
TRP CZ3  C Y N 471 
TRP CH2  C Y N 472 
TRP OXT  O N N 473 
TRP H    H N N 474 
TRP H2   H N N 475 
TRP HA   H N N 476 
TRP HB2  H N N 477 
TRP HB3  H N N 478 
TRP HD1  H N N 479 
TRP HE1  H N N 480 
TRP HE3  H N N 481 
TRP HZ2  H N N 482 
TRP HZ3  H N N 483 
TRP HH2  H N N 484 
TRP HXT  H N N 485 
TYR N    N N N 486 
TYR CA   C N S 487 
TYR C    C N N 488 
TYR O    O N N 489 
TYR CB   C N N 490 
TYR CG   C Y N 491 
TYR CD1  C Y N 492 
TYR CD2  C Y N 493 
TYR CE1  C Y N 494 
TYR CE2  C Y N 495 
TYR CZ   C Y N 496 
TYR OH   O N N 497 
TYR OXT  O N N 498 
TYR H    H N N 499 
TYR H2   H N N 500 
TYR HA   H N N 501 
TYR HB2  H N N 502 
TYR HB3  H N N 503 
TYR HD1  H N N 504 
TYR HD2  H N N 505 
TYR HE1  H N N 506 
TYR HE2  H N N 507 
TYR HH   H N N 508 
TYR HXT  H N N 509 
VAL N    N N N 510 
VAL CA   C N S 511 
VAL C    C N N 512 
VAL O    O N N 513 
VAL CB   C N N 514 
VAL CG1  C N N 515 
VAL CG2  C N N 516 
VAL OXT  O N N 517 
VAL H    H N N 518 
VAL H2   H N N 519 
VAL HA   H N N 520 
VAL HB   H N N 521 
VAL HG11 H N N 522 
VAL HG12 H N N 523 
VAL HG13 H N N 524 
VAL HG21 H N N 525 
VAL HG22 H N N 526 
VAL HG23 H N N 527 
VAL HXT  H N N 528 
# 
loop_
_chem_comp_bond.comp_id 
_chem_comp_bond.atom_id_1 
_chem_comp_bond.atom_id_2 
_chem_comp_bond.value_order 
_chem_comp_bond.pdbx_aromatic_flag 
_chem_comp_bond.pdbx_stereo_config 
_chem_comp_bond.pdbx_ordinal 
12P O37 C36  sing N N 1   
12P O37 H37  sing N N 2   
12P C36 C35  sing N N 3   
12P C36 H361 sing N N 4   
12P C36 H362 sing N N 5   
12P C35 O34  sing N N 6   
12P C35 H351 sing N N 7   
12P C35 H352 sing N N 8   
12P O34 C33  sing N N 9   
12P C33 C32  sing N N 10  
12P C33 H331 sing N N 11  
12P C33 H332 sing N N 12  
12P C32 O31  sing N N 13  
12P C32 H321 sing N N 14  
12P C32 H322 sing N N 15  
12P O31 C30  sing N N 16  
12P C30 C29  sing N N 17  
12P C30 H301 sing N N 18  
12P C30 H302 sing N N 19  
12P C29 O28  sing N N 20  
12P C29 H291 sing N N 21  
12P C29 H292 sing N N 22  
12P O28 C27  sing N N 23  
12P C27 C26  sing N N 24  
12P C27 H271 sing N N 25  
12P C27 H272 sing N N 26  
12P C26 O25  sing N N 27  
12P C26 H261 sing N N 28  
12P C26 H262 sing N N 29  
12P O25 C24  sing N N 30  
12P C24 C23  sing N N 31  
12P C24 H241 sing N N 32  
12P C24 H242 sing N N 33  
12P C23 O22  sing N N 34  
12P C23 H231 sing N N 35  
12P C23 H232 sing N N 36  
12P O22 C21  sing N N 37  
12P C21 C20  sing N N 38  
12P C21 H211 sing N N 39  
12P C21 H212 sing N N 40  
12P C20 O19  sing N N 41  
12P C20 H201 sing N N 42  
12P C20 H202 sing N N 43  
12P O19 C18  sing N N 44  
12P C18 C17  sing N N 45  
12P C18 H181 sing N N 46  
12P C18 H182 sing N N 47  
12P C17 O16  sing N N 48  
12P C17 H171 sing N N 49  
12P C17 H172 sing N N 50  
12P O16 C15  sing N N 51  
12P C15 C14  sing N N 52  
12P C15 H151 sing N N 53  
12P C15 H152 sing N N 54  
12P C14 O13  sing N N 55  
12P C14 H141 sing N N 56  
12P C14 H142 sing N N 57  
12P O13 C12  sing N N 58  
12P C12 C11  sing N N 59  
12P C12 H121 sing N N 60  
12P C12 H122 sing N N 61  
12P C11 O10  sing N N 62  
12P C11 H111 sing N N 63  
12P C11 H112 sing N N 64  
12P O10 C9   sing N N 65  
12P C9  C8   sing N N 66  
12P C9  H91  sing N N 67  
12P C9  H92  sing N N 68  
12P C8  O7   sing N N 69  
12P C8  H81  sing N N 70  
12P C8  H82  sing N N 71  
12P O7  C6   sing N N 72  
12P C6  C5   sing N N 73  
12P C6  H61  sing N N 74  
12P C6  H62  sing N N 75  
12P C5  O4   sing N N 76  
12P C5  H51  sing N N 77  
12P C5  H52  sing N N 78  
12P O4  C3   sing N N 79  
12P C3  C2   sing N N 80  
12P C3  H31  sing N N 81  
12P C3  H32  sing N N 82  
12P C2  O1   sing N N 83  
12P C2  H21  sing N N 84  
12P C2  H22  sing N N 85  
12P O1  HO1  sing N N 86  
4FI C11 C1   doub Y N 87  
4FI C1  C25  sing Y N 88  
4FI C1  H1   sing N N 89  
4FI C11 C2   sing Y N 90  
4FI C4  C2   sing N N 91  
4FI C2  C3   doub Y N 92  
4FI C3  C26  sing Y N 93  
4FI C3  H3   sing N N 94  
4FI C5  C4   sing N N 95  
4FI C4  H4   sing N N 96  
4FI C4  H4A  sing N N 97  
4FI N7  C5   sing N N 98  
4FI C6  C5   sing N N 99  
4FI C5  H5   sing N N 100 
4FI O8  C6   doub N N 101 
4FI C6  O9   sing N N 102 
4FI C10 N7   sing N N 103 
4FI N7  HN7  sing N N 104 
4FI O9  HO9  sing N N 105 
4FI C13 C10  sing N N 106 
4FI C10 O12  doub N N 107 
4FI C11 H11  sing N N 108 
4FI C17 C13  doub Y N 109 
4FI N14 C13  sing Y N 110 
4FI N15 N14  sing Y N 111 
4FI N14 C24  sing N N 112 
4FI C16 N15  doub Y N 113 
4FI C18 C16  sing Y N 114 
4FI C16 C17  sing Y N 115 
4FI C17 H17  sing N N 116 
4FI C23 C18  doub Y N 117 
4FI C19 C18  sing Y N 118 
4FI C20 C19  doub Y N 119 
4FI C19 H19  sing N N 120 
4FI C21 C20  sing Y N 121 
4FI C20 H20  sing N N 122 
4FI C21 C22  doub Y N 123 
4FI C21 H21  sing N N 124 
4FI C22 C23  sing Y N 125 
4FI C22 H22  sing N N 126 
4FI C23 H23  sing N N 127 
4FI C24 H24  sing N N 128 
4FI C24 H24A sing N N 129 
4FI C24 H24B sing N N 130 
4FI C25 C30  sing Y N 131 
4FI C25 C26  doub Y N 132 
4FI C26 C27  sing Y N 133 
4FI C27 C28  doub Y N 134 
4FI C27 H27  sing N N 135 
4FI C29 C28  sing Y N 136 
4FI C28 H28  sing N N 137 
4FI C30 C29  doub Y N 138 
4FI C29 H29  sing N N 139 
4FI C30 H30  sing N N 140 
ALA N   CA   sing N N 141 
ALA N   H    sing N N 142 
ALA N   H2   sing N N 143 
ALA CA  C    sing N N 144 
ALA CA  CB   sing N N 145 
ALA CA  HA   sing N N 146 
ALA C   O    doub N N 147 
ALA C   OXT  sing N N 148 
ALA CB  HB1  sing N N 149 
ALA CB  HB2  sing N N 150 
ALA CB  HB3  sing N N 151 
ALA OXT HXT  sing N N 152 
ARG N   CA   sing N N 153 
ARG N   H    sing N N 154 
ARG N   H2   sing N N 155 
ARG CA  C    sing N N 156 
ARG CA  CB   sing N N 157 
ARG CA  HA   sing N N 158 
ARG C   O    doub N N 159 
ARG C   OXT  sing N N 160 
ARG CB  CG   sing N N 161 
ARG CB  HB2  sing N N 162 
ARG CB  HB3  sing N N 163 
ARG CG  CD   sing N N 164 
ARG CG  HG2  sing N N 165 
ARG CG  HG3  sing N N 166 
ARG CD  NE   sing N N 167 
ARG CD  HD2  sing N N 168 
ARG CD  HD3  sing N N 169 
ARG NE  CZ   sing N N 170 
ARG NE  HE   sing N N 171 
ARG CZ  NH1  sing N N 172 
ARG CZ  NH2  doub N N 173 
ARG NH1 HH11 sing N N 174 
ARG NH1 HH12 sing N N 175 
ARG NH2 HH21 sing N N 176 
ARG NH2 HH22 sing N N 177 
ARG OXT HXT  sing N N 178 
ASN N   CA   sing N N 179 
ASN N   H    sing N N 180 
ASN N   H2   sing N N 181 
ASN CA  C    sing N N 182 
ASN CA  CB   sing N N 183 
ASN CA  HA   sing N N 184 
ASN C   O    doub N N 185 
ASN C   OXT  sing N N 186 
ASN CB  CG   sing N N 187 
ASN CB  HB2  sing N N 188 
ASN CB  HB3  sing N N 189 
ASN CG  OD1  doub N N 190 
ASN CG  ND2  sing N N 191 
ASN ND2 HD21 sing N N 192 
ASN ND2 HD22 sing N N 193 
ASN OXT HXT  sing N N 194 
ASP N   CA   sing N N 195 
ASP N   H    sing N N 196 
ASP N   H2   sing N N 197 
ASP CA  C    sing N N 198 
ASP CA  CB   sing N N 199 
ASP CA  HA   sing N N 200 
ASP C   O    doub N N 201 
ASP C   OXT  sing N N 202 
ASP CB  CG   sing N N 203 
ASP CB  HB2  sing N N 204 
ASP CB  HB3  sing N N 205 
ASP CG  OD1  doub N N 206 
ASP CG  OD2  sing N N 207 
ASP OD2 HD2  sing N N 208 
ASP OXT HXT  sing N N 209 
CYS N   CA   sing N N 210 
CYS N   H    sing N N 211 
CYS N   H2   sing N N 212 
CYS CA  C    sing N N 213 
CYS CA  CB   sing N N 214 
CYS CA  HA   sing N N 215 
CYS C   O    doub N N 216 
CYS C   OXT  sing N N 217 
CYS CB  SG   sing N N 218 
CYS CB  HB2  sing N N 219 
CYS CB  HB3  sing N N 220 
CYS SG  HG   sing N N 221 
CYS OXT HXT  sing N N 222 
GLN N   CA   sing N N 223 
GLN N   H    sing N N 224 
GLN N   H2   sing N N 225 
GLN CA  C    sing N N 226 
GLN CA  CB   sing N N 227 
GLN CA  HA   sing N N 228 
GLN C   O    doub N N 229 
GLN C   OXT  sing N N 230 
GLN CB  CG   sing N N 231 
GLN CB  HB2  sing N N 232 
GLN CB  HB3  sing N N 233 
GLN CG  CD   sing N N 234 
GLN CG  HG2  sing N N 235 
GLN CG  HG3  sing N N 236 
GLN CD  OE1  doub N N 237 
GLN CD  NE2  sing N N 238 
GLN NE2 HE21 sing N N 239 
GLN NE2 HE22 sing N N 240 
GLN OXT HXT  sing N N 241 
GLU N   CA   sing N N 242 
GLU N   H    sing N N 243 
GLU N   H2   sing N N 244 
GLU CA  C    sing N N 245 
GLU CA  CB   sing N N 246 
GLU CA  HA   sing N N 247 
GLU C   O    doub N N 248 
GLU C   OXT  sing N N 249 
GLU CB  CG   sing N N 250 
GLU CB  HB2  sing N N 251 
GLU CB  HB3  sing N N 252 
GLU CG  CD   sing N N 253 
GLU CG  HG2  sing N N 254 
GLU CG  HG3  sing N N 255 
GLU CD  OE1  doub N N 256 
GLU CD  OE2  sing N N 257 
GLU OE2 HE2  sing N N 258 
GLU OXT HXT  sing N N 259 
GLY N   CA   sing N N 260 
GLY N   H    sing N N 261 
GLY N   H2   sing N N 262 
GLY CA  C    sing N N 263 
GLY CA  HA2  sing N N 264 
GLY CA  HA3  sing N N 265 
GLY C   O    doub N N 266 
GLY C   OXT  sing N N 267 
GLY OXT HXT  sing N N 268 
HIS N   CA   sing N N 269 
HIS N   H    sing N N 270 
HIS N   H2   sing N N 271 
HIS CA  C    sing N N 272 
HIS CA  CB   sing N N 273 
HIS CA  HA   sing N N 274 
HIS C   O    doub N N 275 
HIS C   OXT  sing N N 276 
HIS CB  CG   sing N N 277 
HIS CB  HB2  sing N N 278 
HIS CB  HB3  sing N N 279 
HIS CG  ND1  sing Y N 280 
HIS CG  CD2  doub Y N 281 
HIS ND1 CE1  doub Y N 282 
HIS ND1 HD1  sing N N 283 
HIS CD2 NE2  sing Y N 284 
HIS CD2 HD2  sing N N 285 
HIS CE1 NE2  sing Y N 286 
HIS CE1 HE1  sing N N 287 
HIS NE2 HE2  sing N N 288 
HIS OXT HXT  sing N N 289 
HOH O   H1   sing N N 290 
HOH O   H2   sing N N 291 
ILE N   CA   sing N N 292 
ILE N   H    sing N N 293 
ILE N   H2   sing N N 294 
ILE CA  C    sing N N 295 
ILE CA  CB   sing N N 296 
ILE CA  HA   sing N N 297 
ILE C   O    doub N N 298 
ILE C   OXT  sing N N 299 
ILE CB  CG1  sing N N 300 
ILE CB  CG2  sing N N 301 
ILE CB  HB   sing N N 302 
ILE CG1 CD1  sing N N 303 
ILE CG1 HG12 sing N N 304 
ILE CG1 HG13 sing N N 305 
ILE CG2 HG21 sing N N 306 
ILE CG2 HG22 sing N N 307 
ILE CG2 HG23 sing N N 308 
ILE CD1 HD11 sing N N 309 
ILE CD1 HD12 sing N N 310 
ILE CD1 HD13 sing N N 311 
ILE OXT HXT  sing N N 312 
LEU N   CA   sing N N 313 
LEU N   H    sing N N 314 
LEU N   H2   sing N N 315 
LEU CA  C    sing N N 316 
LEU CA  CB   sing N N 317 
LEU CA  HA   sing N N 318 
LEU C   O    doub N N 319 
LEU C   OXT  sing N N 320 
LEU CB  CG   sing N N 321 
LEU CB  HB2  sing N N 322 
LEU CB  HB3  sing N N 323 
LEU CG  CD1  sing N N 324 
LEU CG  CD2  sing N N 325 
LEU CG  HG   sing N N 326 
LEU CD1 HD11 sing N N 327 
LEU CD1 HD12 sing N N 328 
LEU CD1 HD13 sing N N 329 
LEU CD2 HD21 sing N N 330 
LEU CD2 HD22 sing N N 331 
LEU CD2 HD23 sing N N 332 
LEU OXT HXT  sing N N 333 
LYS N   CA   sing N N 334 
LYS N   H    sing N N 335 
LYS N   H2   sing N N 336 
LYS CA  C    sing N N 337 
LYS CA  CB   sing N N 338 
LYS CA  HA   sing N N 339 
LYS C   O    doub N N 340 
LYS C   OXT  sing N N 341 
LYS CB  CG   sing N N 342 
LYS CB  HB2  sing N N 343 
LYS CB  HB3  sing N N 344 
LYS CG  CD   sing N N 345 
LYS CG  HG2  sing N N 346 
LYS CG  HG3  sing N N 347 
LYS CD  CE   sing N N 348 
LYS CD  HD2  sing N N 349 
LYS CD  HD3  sing N N 350 
LYS CE  NZ   sing N N 351 
LYS CE  HE2  sing N N 352 
LYS CE  HE3  sing N N 353 
LYS NZ  HZ1  sing N N 354 
LYS NZ  HZ2  sing N N 355 
LYS NZ  HZ3  sing N N 356 
LYS OXT HXT  sing N N 357 
MET N   CA   sing N N 358 
MET N   H    sing N N 359 
MET N   H2   sing N N 360 
MET CA  C    sing N N 361 
MET CA  CB   sing N N 362 
MET CA  HA   sing N N 363 
MET C   O    doub N N 364 
MET C   OXT  sing N N 365 
MET CB  CG   sing N N 366 
MET CB  HB2  sing N N 367 
MET CB  HB3  sing N N 368 
MET CG  SD   sing N N 369 
MET CG  HG2  sing N N 370 
MET CG  HG3  sing N N 371 
MET SD  CE   sing N N 372 
MET CE  HE1  sing N N 373 
MET CE  HE2  sing N N 374 
MET CE  HE3  sing N N 375 
MET OXT HXT  sing N N 376 
PHE N   CA   sing N N 377 
PHE N   H    sing N N 378 
PHE N   H2   sing N N 379 
PHE CA  C    sing N N 380 
PHE CA  CB   sing N N 381 
PHE CA  HA   sing N N 382 
PHE C   O    doub N N 383 
PHE C   OXT  sing N N 384 
PHE CB  CG   sing N N 385 
PHE CB  HB2  sing N N 386 
PHE CB  HB3  sing N N 387 
PHE CG  CD1  doub Y N 388 
PHE CG  CD2  sing Y N 389 
PHE CD1 CE1  sing Y N 390 
PHE CD1 HD1  sing N N 391 
PHE CD2 CE2  doub Y N 392 
PHE CD2 HD2  sing N N 393 
PHE CE1 CZ   doub Y N 394 
PHE CE1 HE1  sing N N 395 
PHE CE2 CZ   sing Y N 396 
PHE CE2 HE2  sing N N 397 
PHE CZ  HZ   sing N N 398 
PHE OXT HXT  sing N N 399 
PRO N   CA   sing N N 400 
PRO N   CD   sing N N 401 
PRO N   H    sing N N 402 
PRO CA  C    sing N N 403 
PRO CA  CB   sing N N 404 
PRO CA  HA   sing N N 405 
PRO C   O    doub N N 406 
PRO C   OXT  sing N N 407 
PRO CB  CG   sing N N 408 
PRO CB  HB2  sing N N 409 
PRO CB  HB3  sing N N 410 
PRO CG  CD   sing N N 411 
PRO CG  HG2  sing N N 412 
PRO CG  HG3  sing N N 413 
PRO CD  HD2  sing N N 414 
PRO CD  HD3  sing N N 415 
PRO OXT HXT  sing N N 416 
SER N   CA   sing N N 417 
SER N   H    sing N N 418 
SER N   H2   sing N N 419 
SER CA  C    sing N N 420 
SER CA  CB   sing N N 421 
SER CA  HA   sing N N 422 
SER C   O    doub N N 423 
SER C   OXT  sing N N 424 
SER CB  OG   sing N N 425 
SER CB  HB2  sing N N 426 
SER CB  HB3  sing N N 427 
SER OG  HG   sing N N 428 
SER OXT HXT  sing N N 429 
THR N   CA   sing N N 430 
THR N   H    sing N N 431 
THR N   H2   sing N N 432 
THR CA  C    sing N N 433 
THR CA  CB   sing N N 434 
THR CA  HA   sing N N 435 
THR C   O    doub N N 436 
THR C   OXT  sing N N 437 
THR CB  OG1  sing N N 438 
THR CB  CG2  sing N N 439 
THR CB  HB   sing N N 440 
THR OG1 HG1  sing N N 441 
THR CG2 HG21 sing N N 442 
THR CG2 HG22 sing N N 443 
THR CG2 HG23 sing N N 444 
THR OXT HXT  sing N N 445 
TRP N   CA   sing N N 446 
TRP N   H    sing N N 447 
TRP N   H2   sing N N 448 
TRP CA  C    sing N N 449 
TRP CA  CB   sing N N 450 
TRP CA  HA   sing N N 451 
TRP C   O    doub N N 452 
TRP C   OXT  sing N N 453 
TRP CB  CG   sing N N 454 
TRP CB  HB2  sing N N 455 
TRP CB  HB3  sing N N 456 
TRP CG  CD1  doub Y N 457 
TRP CG  CD2  sing Y N 458 
TRP CD1 NE1  sing Y N 459 
TRP CD1 HD1  sing N N 460 
TRP CD2 CE2  doub Y N 461 
TRP CD2 CE3  sing Y N 462 
TRP NE1 CE2  sing Y N 463 
TRP NE1 HE1  sing N N 464 
TRP CE2 CZ2  sing Y N 465 
TRP CE3 CZ3  doub Y N 466 
TRP CE3 HE3  sing N N 467 
TRP CZ2 CH2  doub Y N 468 
TRP CZ2 HZ2  sing N N 469 
TRP CZ3 CH2  sing Y N 470 
TRP CZ3 HZ3  sing N N 471 
TRP CH2 HH2  sing N N 472 
TRP OXT HXT  sing N N 473 
TYR N   CA   sing N N 474 
TYR N   H    sing N N 475 
TYR N   H2   sing N N 476 
TYR CA  C    sing N N 477 
TYR CA  CB   sing N N 478 
TYR CA  HA   sing N N 479 
TYR C   O    doub N N 480 
TYR C   OXT  sing N N 481 
TYR CB  CG   sing N N 482 
TYR CB  HB2  sing N N 483 
TYR CB  HB3  sing N N 484 
TYR CG  CD1  doub Y N 485 
TYR CG  CD2  sing Y N 486 
TYR CD1 CE1  sing Y N 487 
TYR CD1 HD1  sing N N 488 
TYR CD2 CE2  doub Y N 489 
TYR CD2 HD2  sing N N 490 
TYR CE1 CZ   doub Y N 491 
TYR CE1 HE1  sing N N 492 
TYR CE2 CZ   sing Y N 493 
TYR CE2 HE2  sing N N 494 
TYR CZ  OH   sing N N 495 
TYR OH  HH   sing N N 496 
TYR OXT HXT  sing N N 497 
VAL N   CA   sing N N 498 
VAL N   H    sing N N 499 
VAL N   H2   sing N N 500 
VAL CA  C    sing N N 501 
VAL CA  CB   sing N N 502 
VAL CA  HA   sing N N 503 
VAL C   O    doub N N 504 
VAL C   OXT  sing N N 505 
VAL CB  CG1  sing N N 506 
VAL CB  CG2  sing N N 507 
VAL CB  HB   sing N N 508 
VAL CG1 HG11 sing N N 509 
VAL CG1 HG12 sing N N 510 
VAL CG1 HG13 sing N N 511 
VAL CG2 HG21 sing N N 512 
VAL CG2 HG22 sing N N 513 
VAL CG2 HG23 sing N N 514 
VAL OXT HXT  sing N N 515 
# 
loop_
_pdbx_entity_nonpoly.entity_id 
_pdbx_entity_nonpoly.name 
_pdbx_entity_nonpoly.comp_id 
2 'DODECAETHYLENE GLYCOL'                                                                   12P 
3 '(2R)-2-[(2-methyl-5-phenyl-pyrazol-3-yl)carbonylamino]-3-naphthalen-2-yl-propanoic acid' 4FI 
4 water                                                                                     HOH 
# 
_pdbx_initial_refinement_model.id               1 
_pdbx_initial_refinement_model.entity_id_list   ? 
_pdbx_initial_refinement_model.type             'experimental model' 
_pdbx_initial_refinement_model.source_name      PDB 
_pdbx_initial_refinement_model.accession_code   1PIN 
_pdbx_initial_refinement_model.details          'PDB ENTRY 1PIN' 
# 
